data_8S8B
#
_entry.id   8S8B
#
_cell.length_a   1.00
_cell.length_b   1.00
_cell.length_c   1.00
_cell.angle_alpha   90.00
_cell.angle_beta   90.00
_cell.angle_gamma   90.00
#
_symmetry.space_group_name_H-M   'P 1'
#
loop_
_entity.id
_entity.type
_entity.pdbx_description
1 polymer 'Phenylalanyl-tRNA Synthetase alpha subunit'
2 polymer 'Phenylalanyl-tRNA Synthetase beta subunit'
3 non-polymer 'MAGNESIUM ION'
#
loop_
_entity_poly.entity_id
_entity_poly.type
_entity_poly.pdbx_seq_one_letter_code
_entity_poly.pdbx_strand_id
1 'polypeptide(L)'
;MTAETAARTTDNLPQQVLDFLDNSNEFNTIQLAQEWNVDHQRLIGAIKSLLANEGVLATKDVTEKRLELTNEGVQFANEG
SPEFLVFQFVGADGAAQADIQKQPFGKIGMSKAMQFKWVSVDKGRVVRQTAEVVDSTRKQLESLRLGSDDVNENEKKELK
KRKLISEVNIKGLVVSKGSSFTTSLAKQEADLTPEMIASGSWKEKQFKKYNFESLGVVPSSGHLHPLMKVRSEFRQIFFS
MGFSEMATNRYVESSFWNFDALFQPQQHPARDAHDTFFVSDPAISVKFPEDYLERVKTVHSKGGYGSAGYNYDWKIEEAQ
KNVLRTHTTAVSARQLYQLAQEGFRPSKLFSIDRVFRNETLDATHLAEFHQVEGVIAEKNLSLAHLIGIFTEFFKKLGIT
DLRFKPTYNPYTEPSMEIFAYHKGLAKWVEIGNSGMFRPEMLLPMGLPADVNVAGYGLSLERPTMIKYGINNIRDLFGSK
IDLEVVYNNPICRLDK
;
A,B
2 'polypeptide(L)'
;MPTVGIKKVLLDKHFGRVYTEKEFDELCFEYGLELDEITSEKAAVEKERGEAAAGEDLNDQEVYKIDIPANRYDLLSVEG
LSRAIRIFKQEIESPEYRFSDTKTRQKIIVKRETAQVRPYVVGAVLRDVSFDSDSYASFIDLQDKLHQNICRKRTLVAIG
THDLDTIQGPFEYRAEAPNKIKFRPLNQTKEYTAEELMTLYSTDSHLKAYLPIIQNHPVYPVIYDKNGVVCSMPPIINGE
HSKITLKTKNVFIEATATDKQKAYVVLDTIVTLFSQYCQKPFHVEQVEVEYEETGEKELYPLLSYREMTVTTPEINTKIG
LSLKDEEMAILLNKMSLKAEVASKGVLKVVVPPTRHDILHACDIAEDVGVAYGYNNLVTKLPESNTVAVAFPINKLCDNL
RIEIAAAGWTEALNFALCSRDDISTKLRLPDALSKAVHIGNPKTLEFQVARTSLLPGLLKTLASNRDMPLPLKLFELQDV
ILKDEKMDVGARNERRLAAVYYNKAAGFEIIQGFLDRMMRMLNVNPTKDQKGYHIEADENPTFFPGRCARIIGPNGVFLG
RIGALHPEVITSFGLTLPCGAVEFNVEPFL
;
C,D
#
loop_
_chem_comp.id
_chem_comp.type
_chem_comp.name
_chem_comp.formula
MG non-polymer 'MAGNESIUM ION' 'Mg 2'
#
# COMPACT_ATOMS: atom_id res chain seq x y z
N LEU A 185 52.24 24.97 -18.71
CA LEU A 185 51.13 25.91 -18.70
C LEU A 185 51.22 26.88 -17.52
N ALA A 186 50.15 27.64 -17.32
CA ALA A 186 50.08 28.61 -16.24
C ALA A 186 49.61 27.93 -14.97
N LYS A 187 49.16 28.72 -14.00
CA LYS A 187 48.71 28.21 -12.70
C LYS A 187 47.36 27.51 -12.83
N GLN A 188 47.06 27.06 -14.05
CA GLN A 188 45.72 26.62 -14.44
C GLN A 188 45.34 25.33 -13.70
N GLU A 189 45.03 25.50 -12.42
CA GLU A 189 44.49 24.41 -11.64
C GLU A 189 43.05 24.15 -12.02
N ALA A 190 42.59 22.92 -11.76
CA ALA A 190 41.20 22.59 -12.07
C ALA A 190 40.22 23.33 -11.16
N ASP A 191 40.69 23.81 -10.02
CA ASP A 191 39.83 24.49 -9.06
C ASP A 191 40.49 25.76 -8.59
N LEU A 192 39.71 26.59 -7.91
CA LEU A 192 40.23 27.76 -7.21
C LEU A 192 40.57 27.38 -5.78
N THR A 193 41.75 27.76 -5.32
CA THR A 193 42.11 27.54 -3.94
C THR A 193 41.33 28.50 -3.03
N PRO A 194 41.12 28.13 -1.76
CA PRO A 194 40.45 29.06 -0.84
C PRO A 194 41.18 30.39 -0.70
N GLU A 195 42.51 30.38 -0.83
CA GLU A 195 43.26 31.62 -0.81
C GLU A 195 42.83 32.54 -1.96
N MET A 196 42.62 31.97 -3.15
CA MET A 196 42.19 32.79 -4.28
C MET A 196 40.80 33.37 -4.04
N ILE A 197 39.89 32.59 -3.45
CA ILE A 197 38.56 33.10 -3.15
C ILE A 197 38.65 34.24 -2.14
N ALA A 198 39.48 34.08 -1.10
CA ALA A 198 39.57 35.09 -0.06
C ALA A 198 40.22 36.36 -0.58
N SER A 199 41.34 36.24 -1.29
CA SER A 199 42.10 37.40 -1.74
C SER A 199 41.60 37.97 -3.06
N GLY A 200 40.71 37.27 -3.76
CA GLY A 200 40.24 37.75 -5.05
C GLY A 200 41.31 37.79 -6.11
N SER A 201 42.16 36.76 -6.17
CA SER A 201 43.22 36.68 -7.16
C SER A 201 42.84 35.80 -8.35
N TRP A 202 41.57 35.45 -8.48
CA TRP A 202 41.12 34.55 -9.53
C TRP A 202 40.98 35.24 -10.89
N LYS A 203 41.12 36.57 -10.95
CA LYS A 203 40.94 37.31 -12.19
C LYS A 203 42.25 37.76 -12.82
N GLU A 204 43.37 37.13 -12.43
CA GLU A 204 44.67 37.51 -12.98
C GLU A 204 45.41 36.32 -13.58
N LYS A 205 44.87 35.12 -13.44
CA LYS A 205 45.54 33.90 -13.90
C LYS A 205 44.59 33.04 -14.71
N GLN A 206 45.14 32.32 -15.68
CA GLN A 206 44.34 31.50 -16.57
C GLN A 206 43.99 30.16 -15.91
N PHE A 207 43.05 29.45 -16.51
CA PHE A 207 42.62 28.15 -16.02
C PHE A 207 42.64 27.14 -17.15
N LYS A 208 42.73 25.87 -16.77
CA LYS A 208 42.94 24.79 -17.73
C LYS A 208 41.64 24.38 -18.38
N LYS A 209 41.68 24.17 -19.70
CA LYS A 209 40.51 23.70 -20.41
C LYS A 209 40.13 22.31 -19.95
N TYR A 210 38.83 22.08 -19.79
CA TYR A 210 38.31 20.83 -19.28
C TYR A 210 37.67 20.03 -20.40
N ASN A 211 38.00 18.75 -20.50
CA ASN A 211 37.47 17.87 -21.53
C ASN A 211 36.05 17.45 -21.12
N PHE A 212 35.06 17.94 -21.84
CA PHE A 212 33.67 17.64 -21.53
C PHE A 212 33.18 16.34 -22.16
N GLU A 213 34.03 15.64 -22.89
CA GLU A 213 33.68 14.35 -23.48
C GLU A 213 34.01 13.17 -22.57
N SER A 214 34.67 13.41 -21.44
CA SER A 214 35.08 12.34 -20.54
C SER A 214 34.00 12.08 -19.51
N LEU A 215 34.33 11.29 -18.48
CA LEU A 215 33.41 10.98 -17.40
C LEU A 215 34.09 11.25 -16.06
N GLY A 216 33.26 11.48 -15.04
CA GLY A 216 33.73 11.84 -13.73
C GLY A 216 34.07 10.65 -12.85
N VAL A 217 34.35 10.94 -11.60
CA VAL A 217 34.72 9.92 -10.62
C VAL A 217 33.46 9.21 -10.14
N VAL A 218 33.46 7.89 -10.20
CA VAL A 218 32.31 7.09 -9.78
C VAL A 218 32.24 7.08 -8.25
N PRO A 219 31.13 7.50 -7.65
CA PRO A 219 31.03 7.48 -6.19
C PRO A 219 30.97 6.05 -5.66
N SER A 220 31.47 5.88 -4.44
CA SER A 220 31.41 4.58 -3.76
C SER A 220 30.06 4.47 -3.06
N SER A 221 29.21 3.57 -3.56
CA SER A 221 27.83 3.48 -3.12
C SER A 221 27.52 2.08 -2.63
N GLY A 222 26.42 1.95 -1.90
CA GLY A 222 25.88 0.66 -1.51
C GLY A 222 24.76 0.28 -2.44
N HIS A 223 24.60 -1.03 -2.66
CA HIS A 223 23.70 -1.54 -3.67
C HIS A 223 22.73 -2.55 -3.07
N LEU A 224 21.58 -2.69 -3.72
CA LEU A 224 20.60 -3.70 -3.36
C LEU A 224 20.64 -4.83 -4.38
N HIS A 225 19.77 -5.82 -4.18
CA HIS A 225 19.72 -6.94 -5.11
C HIS A 225 18.50 -6.83 -6.01
N PRO A 226 18.66 -7.05 -7.31
CA PRO A 226 17.52 -6.89 -8.23
C PRO A 226 16.31 -7.72 -7.86
N LEU A 227 16.53 -8.97 -7.43
CA LEU A 227 15.40 -9.79 -6.99
C LEU A 227 14.71 -9.19 -5.78
N MET A 228 15.47 -8.63 -4.84
CA MET A 228 14.88 -7.99 -3.68
C MET A 228 14.09 -6.74 -4.07
N LYS A 229 14.59 -5.96 -5.03
CA LYS A 229 13.84 -4.80 -5.51
C LYS A 229 12.52 -5.22 -6.14
N VAL A 230 12.55 -6.27 -6.97
CA VAL A 230 11.31 -6.76 -7.58
C VAL A 230 10.36 -7.26 -6.50
N ARG A 231 10.89 -7.93 -5.47
CA ARG A 231 10.04 -8.41 -4.39
C ARG A 231 9.38 -7.25 -3.65
N SER A 232 10.14 -6.18 -3.40
CA SER A 232 9.58 -5.00 -2.74
C SER A 232 8.48 -4.37 -3.59
N GLU A 233 8.70 -4.29 -4.91
CA GLU A 233 7.67 -3.75 -5.79
C GLU A 233 6.41 -4.60 -5.76
N PHE A 234 6.56 -5.92 -5.79
CA PHE A 234 5.40 -6.81 -5.72
C PHE A 234 4.67 -6.64 -4.39
N ARG A 235 5.41 -6.52 -3.29
CA ARG A 235 4.78 -6.30 -1.99
C ARG A 235 3.99 -5.01 -1.97
N GLN A 236 4.55 -3.93 -2.54
CA GLN A 236 3.83 -2.67 -2.59
C GLN A 236 2.57 -2.78 -3.43
N ILE A 237 2.63 -3.49 -4.55
CA ILE A 237 1.45 -3.68 -5.38
C ILE A 237 0.37 -4.44 -4.61
N PHE A 238 0.76 -5.52 -3.93
CA PHE A 238 -0.21 -6.30 -3.18
C PHE A 238 -0.82 -5.48 -2.05
N PHE A 239 -0.02 -4.67 -1.36
CA PHE A 239 -0.56 -3.81 -0.32
C PHE A 239 -1.54 -2.80 -0.90
N SER A 240 -1.21 -2.20 -2.04
CA SER A 240 -2.09 -1.24 -2.66
C SER A 240 -3.39 -1.87 -3.14
N MET A 241 -3.40 -3.15 -3.45
CA MET A 241 -4.64 -3.84 -3.82
C MET A 241 -5.41 -4.38 -2.64
N GLY A 242 -4.83 -4.36 -1.44
CA GLY A 242 -5.55 -4.76 -0.24
C GLY A 242 -5.29 -6.17 0.26
N PHE A 243 -4.08 -6.69 0.10
CA PHE A 243 -3.73 -8.05 0.50
C PHE A 243 -2.89 -8.02 1.76
N SER A 244 -3.15 -8.94 2.68
CA SER A 244 -2.42 -9.05 3.93
C SER A 244 -1.36 -10.13 3.82
N GLU A 245 -0.16 -9.84 4.31
CA GLU A 245 0.95 -10.77 4.20
C GLU A 245 0.80 -11.93 5.19
N MET A 246 1.31 -13.09 4.80
CA MET A 246 1.28 -14.29 5.61
C MET A 246 2.67 -14.64 6.10
N ALA A 247 2.72 -15.56 7.07
CA ALA A 247 3.98 -16.00 7.66
C ALA A 247 4.47 -17.24 6.91
N THR A 248 5.64 -17.13 6.29
CA THR A 248 6.17 -18.19 5.44
C THR A 248 7.57 -18.61 5.85
N ASN A 249 7.91 -18.50 7.14
CA ASN A 249 9.21 -18.97 7.64
C ASN A 249 9.09 -20.38 8.19
N ARG A 250 8.61 -21.29 7.33
CA ARG A 250 8.29 -22.66 7.67
C ARG A 250 8.81 -23.63 6.62
N TYR A 251 10.11 -23.52 6.28
CA TYR A 251 10.68 -24.32 5.21
C TYR A 251 10.40 -25.81 5.38
N VAL A 252 10.68 -26.34 6.57
CA VAL A 252 10.42 -27.76 6.85
C VAL A 252 8.95 -27.93 7.19
N GLU A 253 8.29 -28.88 6.52
CA GLU A 253 6.86 -29.07 6.69
C GLU A 253 6.54 -30.55 6.67
N SER A 254 5.54 -30.95 7.44
CA SER A 254 5.10 -32.34 7.42
C SER A 254 4.37 -32.64 6.12
N SER A 255 4.37 -33.92 5.74
CA SER A 255 3.70 -34.33 4.52
C SER A 255 2.18 -34.21 4.62
N PHE A 256 1.63 -34.07 5.82
CA PHE A 256 0.19 -33.91 5.96
C PHE A 256 -0.28 -32.59 5.36
N TRP A 257 0.36 -31.49 5.75
CA TRP A 257 -0.06 -30.18 5.24
C TRP A 257 0.39 -29.97 3.80
N ASN A 258 1.56 -30.51 3.43
CA ASN A 258 2.09 -30.25 2.09
C ASN A 258 1.32 -31.01 1.02
N PHE A 259 0.94 -32.26 1.29
CA PHE A 259 0.27 -33.08 0.29
C PHE A 259 -1.13 -33.50 0.70
N ASP A 260 -1.28 -34.13 1.87
CA ASP A 260 -2.56 -34.75 2.22
C ASP A 260 -3.66 -33.72 2.41
N ALA A 261 -3.33 -32.57 3.00
CA ALA A 261 -4.33 -31.54 3.21
C ALA A 261 -4.82 -30.93 1.91
N LEU A 262 -4.04 -31.04 0.84
CA LEU A 262 -4.40 -30.48 -0.46
C LEU A 262 -5.09 -31.49 -1.37
N PHE A 263 -5.44 -32.66 -0.84
CA PHE A 263 -6.15 -33.70 -1.59
C PHE A 263 -5.31 -34.24 -2.75
N GLN A 264 -4.06 -34.59 -2.43
CA GLN A 264 -3.22 -35.31 -3.37
C GLN A 264 -3.04 -36.75 -2.88
N PRO A 265 -3.55 -37.75 -3.58
CA PRO A 265 -3.48 -39.12 -3.08
C PRO A 265 -2.05 -39.61 -2.95
N GLN A 266 -1.84 -40.52 -2.00
CA GLN A 266 -0.50 -40.96 -1.65
C GLN A 266 0.14 -41.83 -2.73
N GLN A 267 -0.65 -42.38 -3.65
CA GLN A 267 -0.12 -43.29 -4.66
C GLN A 267 -0.25 -42.71 -6.07
N HIS A 268 0.09 -41.45 -6.24
CA HIS A 268 0.02 -40.78 -7.52
C HIS A 268 1.34 -40.13 -7.87
N PRO A 269 1.60 -39.87 -9.15
CA PRO A 269 2.89 -39.27 -9.54
C PRO A 269 3.14 -37.90 -8.92
N ALA A 270 2.12 -37.22 -8.43
CA ALA A 270 2.33 -35.91 -7.82
C ALA A 270 3.24 -36.00 -6.60
N ARG A 271 3.04 -37.02 -5.76
CA ARG A 271 3.78 -37.17 -4.51
C ARG A 271 5.03 -38.03 -4.68
N ASP A 272 5.60 -38.08 -5.88
CA ASP A 272 6.77 -38.92 -6.11
C ASP A 272 7.97 -38.44 -5.30
N ALA A 273 8.84 -39.39 -4.94
CA ALA A 273 10.09 -39.07 -4.27
C ALA A 273 11.19 -38.67 -5.24
N HIS A 274 10.91 -38.69 -6.53
CA HIS A 274 11.92 -38.32 -7.53
C HIS A 274 12.15 -36.82 -7.60
N ASP A 275 11.13 -36.01 -7.27
CA ASP A 275 11.24 -34.55 -7.35
C ASP A 275 10.98 -33.85 -6.03
N THR A 276 10.97 -34.58 -4.91
CA THR A 276 10.71 -34.01 -3.61
C THR A 276 11.83 -34.37 -2.65
N PHE A 277 12.37 -33.36 -1.96
CA PHE A 277 13.34 -33.62 -0.91
C PHE A 277 12.66 -34.25 0.30
N PHE A 278 13.33 -35.21 0.92
CA PHE A 278 12.84 -35.87 2.11
C PHE A 278 13.83 -35.68 3.26
N VAL A 279 13.30 -35.43 4.44
CA VAL A 279 14.11 -35.14 5.63
C VAL A 279 14.29 -36.43 6.42
N SER A 280 15.53 -36.74 6.76
CA SER A 280 15.84 -37.94 7.53
C SER A 280 16.01 -37.68 9.02
N ASP A 281 16.47 -36.49 9.39
CA ASP A 281 16.68 -36.16 10.80
C ASP A 281 16.36 -34.69 11.05
N PRO A 282 15.22 -34.37 11.70
CA PRO A 282 14.20 -35.28 12.24
C PRO A 282 13.35 -35.90 11.15
N ALA A 283 12.77 -37.08 11.37
CA ALA A 283 12.08 -37.80 10.33
C ALA A 283 10.56 -37.68 10.39
N ILE A 284 9.98 -37.65 11.59
CA ILE A 284 8.54 -37.68 11.73
C ILE A 284 8.07 -36.55 12.64
N SER A 285 6.80 -36.18 12.47
CA SER A 285 6.11 -35.25 13.35
C SER A 285 4.86 -35.95 13.87
N VAL A 286 4.59 -35.79 15.16
CA VAL A 286 3.60 -36.61 15.85
C VAL A 286 2.31 -35.86 16.18
N LYS A 287 2.39 -34.55 16.38
CA LYS A 287 1.26 -33.80 16.88
C LYS A 287 0.50 -33.17 15.72
N PHE A 288 -0.75 -33.59 15.55
CA PHE A 288 -1.68 -33.06 14.55
C PHE A 288 -3.04 -32.87 15.20
N PRO A 289 -3.86 -31.96 14.67
CA PRO A 289 -5.25 -31.89 15.12
C PRO A 289 -6.01 -33.16 14.75
N GLU A 290 -6.43 -33.92 15.76
CA GLU A 290 -6.93 -35.27 15.53
C GLU A 290 -8.20 -35.29 14.68
N ASP A 291 -9.15 -34.40 14.98
CA ASP A 291 -10.42 -34.42 14.27
C ASP A 291 -10.24 -34.09 12.80
N TYR A 292 -9.45 -33.06 12.50
CA TYR A 292 -9.21 -32.68 11.11
C TYR A 292 -8.49 -33.79 10.35
N LEU A 293 -7.49 -34.41 10.98
CA LEU A 293 -6.79 -35.52 10.35
C LEU A 293 -7.71 -36.69 10.09
N GLU A 294 -8.63 -36.98 11.01
CA GLU A 294 -9.59 -38.05 10.79
C GLU A 294 -10.49 -37.75 9.60
N ARG A 295 -10.97 -36.50 9.49
CA ARG A 295 -11.81 -36.15 8.35
C ARG A 295 -11.04 -36.25 7.04
N VAL A 296 -9.78 -35.82 7.04
CA VAL A 296 -8.95 -35.93 5.83
C VAL A 296 -8.77 -37.39 5.44
N LYS A 297 -8.50 -38.25 6.42
CA LYS A 297 -8.36 -39.67 6.15
C LYS A 297 -9.65 -40.25 5.57
N THR A 298 -10.79 -39.86 6.14
CA THR A 298 -12.07 -40.37 5.64
C THR A 298 -12.31 -39.93 4.21
N VAL A 299 -12.02 -38.68 3.87
CA VAL A 299 -12.28 -38.21 2.51
C VAL A 299 -11.30 -38.85 1.53
N HIS A 300 -10.08 -39.15 1.97
CA HIS A 300 -9.11 -39.78 1.08
C HIS A 300 -9.46 -41.24 0.83
N SER A 301 -9.88 -41.97 1.86
CA SER A 301 -10.03 -43.42 1.75
C SER A 301 -11.43 -43.85 1.34
N LYS A 302 -12.46 -43.07 1.63
CA LYS A 302 -13.82 -43.45 1.29
C LYS A 302 -14.57 -42.40 0.49
N GLY A 303 -14.21 -41.13 0.61
CA GLY A 303 -14.93 -40.09 -0.09
C GLY A 303 -16.03 -39.47 0.75
N GLY A 304 -16.76 -38.52 0.17
CA GLY A 304 -17.79 -37.81 0.91
C GLY A 304 -17.86 -36.37 0.45
N TYR A 305 -18.82 -35.66 1.02
CA TYR A 305 -19.11 -34.27 0.63
C TYR A 305 -19.41 -34.18 -0.86
N GLY A 306 -20.15 -35.16 -1.37
CA GLY A 306 -20.48 -35.20 -2.78
C GLY A 306 -19.34 -35.60 -3.69
N SER A 307 -18.32 -36.27 -3.16
CA SER A 307 -17.17 -36.70 -3.93
C SER A 307 -17.11 -38.23 -3.95
N ALA A 308 -16.14 -38.75 -4.70
CA ALA A 308 -15.97 -40.19 -4.84
C ALA A 308 -14.69 -40.72 -4.22
N GLY A 309 -13.67 -39.88 -4.04
CA GLY A 309 -12.44 -40.34 -3.43
C GLY A 309 -11.68 -41.28 -4.34
N TYR A 310 -10.72 -41.98 -3.74
CA TYR A 310 -9.90 -42.94 -4.45
C TYR A 310 -10.00 -44.35 -3.92
N ASN A 311 -10.80 -44.58 -2.87
CA ASN A 311 -10.99 -45.88 -2.23
C ASN A 311 -9.69 -46.68 -2.16
N TYR A 312 -8.66 -46.05 -1.59
CA TYR A 312 -7.42 -46.73 -1.24
C TYR A 312 -7.17 -46.55 0.25
N ASP A 313 -6.29 -47.39 0.79
CA ASP A 313 -6.07 -47.44 2.23
C ASP A 313 -5.10 -46.34 2.64
N TRP A 314 -5.62 -45.30 3.29
CA TRP A 314 -4.81 -44.18 3.72
C TRP A 314 -3.98 -44.59 4.94
N LYS A 315 -2.69 -44.25 4.91
CA LYS A 315 -1.76 -44.65 5.95
C LYS A 315 -1.21 -43.43 6.66
N ILE A 316 -1.28 -43.43 8.00
CA ILE A 316 -0.78 -42.31 8.78
C ILE A 316 0.74 -42.22 8.71
N GLU A 317 1.42 -43.37 8.68
CA GLU A 317 2.88 -43.39 8.63
C GLU A 317 3.42 -42.67 7.41
N GLU A 318 2.64 -42.61 6.32
CA GLU A 318 3.08 -41.85 5.16
C GLU A 318 3.02 -40.35 5.42
N ALA A 319 1.98 -39.90 6.12
CA ALA A 319 1.84 -38.48 6.43
C ALA A 319 2.77 -38.02 7.54
N GLN A 320 3.35 -38.95 8.31
CA GLN A 320 4.24 -38.55 9.39
C GLN A 320 5.52 -37.90 8.88
N LYS A 321 5.96 -38.24 7.67
CA LYS A 321 7.28 -37.84 7.21
C LYS A 321 7.39 -36.34 6.98
N ASN A 322 8.59 -35.80 7.20
CA ASN A 322 8.88 -34.39 7.01
C ASN A 322 9.61 -34.18 5.69
N VAL A 323 9.21 -33.13 4.95
CA VAL A 323 9.81 -32.78 3.68
C VAL A 323 10.07 -31.29 3.65
N LEU A 324 10.96 -30.88 2.75
CA LEU A 324 11.08 -29.47 2.40
C LEU A 324 9.94 -29.11 1.46
N ARG A 325 9.25 -28.02 1.76
CA ARG A 325 8.04 -27.67 1.01
C ARG A 325 8.35 -27.44 -0.46
N THR A 326 7.49 -27.97 -1.33
CA THR A 326 7.61 -27.78 -2.76
C THR A 326 6.80 -26.62 -3.28
N HIS A 327 5.91 -26.06 -2.47
CA HIS A 327 5.11 -24.91 -2.86
C HIS A 327 4.60 -24.22 -1.60
N THR A 328 4.11 -23.00 -1.77
CA THR A 328 3.63 -22.21 -0.65
C THR A 328 2.17 -22.47 -0.32
N THR A 329 1.52 -23.41 -1.01
CA THR A 329 0.10 -23.67 -0.76
C THR A 329 -0.12 -24.29 0.63
N ALA A 330 0.91 -24.88 1.22
CA ALA A 330 0.78 -25.43 2.58
C ALA A 330 0.48 -24.33 3.58
N VAL A 331 1.18 -23.20 3.49
CA VAL A 331 0.91 -22.07 4.37
C VAL A 331 -0.50 -21.55 4.16
N SER A 332 -0.95 -21.51 2.91
CA SER A 332 -2.31 -21.10 2.62
C SER A 332 -3.33 -22.04 3.25
N ALA A 333 -3.06 -23.35 3.21
CA ALA A 333 -3.96 -24.31 3.85
C ALA A 333 -4.00 -24.11 5.35
N ARG A 334 -2.85 -23.87 5.97
CA ARG A 334 -2.82 -23.59 7.40
C ARG A 334 -3.64 -22.35 7.74
N GLN A 335 -3.45 -21.28 6.97
CA GLN A 335 -4.18 -20.04 7.23
C GLN A 335 -5.68 -20.23 7.03
N LEU A 336 -6.08 -20.98 6.00
CA LEU A 336 -7.50 -21.22 5.77
C LEU A 336 -8.11 -22.05 6.90
N TYR A 337 -7.40 -23.06 7.38
CA TYR A 337 -7.91 -23.84 8.50
C TYR A 337 -8.05 -22.97 9.75
N GLN A 338 -7.05 -22.14 10.02
CA GLN A 338 -7.12 -21.25 11.19
C GLN A 338 -8.28 -20.28 11.07
N LEU A 339 -8.48 -19.72 9.88
CA LEU A 339 -9.61 -18.81 9.67
C LEU A 339 -10.93 -19.52 9.86
N ALA A 340 -11.05 -20.75 9.35
CA ALA A 340 -12.30 -21.49 9.48
C ALA A 340 -12.60 -21.82 10.93
N GLN A 341 -11.56 -22.11 11.73
CA GLN A 341 -11.78 -22.48 13.12
C GLN A 341 -12.36 -21.33 13.93
N GLU A 342 -11.87 -20.10 13.72
CA GLU A 342 -12.23 -18.96 14.53
C GLU A 342 -13.30 -18.08 13.88
N GLY A 343 -14.12 -18.64 13.01
CA GLY A 343 -15.16 -17.86 12.35
C GLY A 343 -14.69 -17.25 11.05
N PHE A 344 -15.56 -17.26 10.03
CA PHE A 344 -15.17 -16.84 8.70
C PHE A 344 -15.41 -15.35 8.48
N ARG A 345 -14.55 -14.74 7.68
CA ARG A 345 -14.68 -13.37 7.21
C ARG A 345 -13.90 -13.25 5.90
N PRO A 346 -14.37 -12.44 4.95
CA PRO A 346 -13.67 -12.33 3.66
C PRO A 346 -12.22 -11.91 3.84
N SER A 347 -11.32 -12.50 3.04
CA SER A 347 -9.90 -12.29 3.26
C SER A 347 -9.16 -12.25 1.92
N LYS A 348 -8.04 -11.53 1.93
CA LYS A 348 -7.12 -11.46 0.80
C LYS A 348 -5.71 -11.61 1.35
N LEU A 349 -4.98 -12.62 0.89
CA LEU A 349 -3.67 -12.94 1.42
C LEU A 349 -2.67 -13.11 0.28
N PHE A 350 -1.39 -12.96 0.58
CA PHE A 350 -0.36 -13.18 -0.43
C PHE A 350 0.91 -13.67 0.24
N SER A 351 1.79 -14.26 -0.56
CA SER A 351 3.04 -14.78 -0.04
C SER A 351 4.09 -14.81 -1.15
N ILE A 352 5.32 -14.45 -0.79
CA ILE A 352 6.46 -14.46 -1.70
C ILE A 352 7.62 -15.06 -0.93
N ASP A 353 7.99 -16.31 -1.24
CA ASP A 353 9.08 -16.96 -0.52
C ASP A 353 9.64 -18.09 -1.36
N ARG A 354 10.72 -18.70 -0.85
CA ARG A 354 11.40 -19.78 -1.55
C ARG A 354 10.61 -21.08 -1.48
N VAL A 355 10.72 -21.86 -2.55
CA VAL A 355 10.24 -23.24 -2.57
C VAL A 355 11.34 -24.10 -3.18
N PHE A 356 11.33 -25.38 -2.81
CA PHE A 356 12.40 -26.32 -3.13
C PHE A 356 11.85 -27.46 -3.99
N ARG A 357 12.59 -27.82 -5.04
CA ARG A 357 12.26 -28.97 -5.86
C ARG A 357 13.54 -29.73 -6.18
N ASN A 358 13.45 -31.05 -6.21
CA ASN A 358 14.62 -31.91 -6.38
C ASN A 358 14.95 -32.01 -7.87
N GLU A 359 16.06 -31.42 -8.27
CA GLU A 359 16.48 -31.42 -9.67
C GLU A 359 17.96 -31.74 -9.77
N THR A 360 18.34 -32.34 -10.90
CA THR A 360 19.74 -32.64 -11.16
C THR A 360 20.46 -31.38 -11.66
N LEU A 361 21.79 -31.45 -11.68
CA LEU A 361 22.60 -30.32 -12.12
C LEU A 361 22.38 -30.08 -13.60
N ASP A 362 21.71 -28.97 -13.94
CA ASP A 362 21.50 -28.57 -15.32
C ASP A 362 21.46 -27.05 -15.36
N ALA A 363 20.98 -26.51 -16.50
CA ALA A 363 20.86 -25.08 -16.67
C ALA A 363 19.42 -24.60 -16.82
N THR A 364 18.48 -25.51 -17.10
CA THR A 364 17.10 -25.09 -17.30
C THR A 364 16.49 -24.55 -16.02
N HIS A 365 16.71 -25.22 -14.89
CA HIS A 365 16.06 -24.84 -13.64
C HIS A 365 17.01 -25.11 -12.47
N LEU A 366 16.74 -24.45 -11.37
CA LEU A 366 17.47 -24.63 -10.13
C LEU A 366 16.61 -25.35 -9.10
N ALA A 367 17.24 -25.78 -8.01
CA ALA A 367 16.53 -26.54 -6.99
C ALA A 367 15.62 -25.66 -6.13
N GLU A 368 15.89 -24.35 -6.08
CA GLU A 368 15.11 -23.43 -5.27
C GLU A 368 14.68 -22.25 -6.13
N PHE A 369 13.46 -21.76 -5.89
CA PHE A 369 13.04 -20.55 -6.58
C PHE A 369 11.94 -19.86 -5.80
N HIS A 370 11.84 -18.55 -5.96
CA HIS A 370 10.85 -17.74 -5.25
C HIS A 370 9.52 -17.79 -5.99
N GLN A 371 8.45 -18.09 -5.27
CA GLN A 371 7.12 -18.23 -5.86
C GLN A 371 6.20 -17.16 -5.27
N VAL A 372 5.54 -16.39 -6.14
CA VAL A 372 4.60 -15.38 -5.74
C VAL A 372 3.19 -15.93 -5.88
N GLU A 373 2.40 -15.84 -4.81
CA GLU A 373 1.05 -16.37 -4.83
C GLU A 373 0.10 -15.42 -4.11
N GLY A 374 -1.10 -15.31 -4.63
CA GLY A 374 -2.15 -14.54 -3.99
C GLY A 374 -3.44 -15.33 -3.91
N VAL A 375 -4.12 -15.24 -2.77
CA VAL A 375 -5.31 -16.02 -2.46
C VAL A 375 -6.42 -15.05 -2.06
N ILE A 376 -7.62 -15.28 -2.60
CA ILE A 376 -8.80 -14.48 -2.30
C ILE A 376 -9.90 -15.44 -1.84
N ALA A 377 -10.45 -15.19 -0.65
CA ALA A 377 -11.51 -16.02 -0.10
C ALA A 377 -12.70 -15.15 0.25
N GLU A 378 -13.86 -15.48 -0.33
CA GLU A 378 -15.09 -14.77 -0.01
C GLU A 378 -16.28 -15.55 -0.55
N LYS A 379 -17.47 -15.04 -0.25
CA LYS A 379 -18.71 -15.73 -0.58
C LYS A 379 -19.09 -15.49 -2.04
N ASN A 380 -19.51 -16.56 -2.70
CA ASN A 380 -20.01 -16.51 -4.08
C ASN A 380 -18.99 -15.91 -5.04
N LEU A 381 -17.72 -16.21 -4.81
CA LEU A 381 -16.68 -15.78 -5.73
C LEU A 381 -16.79 -16.53 -7.04
N SER A 382 -16.51 -15.84 -8.14
CA SER A 382 -16.60 -16.42 -9.48
C SER A 382 -15.26 -16.30 -10.19
N LEU A 383 -15.15 -17.02 -11.31
CA LEU A 383 -13.92 -16.98 -12.08
C LEU A 383 -13.71 -15.63 -12.75
N ALA A 384 -14.79 -14.94 -13.10
CA ALA A 384 -14.66 -13.61 -13.71
C ALA A 384 -14.03 -12.61 -12.74
N HIS A 385 -14.39 -12.70 -11.46
CA HIS A 385 -13.76 -11.84 -10.46
C HIS A 385 -12.27 -12.08 -10.40
N LEU A 386 -11.85 -13.34 -10.41
CA LEU A 386 -10.43 -13.66 -10.40
C LEU A 386 -9.75 -13.12 -11.66
N ILE A 387 -10.41 -13.25 -12.81
CA ILE A 387 -9.83 -12.74 -14.05
C ILE A 387 -9.61 -11.24 -13.95
N GLY A 388 -10.60 -10.51 -13.44
CA GLY A 388 -10.42 -9.08 -13.26
C GLY A 388 -9.32 -8.73 -12.27
N ILE A 389 -9.21 -9.49 -11.18
CA ILE A 389 -8.20 -9.20 -10.18
C ILE A 389 -6.80 -9.31 -10.77
N PHE A 390 -6.51 -10.44 -11.42
CA PHE A 390 -5.15 -10.55 -11.95
C PHE A 390 -4.96 -9.73 -13.22
N THR A 391 -6.04 -9.36 -13.92
CA THR A 391 -5.90 -8.41 -15.01
C THR A 391 -5.43 -7.06 -14.50
N GLU A 392 -6.02 -6.59 -13.40
CA GLU A 392 -5.54 -5.35 -12.78
C GLU A 392 -4.11 -5.51 -12.29
N PHE A 393 -3.80 -6.65 -11.67
CA PHE A 393 -2.45 -6.86 -11.15
C PHE A 393 -1.41 -6.81 -12.27
N PHE A 394 -1.70 -7.44 -13.41
CA PHE A 394 -0.76 -7.41 -14.52
C PHE A 394 -0.76 -6.08 -15.26
N LYS A 395 -1.88 -5.34 -15.24
CA LYS A 395 -1.87 -4.01 -15.81
C LYS A 395 -0.93 -3.08 -15.06
N LYS A 396 -0.80 -3.27 -13.75
CA LYS A 396 0.21 -2.53 -13.02
C LYS A 396 1.64 -2.97 -13.34
N LEU A 397 1.80 -4.11 -14.04
CA LEU A 397 3.12 -4.58 -14.45
C LEU A 397 3.49 -4.16 -15.86
N GLY A 398 2.61 -3.46 -16.56
CA GLY A 398 2.88 -3.07 -17.94
C GLY A 398 2.44 -4.05 -18.99
N ILE A 399 1.54 -4.97 -18.65
CA ILE A 399 1.04 -5.97 -19.59
C ILE A 399 -0.47 -5.75 -19.74
N THR A 400 -0.93 -5.67 -20.99
CA THR A 400 -2.28 -5.24 -21.27
C THR A 400 -3.18 -6.35 -21.82
N ASP A 401 -2.77 -7.01 -22.90
CA ASP A 401 -3.61 -8.01 -23.55
C ASP A 401 -3.19 -9.41 -23.12
N LEU A 402 -4.18 -10.24 -22.78
CA LEU A 402 -3.93 -11.56 -22.23
C LEU A 402 -4.81 -12.60 -22.92
N ARG A 403 -4.33 -13.84 -22.92
CA ARG A 403 -5.08 -14.98 -23.43
C ARG A 403 -4.98 -16.13 -22.45
N PHE A 404 -5.95 -17.05 -22.52
CA PHE A 404 -6.08 -18.11 -21.53
C PHE A 404 -6.10 -19.47 -22.21
N LYS A 405 -5.44 -20.45 -21.58
CA LYS A 405 -5.42 -21.81 -22.08
C LYS A 405 -5.74 -22.79 -20.96
N PRO A 406 -6.56 -23.81 -21.22
CA PRO A 406 -6.83 -24.81 -20.20
C PRO A 406 -5.57 -25.57 -19.80
N THR A 407 -5.52 -25.99 -18.54
CA THR A 407 -4.38 -26.74 -18.03
C THR A 407 -4.87 -27.67 -16.92
N TYR A 408 -3.92 -28.37 -16.29
CA TYR A 408 -4.22 -29.32 -15.24
C TYR A 408 -3.38 -29.00 -14.01
N ASN A 409 -4.02 -29.00 -12.84
CA ASN A 409 -3.37 -28.80 -11.56
C ASN A 409 -4.07 -29.68 -10.54
N PRO A 410 -3.31 -30.41 -9.72
CA PRO A 410 -3.93 -31.40 -8.83
C PRO A 410 -4.95 -30.85 -7.85
N TYR A 411 -4.73 -29.65 -7.32
CA TYR A 411 -5.57 -29.15 -6.24
C TYR A 411 -6.46 -27.98 -6.63
N THR A 412 -6.50 -27.61 -7.91
CA THR A 412 -7.37 -26.54 -8.36
C THR A 412 -8.20 -27.00 -9.55
N GLU A 413 -9.48 -26.63 -9.54
CA GLU A 413 -10.40 -26.96 -10.61
C GLU A 413 -11.58 -25.99 -10.58
N PRO A 414 -11.84 -25.23 -11.66
CA PRO A 414 -11.11 -25.17 -12.94
C PRO A 414 -9.76 -24.47 -12.83
N SER A 415 -8.86 -24.73 -13.77
CA SER A 415 -7.56 -24.11 -13.78
C SER A 415 -7.26 -23.58 -15.19
N MET A 416 -6.37 -22.61 -15.26
CA MET A 416 -6.03 -22.00 -16.54
C MET A 416 -4.61 -21.47 -16.49
N GLU A 417 -4.08 -21.16 -17.67
CA GLU A 417 -2.73 -20.65 -17.84
C GLU A 417 -2.78 -19.40 -18.69
N ILE A 418 -2.00 -18.39 -18.28
CA ILE A 418 -2.10 -17.04 -18.83
C ILE A 418 -0.95 -16.82 -19.81
N PHE A 419 -1.27 -16.29 -20.99
CA PHE A 419 -0.30 -15.99 -22.03
C PHE A 419 -0.37 -14.52 -22.40
N ALA A 420 0.79 -13.94 -22.71
CA ALA A 420 0.89 -12.56 -23.15
C ALA A 420 1.76 -12.48 -24.40
N TYR A 421 1.44 -11.53 -25.27
CA TYR A 421 2.20 -11.39 -26.51
C TYR A 421 3.55 -10.74 -26.25
N HIS A 422 4.59 -11.29 -26.86
CA HIS A 422 5.95 -10.79 -26.75
C HIS A 422 6.43 -10.38 -28.14
N LYS A 423 6.89 -9.14 -28.25
CA LYS A 423 7.35 -8.59 -29.52
C LYS A 423 8.81 -8.89 -29.82
N GLY A 424 9.61 -9.17 -28.78
CA GLY A 424 11.00 -9.54 -29.03
C GLY A 424 11.13 -10.83 -29.82
N LEU A 425 10.23 -11.78 -29.57
CA LEU A 425 10.16 -13.02 -30.33
C LEU A 425 8.90 -13.11 -31.19
N ALA A 426 8.00 -12.13 -31.08
CA ALA A 426 6.77 -12.09 -31.86
C ALA A 426 5.94 -13.36 -31.67
N LYS A 427 5.67 -13.71 -30.42
CA LYS A 427 4.93 -14.92 -30.13
C LYS A 427 4.30 -14.80 -28.74
N TRP A 428 3.35 -15.68 -28.46
CA TRP A 428 2.71 -15.69 -27.16
C TRP A 428 3.52 -16.51 -26.17
N VAL A 429 3.71 -15.97 -24.96
CA VAL A 429 4.55 -16.57 -23.94
C VAL A 429 3.74 -16.71 -22.66
N GLU A 430 3.88 -17.86 -21.99
CA GLU A 430 3.22 -18.09 -20.72
C GLU A 430 3.83 -17.20 -19.64
N ILE A 431 2.97 -16.64 -18.79
CA ILE A 431 3.42 -15.66 -17.80
C ILE A 431 2.99 -16.03 -16.37
N GLY A 432 1.95 -16.83 -16.20
CA GLY A 432 1.51 -17.18 -14.87
C GLY A 432 0.38 -18.19 -14.92
N ASN A 433 -0.20 -18.48 -13.76
CA ASN A 433 -1.32 -19.40 -13.72
C ASN A 433 -2.27 -19.02 -12.59
N SER A 434 -3.44 -19.64 -12.58
CA SER A 434 -4.46 -19.35 -11.59
C SER A 434 -5.40 -20.54 -11.46
N GLY A 435 -6.38 -20.42 -10.58
CA GLY A 435 -7.38 -21.46 -10.42
C GLY A 435 -8.05 -21.37 -9.08
N MET A 436 -9.12 -22.15 -8.95
CA MET A 436 -9.93 -22.19 -7.74
C MET A 436 -9.80 -23.55 -7.07
N PHE A 437 -9.59 -23.55 -5.75
CA PHE A 437 -9.31 -24.77 -5.02
C PHE A 437 -10.51 -25.71 -5.03
N ARG A 438 -10.22 -27.00 -4.90
CA ARG A 438 -11.27 -28.01 -4.94
C ARG A 438 -12.07 -28.00 -3.63
N PRO A 439 -13.37 -28.31 -3.70
CA PRO A 439 -14.16 -28.41 -2.47
C PRO A 439 -13.70 -29.51 -1.54
N GLU A 440 -12.96 -30.50 -2.05
CA GLU A 440 -12.52 -31.63 -1.24
C GLU A 440 -11.38 -31.27 -0.30
N MET A 441 -10.77 -30.10 -0.45
CA MET A 441 -9.76 -29.63 0.49
C MET A 441 -10.21 -28.41 1.28
N LEU A 442 -11.49 -28.04 1.18
CA LEU A 442 -12.04 -26.91 1.91
C LEU A 442 -13.11 -27.33 2.90
N LEU A 443 -14.06 -28.15 2.47
CA LEU A 443 -15.13 -28.58 3.38
C LEU A 443 -14.62 -29.30 4.62
N PRO A 444 -13.65 -30.22 4.55
CA PRO A 444 -13.12 -30.79 5.80
C PRO A 444 -12.52 -29.77 6.73
N MET A 445 -11.97 -28.67 6.22
CA MET A 445 -11.45 -27.62 7.10
C MET A 445 -12.55 -27.01 7.95
N GLY A 446 -13.73 -26.79 7.36
CA GLY A 446 -14.85 -26.26 8.10
C GLY A 446 -15.44 -25.01 7.48
N LEU A 447 -14.94 -24.62 6.31
CA LEU A 447 -15.44 -23.43 5.64
C LEU A 447 -16.91 -23.63 5.24
N PRO A 448 -17.69 -22.55 5.21
CA PRO A 448 -19.09 -22.67 4.79
C PRO A 448 -19.19 -23.08 3.33
N ALA A 449 -20.32 -23.71 3.00
CA ALA A 449 -20.54 -24.21 1.65
C ALA A 449 -20.72 -23.11 0.62
N ASP A 450 -20.89 -21.86 1.05
CA ASP A 450 -21.13 -20.75 0.13
C ASP A 450 -19.86 -19.97 -0.18
N VAL A 451 -18.71 -20.38 0.34
CA VAL A 451 -17.46 -19.64 0.22
C VAL A 451 -16.62 -20.28 -0.86
N ASN A 452 -16.15 -19.48 -1.82
CA ASN A 452 -15.25 -19.95 -2.85
C ASN A 452 -13.89 -19.29 -2.64
N VAL A 453 -12.84 -20.11 -2.70
CA VAL A 453 -11.47 -19.64 -2.53
C VAL A 453 -10.75 -19.78 -3.86
N ALA A 454 -10.21 -18.68 -4.36
CA ALA A 454 -9.48 -18.66 -5.61
C ALA A 454 -8.05 -18.21 -5.35
N GLY A 455 -7.18 -18.46 -6.31
CA GLY A 455 -5.79 -18.07 -6.18
C GLY A 455 -5.12 -17.94 -7.53
N TYR A 456 -4.04 -17.18 -7.56
CA TYR A 456 -3.22 -17.07 -8.75
C TYR A 456 -1.77 -16.94 -8.33
N GLY A 457 -0.87 -17.17 -9.28
CA GLY A 457 0.54 -17.17 -8.92
C GLY A 457 1.44 -17.12 -10.13
N LEU A 458 2.70 -16.87 -9.85
CA LEU A 458 3.75 -16.79 -10.86
C LEU A 458 5.10 -16.94 -10.16
N SER A 459 6.16 -16.85 -10.94
CA SER A 459 7.51 -16.90 -10.40
C SER A 459 8.03 -15.49 -10.16
N LEU A 460 9.31 -15.40 -9.83
CA LEU A 460 9.96 -14.11 -9.63
C LEU A 460 11.17 -13.89 -10.52
N GLU A 461 11.84 -14.95 -10.95
CA GLU A 461 13.05 -14.80 -11.75
C GLU A 461 12.75 -14.45 -13.20
N ARG A 462 11.66 -14.97 -13.76
CA ARG A 462 11.36 -14.71 -15.17
C ARG A 462 11.08 -13.24 -15.46
N PRO A 463 10.20 -12.54 -14.73
CA PRO A 463 10.04 -11.11 -14.99
C PRO A 463 11.31 -10.31 -14.77
N THR A 464 12.12 -10.67 -13.78
CA THR A 464 13.38 -9.97 -13.56
C THR A 464 14.33 -10.15 -14.74
N MET A 465 14.45 -11.38 -15.23
CA MET A 465 15.33 -11.64 -16.37
C MET A 465 14.84 -10.90 -17.62
N ILE A 466 13.53 -10.88 -17.84
CA ILE A 466 13.01 -10.15 -18.99
C ILE A 466 13.26 -8.66 -18.86
N LYS A 467 13.00 -8.10 -17.68
CA LYS A 467 13.11 -6.65 -17.49
C LYS A 467 14.56 -6.19 -17.59
N TYR A 468 15.47 -6.83 -16.86
CA TYR A 468 16.85 -6.39 -16.82
C TYR A 468 17.70 -6.97 -17.95
N GLY A 469 17.15 -7.86 -18.77
CA GLY A 469 17.92 -8.46 -19.84
C GLY A 469 19.03 -9.35 -19.34
N ILE A 470 18.65 -10.43 -18.66
CA ILE A 470 19.60 -11.38 -18.08
C ILE A 470 19.38 -12.74 -18.74
N ASN A 471 20.46 -13.34 -19.22
CA ASN A 471 20.37 -14.62 -19.92
C ASN A 471 20.52 -15.80 -18.97
N ASN A 472 21.63 -15.85 -18.24
CA ASN A 472 21.93 -16.95 -17.34
C ASN A 472 21.48 -16.57 -15.93
N ILE A 473 20.60 -17.39 -15.34
CA ILE A 473 20.09 -17.10 -14.01
C ILE A 473 21.18 -17.25 -12.95
N ARG A 474 22.14 -18.15 -13.18
CA ARG A 474 23.21 -18.36 -12.21
C ARG A 474 24.11 -17.15 -12.02
N ASP A 475 24.06 -16.18 -12.94
CA ASP A 475 24.77 -14.93 -12.74
C ASP A 475 24.08 -14.02 -11.74
N LEU A 476 22.88 -14.38 -11.29
CA LEU A 476 22.10 -13.56 -10.38
C LEU A 476 21.80 -14.22 -9.06
N PHE A 477 21.74 -15.55 -8.99
CA PHE A 477 21.34 -16.29 -7.81
C PHE A 477 22.37 -17.36 -7.53
N GLY A 478 22.85 -17.42 -6.30
CA GLY A 478 23.81 -18.43 -5.89
C GLY A 478 25.17 -17.83 -5.58
N SER A 479 26.14 -18.71 -5.41
CA SER A 479 27.50 -18.29 -5.09
C SER A 479 28.29 -17.87 -6.31
N LYS A 480 27.77 -18.08 -7.52
CA LYS A 480 28.44 -17.68 -8.74
C LYS A 480 27.93 -16.35 -9.27
N ILE A 481 27.34 -15.53 -8.41
CA ILE A 481 26.73 -14.28 -8.84
C ILE A 481 27.79 -13.32 -9.35
N ASP A 482 27.48 -12.59 -10.41
CA ASP A 482 28.37 -11.58 -10.96
C ASP A 482 28.04 -10.24 -10.34
N LEU A 483 29.00 -9.64 -9.64
CA LEU A 483 28.74 -8.40 -8.91
C LEU A 483 28.65 -7.20 -9.84
N GLU A 484 29.21 -7.28 -11.04
CA GLU A 484 29.10 -6.16 -11.98
C GLU A 484 27.65 -5.93 -12.38
N VAL A 485 26.85 -6.99 -12.47
CA VAL A 485 25.44 -6.83 -12.74
C VAL A 485 24.75 -6.10 -11.58
N VAL A 486 25.15 -6.42 -10.34
CA VAL A 486 24.55 -5.79 -9.19
C VAL A 486 24.91 -4.31 -9.12
N TYR A 487 26.17 -3.98 -9.41
CA TYR A 487 26.62 -2.59 -9.31
C TYR A 487 25.88 -1.69 -10.31
N ASN A 488 25.85 -2.09 -11.57
CA ASN A 488 25.23 -1.29 -12.63
C ASN A 488 23.77 -1.67 -12.82
N ASN A 489 22.98 -1.56 -11.76
CA ASN A 489 21.59 -1.96 -11.79
C ASN A 489 20.70 -0.73 -11.60
N PRO A 490 19.82 -0.42 -12.54
CA PRO A 490 18.94 0.74 -12.40
C PRO A 490 17.80 0.43 -11.43
N ILE A 491 17.00 1.46 -11.15
CA ILE A 491 15.85 1.30 -10.26
C ILE A 491 14.76 0.51 -10.97
N CYS A 492 13.80 0.01 -10.20
CA CYS A 492 12.75 -0.87 -10.73
C CYS A 492 11.57 -0.02 -11.17
N ARG A 493 11.60 0.42 -12.43
CA ARG A 493 10.46 1.10 -13.03
C ARG A 493 9.65 0.09 -13.85
N LEU A 494 9.02 -0.82 -13.12
CA LEU A 494 8.33 -1.95 -13.76
C LEU A 494 7.12 -1.50 -14.58
N ASP A 495 6.58 -0.31 -14.30
CA ASP A 495 5.47 0.20 -15.11
C ASP A 495 5.94 0.68 -16.47
N LYS A 496 7.21 1.03 -16.60
CA LYS A 496 7.76 1.49 -17.88
C LYS A 496 7.73 0.38 -18.92
N LEU B 185 56.30 -3.91 22.96
CA LEU B 185 55.63 -5.20 22.89
C LEU B 185 56.16 -6.06 21.75
N ALA B 186 55.47 -7.16 21.47
CA ALA B 186 55.84 -8.08 20.41
C ALA B 186 55.24 -7.60 19.09
N LYS B 187 55.20 -8.50 18.11
CA LYS B 187 54.68 -8.18 16.77
C LYS B 187 53.17 -8.03 16.80
N GLN B 188 52.63 -7.73 17.98
CA GLN B 188 51.20 -7.83 18.26
C GLN B 188 50.42 -6.77 17.48
N GLU B 189 50.29 -7.04 16.18
CA GLU B 189 49.45 -6.21 15.34
C GLU B 189 47.98 -6.51 15.62
N ALA B 190 47.12 -5.54 15.31
CA ALA B 190 45.70 -5.74 15.50
C ALA B 190 45.13 -6.79 14.54
N ASP B 191 45.83 -7.06 13.44
CA ASP B 191 45.35 -7.99 12.43
C ASP B 191 46.48 -8.93 12.03
N LEU B 192 46.11 -9.98 11.31
CA LEU B 192 47.08 -10.86 10.68
C LEU B 192 47.35 -10.36 9.27
N THR B 193 48.63 -10.27 8.91
CA THR B 193 48.98 -9.92 7.54
C THR B 193 48.68 -11.08 6.60
N PRO B 194 48.44 -10.82 5.32
CA PRO B 194 48.23 -11.92 4.37
C PRO B 194 49.41 -12.87 4.31
N GLU B 195 50.63 -12.37 4.53
CA GLU B 195 51.80 -13.25 4.59
C GLU B 195 51.66 -14.26 5.71
N MET B 196 51.15 -13.83 6.88
CA MET B 196 50.97 -14.75 7.99
C MET B 196 49.93 -15.82 7.67
N ILE B 197 48.85 -15.43 6.98
CA ILE B 197 47.83 -16.40 6.60
C ILE B 197 48.39 -17.41 5.62
N ALA B 198 49.18 -16.93 4.64
CA ALA B 198 49.72 -17.83 3.63
C ALA B 198 50.76 -18.78 4.22
N SER B 199 51.70 -18.25 5.00
CA SER B 199 52.79 -19.06 5.53
C SER B 199 52.46 -19.77 6.83
N GLY B 200 51.32 -19.48 7.44
CA GLY B 200 50.96 -20.10 8.70
C GLY B 200 51.90 -19.75 9.84
N SER B 201 52.29 -18.49 9.94
CA SER B 201 53.17 -18.02 11.00
C SER B 201 52.41 -17.36 12.14
N TRP B 202 51.08 -17.51 12.18
CA TRP B 202 50.26 -16.86 13.17
C TRP B 202 50.29 -17.55 14.53
N LYS B 203 50.90 -18.73 14.62
CA LYS B 203 50.91 -19.50 15.87
C LYS B 203 52.25 -19.44 16.59
N GLU B 204 53.09 -18.45 16.28
CA GLU B 204 54.38 -18.31 16.93
C GLU B 204 54.59 -16.94 17.56
N LYS B 205 53.65 -16.02 17.36
CA LYS B 205 53.79 -14.66 17.84
C LYS B 205 52.52 -14.23 18.57
N GLN B 206 52.69 -13.35 19.56
CA GLN B 206 51.58 -12.89 20.38
C GLN B 206 50.82 -11.78 19.66
N PHE B 207 49.63 -11.47 20.19
CA PHE B 207 48.79 -10.42 19.64
C PHE B 207 48.34 -9.49 20.76
N LYS B 208 47.98 -8.28 20.36
CA LYS B 208 47.70 -7.20 21.31
C LYS B 208 46.30 -7.32 21.86
N LYS B 209 46.16 -7.12 23.17
CA LYS B 209 44.85 -7.13 23.79
C LYS B 209 44.01 -5.98 23.27
N TYR B 210 42.74 -6.25 23.02
CA TYR B 210 41.82 -5.26 22.45
C TYR B 210 40.86 -4.79 23.52
N ASN B 211 40.68 -3.46 23.60
CA ASN B 211 39.79 -2.87 24.58
C ASN B 211 38.35 -3.00 24.06
N PHE B 212 37.56 -3.83 24.72
CA PHE B 212 36.18 -4.07 24.30
C PHE B 212 35.20 -3.05 24.88
N GLU B 213 35.68 -2.08 25.66
CA GLU B 213 34.82 -1.03 26.19
C GLU B 213 34.75 0.20 25.28
N SER B 214 35.54 0.23 24.22
CA SER B 214 35.59 1.39 23.34
C SER B 214 34.56 1.24 22.21
N LEU B 215 34.66 2.10 21.20
CA LEU B 215 33.77 2.06 20.05
C LEU B 215 34.60 2.08 18.77
N GLY B 216 33.99 1.58 17.69
CA GLY B 216 34.66 1.42 16.43
C GLY B 216 34.59 2.66 15.56
N VAL B 217 35.06 2.51 14.32
CA VAL B 217 35.09 3.61 13.37
C VAL B 217 33.70 3.79 12.77
N VAL B 218 33.20 5.03 12.81
CA VAL B 218 31.87 5.34 12.30
C VAL B 218 31.92 5.35 10.77
N PRO B 219 31.09 4.55 10.10
CA PRO B 219 31.09 4.55 8.64
C PRO B 219 30.54 5.86 8.08
N SER B 220 31.03 6.22 6.89
CA SER B 220 30.55 7.40 6.19
C SER B 220 29.31 7.01 5.39
N SER B 221 28.15 7.52 5.82
CA SER B 221 26.87 7.09 5.27
C SER B 221 26.10 8.30 4.74
N GLY B 222 25.09 8.00 3.93
CA GLY B 222 24.14 9.00 3.47
C GLY B 222 22.88 8.93 4.31
N HIS B 223 22.24 10.08 4.50
CA HIS B 223 21.13 10.20 5.43
C HIS B 223 19.91 10.78 4.75
N LEU B 224 18.75 10.49 5.31
CA LEU B 224 17.48 11.06 4.87
C LEU B 224 17.03 12.12 5.86
N HIS B 225 15.88 12.72 5.58
CA HIS B 225 15.34 13.73 6.48
C HIS B 225 14.19 13.15 7.30
N PRO B 226 14.15 13.41 8.61
CA PRO B 226 13.09 12.82 9.44
C PRO B 226 11.69 13.15 8.97
N LEU B 227 11.46 14.38 8.53
CA LEU B 227 10.14 14.74 8.00
C LEU B 227 9.81 13.94 6.75
N MET B 228 10.81 13.72 5.88
CA MET B 228 10.57 12.90 4.69
C MET B 228 10.28 11.45 5.05
N LYS B 229 10.97 10.90 6.06
CA LYS B 229 10.66 9.55 6.50
C LYS B 229 9.24 9.44 7.03
N VAL B 230 8.82 10.41 7.83
CA VAL B 230 7.46 10.40 8.35
C VAL B 230 6.45 10.53 7.20
N ARG B 231 6.78 11.35 6.19
CA ARG B 231 5.90 11.49 5.04
C ARG B 231 5.77 10.18 4.28
N SER B 232 6.88 9.47 4.11
CA SER B 232 6.84 8.17 3.43
C SER B 232 6.01 7.18 4.21
N GLU B 233 6.14 7.17 5.53
CA GLU B 233 5.33 6.26 6.35
C GLU B 233 3.85 6.59 6.21
N PHE B 234 3.50 7.87 6.23
CA PHE B 234 2.10 8.26 6.06
C PHE B 234 1.58 7.85 4.69
N ARG B 235 2.40 8.02 3.65
CA ARG B 235 2.00 7.60 2.31
C ARG B 235 1.74 6.10 2.25
N GLN B 236 2.62 5.31 2.88
CA GLN B 236 2.42 3.86 2.90
C GLN B 236 1.14 3.49 3.64
N ILE B 237 0.85 4.17 4.76
CA ILE B 237 -0.37 3.88 5.49
C ILE B 237 -1.60 4.20 4.64
N PHE B 238 -1.58 5.36 3.97
CA PHE B 238 -2.71 5.73 3.13
C PHE B 238 -2.90 4.75 1.98
N PHE B 239 -1.79 4.31 1.36
CA PHE B 239 -1.90 3.31 0.30
C PHE B 239 -2.48 2.01 0.82
N SER B 240 -2.03 1.57 2.00
CA SER B 240 -2.54 0.33 2.58
C SER B 240 -4.01 0.43 2.93
N MET B 241 -4.52 1.63 3.23
CA MET B 241 -5.94 1.78 3.50
C MET B 241 -6.77 2.02 2.24
N GLY B 242 -6.15 2.23 1.09
CA GLY B 242 -6.86 2.35 -0.17
C GLY B 242 -7.13 3.75 -0.66
N PHE B 243 -6.20 4.68 -0.43
CA PHE B 243 -6.36 6.07 -0.83
C PHE B 243 -5.47 6.38 -2.02
N SER B 244 -6.00 7.14 -2.97
CA SER B 244 -5.26 7.53 -4.17
C SER B 244 -4.68 8.93 -4.00
N GLU B 245 -3.43 9.11 -4.40
CA GLU B 245 -2.76 10.39 -4.23
C GLU B 245 -3.25 11.41 -5.24
N MET B 246 -3.25 12.67 -4.83
CA MET B 246 -3.68 13.79 -5.67
C MET B 246 -2.47 14.64 -6.07
N ALA B 247 -2.70 15.52 -7.04
CA ALA B 247 -1.66 16.41 -7.55
C ALA B 247 -1.71 17.72 -6.79
N THR B 248 -0.63 18.06 -6.07
CA THR B 248 -0.61 19.23 -5.21
C THR B 248 0.57 20.15 -5.53
N ASN B 249 1.02 20.18 -6.78
CA ASN B 249 2.07 21.10 -7.20
C ASN B 249 1.47 22.37 -7.78
N ARG B 250 0.64 23.03 -6.98
CA ARG B 250 -0.14 24.20 -7.37
C ARG B 250 -0.10 25.27 -6.29
N TYR B 251 1.12 25.65 -5.87
CA TYR B 251 1.27 26.59 -4.76
C TYR B 251 0.47 27.87 -4.99
N VAL B 252 0.61 28.48 -6.16
CA VAL B 252 -0.13 29.71 -6.48
C VAL B 252 -1.54 29.33 -6.93
N GLU B 253 -2.54 29.94 -6.32
CA GLU B 253 -3.92 29.59 -6.60
C GLU B 253 -4.77 30.86 -6.63
N SER B 254 -5.79 30.86 -7.48
CA SER B 254 -6.72 31.98 -7.51
C SER B 254 -7.60 31.97 -6.28
N SER B 255 -8.10 33.16 -5.92
CA SER B 255 -8.97 33.28 -4.76
C SER B 255 -10.32 32.59 -4.96
N PHE B 256 -10.68 32.28 -6.20
CA PHE B 256 -11.95 31.59 -6.44
C PHE B 256 -11.94 30.19 -5.86
N TRP B 257 -10.90 29.41 -6.18
CA TRP B 257 -10.85 28.04 -5.68
C TRP B 257 -10.46 28.00 -4.21
N ASN B 258 -9.61 28.92 -3.76
CA ASN B 258 -9.11 28.87 -2.39
C ASN B 258 -10.19 29.27 -1.39
N PHE B 259 -10.98 30.29 -1.71
CA PHE B 259 -11.98 30.80 -0.77
C PHE B 259 -13.40 30.67 -1.29
N ASP B 260 -13.70 31.21 -2.47
CA ASP B 260 -15.08 31.32 -2.92
C ASP B 260 -15.70 29.94 -3.18
N ALA B 261 -14.93 29.01 -3.73
CA ALA B 261 -15.46 27.67 -3.99
C ALA B 261 -15.78 26.92 -2.71
N LEU B 262 -15.18 27.30 -1.59
CA LEU B 262 -15.39 26.64 -0.31
C LEU B 262 -16.48 27.31 0.53
N PHE B 263 -17.20 28.27 -0.04
CA PHE B 263 -18.30 28.95 0.63
C PHE B 263 -17.80 29.76 1.83
N GLN B 264 -16.77 30.56 1.61
CA GLN B 264 -16.31 31.53 2.59
C GLN B 264 -16.64 32.93 2.09
N PRO B 265 -17.55 33.66 2.74
CA PRO B 265 -17.96 34.96 2.21
C PRO B 265 -16.79 35.95 2.18
N GLN B 266 -16.88 36.88 1.24
CA GLN B 266 -15.77 37.80 0.98
C GLN B 266 -15.58 38.83 2.08
N GLN B 267 -16.58 39.05 2.92
CA GLN B 267 -16.51 40.07 3.96
C GLN B 267 -16.52 39.47 5.35
N HIS B 268 -15.75 38.43 5.58
CA HIS B 268 -15.66 37.76 6.86
C HIS B 268 -14.21 37.66 7.32
N PRO B 269 -13.97 37.49 8.62
CA PRO B 269 -12.59 37.41 9.11
C PRO B 269 -11.80 36.24 8.54
N ALA B 270 -12.46 35.23 7.99
CA ALA B 270 -11.73 34.10 7.42
C ALA B 270 -10.84 34.54 6.27
N ARG B 271 -11.33 35.41 5.40
CA ARG B 271 -10.62 35.84 4.21
C ARG B 271 -9.79 37.11 4.44
N ASP B 272 -9.37 37.36 5.68
CA ASP B 272 -8.61 38.57 5.98
C ASP B 272 -7.26 38.57 5.27
N ALA B 273 -6.79 39.78 4.96
CA ALA B 273 -5.47 39.96 4.38
C ALA B 273 -4.37 39.99 5.43
N HIS B 274 -4.73 39.89 6.71
CA HIS B 274 -3.74 39.91 7.78
C HIS B 274 -2.97 38.60 7.89
N ASP B 275 -3.57 37.47 7.50
CA ASP B 275 -2.94 36.17 7.62
C ASP B 275 -2.84 35.43 6.29
N THR B 276 -3.03 36.11 5.17
CA THR B 276 -2.97 35.49 3.85
C THR B 276 -1.98 36.26 2.99
N PHE B 277 -1.07 35.54 2.34
CA PHE B 277 -0.18 36.15 1.37
C PHE B 277 -0.95 36.49 0.10
N PHE B 278 -0.65 37.64 -0.48
CA PHE B 278 -1.27 38.09 -1.72
C PHE B 278 -0.20 38.28 -2.79
N VAL B 279 -0.50 37.87 -4.01
CA VAL B 279 0.44 37.91 -5.12
C VAL B 279 0.18 39.18 -5.93
N SER B 280 1.24 39.94 -6.18
CA SER B 280 1.15 41.18 -6.95
C SER B 280 1.51 41.01 -8.41
N ASP B 281 2.40 40.08 -8.74
CA ASP B 281 2.83 39.87 -10.11
C ASP B 281 3.09 38.40 -10.36
N PRO B 282 2.21 37.68 -11.08
CA PRO B 282 0.97 38.15 -11.71
C PRO B 282 -0.14 38.40 -10.70
N ALA B 283 -1.08 39.28 -10.99
CA ALA B 283 -2.08 39.69 -10.01
C ALA B 283 -3.43 39.00 -10.18
N ILE B 284 -3.87 38.77 -11.41
CA ILE B 284 -5.21 38.26 -11.66
C ILE B 284 -5.16 37.05 -12.58
N SER B 285 -6.20 36.23 -12.50
CA SER B 285 -6.44 35.12 -13.41
C SER B 285 -7.80 35.30 -14.03
N VAL B 286 -7.90 35.07 -15.34
CA VAL B 286 -9.07 35.48 -16.10
C VAL B 286 -9.96 34.31 -16.51
N LYS B 287 -9.39 33.12 -16.70
CA LYS B 287 -10.12 31.99 -17.26
C LYS B 287 -10.68 31.11 -16.14
N PHE B 288 -12.00 31.05 -16.06
CA PHE B 288 -12.72 30.20 -15.13
C PHE B 288 -13.87 29.52 -15.87
N PRO B 289 -14.33 28.36 -15.39
CA PRO B 289 -15.57 27.79 -15.93
C PRO B 289 -16.76 28.68 -15.64
N GLU B 290 -17.37 29.23 -16.69
CA GLU B 290 -18.34 30.31 -16.53
C GLU B 290 -19.59 29.84 -15.77
N ASP B 291 -20.11 28.67 -16.12
CA ASP B 291 -21.35 28.21 -15.51
C ASP B 291 -21.17 27.94 -14.02
N TYR B 292 -20.07 27.29 -13.64
CA TYR B 292 -19.81 27.01 -12.24
C TYR B 292 -19.61 28.30 -11.45
N LEU B 293 -18.88 29.25 -12.02
CA LEU B 293 -18.68 30.53 -11.35
C LEU B 293 -19.99 31.28 -11.18
N GLU B 294 -20.88 31.21 -12.17
CA GLU B 294 -22.19 31.84 -12.04
C GLU B 294 -23.01 31.21 -10.92
N ARG B 295 -22.99 29.89 -10.82
CA ARG B 295 -23.71 29.23 -9.74
C ARG B 295 -23.13 29.59 -8.37
N VAL B 296 -21.80 29.66 -8.27
CA VAL B 296 -21.17 30.06 -7.02
C VAL B 296 -21.57 31.49 -6.63
N LYS B 297 -21.57 32.40 -7.61
CA LYS B 297 -22.00 33.76 -7.35
C LYS B 297 -23.44 33.80 -6.88
N THR B 298 -24.31 33.02 -7.52
CA THR B 298 -25.71 33.02 -7.12
C THR B 298 -25.89 32.50 -5.69
N VAL B 299 -25.18 31.44 -5.32
CA VAL B 299 -25.35 30.90 -3.98
C VAL B 299 -24.75 31.86 -2.94
N HIS B 300 -23.70 32.58 -3.30
CA HIS B 300 -23.10 33.53 -2.35
C HIS B 300 -23.99 34.75 -2.15
N SER B 301 -24.56 35.28 -3.22
CA SER B 301 -25.25 36.57 -3.15
C SER B 301 -26.74 36.45 -2.85
N LYS B 302 -27.38 35.34 -3.20
CA LYS B 302 -28.81 35.18 -2.96
C LYS B 302 -29.17 33.91 -2.21
N GLY B 303 -28.36 32.87 -2.27
CA GLY B 303 -28.68 31.63 -1.61
C GLY B 303 -29.41 30.66 -2.52
N GLY B 304 -29.78 29.50 -1.98
CA GLY B 304 -30.41 28.47 -2.77
C GLY B 304 -29.97 27.10 -2.30
N TYR B 305 -30.56 26.07 -2.93
CA TYR B 305 -30.33 24.68 -2.53
C TYR B 305 -30.69 24.47 -1.06
N GLY B 306 -31.78 25.11 -0.63
CA GLY B 306 -32.19 24.99 0.76
C GLY B 306 -31.36 25.79 1.73
N SER B 307 -30.62 26.79 1.27
CA SER B 307 -29.77 27.62 2.11
C SER B 307 -30.30 29.06 2.12
N ALA B 308 -29.65 29.89 2.93
CA ALA B 308 -30.03 31.29 3.05
C ALA B 308 -29.00 32.27 2.51
N GLY B 309 -27.73 31.86 2.42
CA GLY B 309 -26.72 32.76 1.90
C GLY B 309 -26.43 33.91 2.84
N TYR B 310 -25.77 34.92 2.29
CA TYR B 310 -25.41 36.11 3.06
C TYR B 310 -26.00 37.39 2.49
N ASN B 311 -26.74 37.31 1.39
CA ASN B 311 -27.36 38.46 0.71
C ASN B 311 -26.44 39.68 0.71
N TYR B 312 -25.22 39.48 0.23
CA TYR B 312 -24.30 40.58 -0.04
C TYR B 312 -23.89 40.53 -1.50
N ASP B 313 -23.35 41.63 -2.00
CA ASP B 313 -23.06 41.78 -3.42
C ASP B 313 -21.72 41.12 -3.72
N TRP B 314 -21.77 39.97 -4.40
CA TRP B 314 -20.56 39.24 -4.76
C TRP B 314 -19.86 39.93 -5.91
N LYS B 315 -18.54 40.12 -5.79
CA LYS B 315 -17.75 40.84 -6.77
C LYS B 315 -16.73 39.91 -7.41
N ILE B 316 -16.71 39.89 -8.75
CA ILE B 316 -15.77 39.05 -9.47
C ILE B 316 -14.33 39.55 -9.29
N GLU B 317 -14.13 40.87 -9.23
CA GLU B 317 -12.80 41.42 -9.08
C GLU B 317 -12.12 40.95 -7.81
N GLU B 318 -12.89 40.58 -6.78
CA GLU B 318 -12.29 40.04 -5.57
C GLU B 318 -11.77 38.62 -5.82
N ALA B 319 -12.51 37.81 -6.58
CA ALA B 319 -12.10 36.46 -6.88
C ALA B 319 -10.98 36.38 -7.90
N GLN B 320 -10.73 37.47 -8.65
CA GLN B 320 -9.67 37.45 -9.65
C GLN B 320 -8.28 37.31 -9.03
N LYS B 321 -8.09 37.77 -7.80
CA LYS B 321 -6.76 37.90 -7.24
C LYS B 321 -6.12 36.54 -6.98
N ASN B 322 -4.79 36.49 -7.11
CA ASN B 322 -4.01 35.29 -6.87
C ASN B 322 -3.36 35.34 -5.50
N VAL B 323 -3.40 34.22 -4.78
CA VAL B 323 -2.80 34.11 -3.45
C VAL B 323 -2.01 32.81 -3.38
N LEU B 324 -1.10 32.76 -2.41
CA LEU B 324 -0.49 31.49 -2.02
C LEU B 324 -1.47 30.72 -1.16
N ARG B 325 -1.69 29.45 -1.49
CA ARG B 325 -2.73 28.67 -0.83
C ARG B 325 -2.47 28.56 0.66
N THR B 326 -3.53 28.72 1.45
CA THR B 326 -3.44 28.58 2.90
C THR B 326 -3.81 27.19 3.39
N HIS B 327 -4.36 26.35 2.52
CA HIS B 327 -4.71 24.98 2.86
C HIS B 327 -4.82 24.17 1.59
N THR B 328 -4.84 22.85 1.75
CA THR B 328 -4.91 21.95 0.61
C THR B 328 -6.33 21.65 0.17
N THR B 329 -7.33 22.28 0.79
CA THR B 329 -8.72 22.00 0.43
C THR B 329 -9.05 22.50 -0.97
N ALA B 330 -8.26 23.43 -1.51
CA ALA B 330 -8.50 23.90 -2.87
C ALA B 330 -8.30 22.78 -3.89
N VAL B 331 -7.23 21.99 -3.71
CA VAL B 331 -6.99 20.85 -4.60
C VAL B 331 -8.12 19.84 -4.48
N SER B 332 -8.62 19.62 -3.26
CA SER B 332 -9.75 18.74 -3.06
C SER B 332 -10.99 19.24 -3.78
N ALA B 333 -11.23 20.55 -3.74
CA ALA B 333 -12.37 21.12 -4.46
C ALA B 333 -12.22 20.92 -5.97
N ARG B 334 -11.02 21.15 -6.49
CA ARG B 334 -10.79 20.92 -7.91
C ARG B 334 -11.06 19.47 -8.29
N GLN B 335 -10.54 18.52 -7.49
CA GLN B 335 -10.74 17.11 -7.77
C GLN B 335 -12.22 16.73 -7.69
N LEU B 336 -12.94 17.26 -6.70
CA LEU B 336 -14.35 16.95 -6.59
C LEU B 336 -15.15 17.50 -7.77
N TYR B 337 -14.82 18.72 -8.22
CA TYR B 337 -15.51 19.26 -9.38
C TYR B 337 -15.23 18.41 -10.63
N GLN B 338 -13.96 18.01 -10.81
CA GLN B 338 -13.62 17.19 -11.96
C GLN B 338 -14.34 15.84 -11.91
N LEU B 339 -14.40 15.23 -10.72
CA LEU B 339 -15.12 13.97 -10.59
C LEU B 339 -16.60 14.13 -10.88
N ALA B 340 -17.21 15.22 -10.40
CA ALA B 340 -18.63 15.44 -10.63
C ALA B 340 -18.91 15.67 -12.11
N GLN B 341 -18.00 16.32 -12.83
CA GLN B 341 -18.25 16.60 -14.25
C GLN B 341 -18.29 15.32 -15.08
N GLU B 342 -17.39 14.37 -14.80
CA GLU B 342 -17.25 13.17 -15.63
C GLU B 342 -17.95 11.96 -15.03
N GLY B 343 -18.99 12.17 -14.23
CA GLY B 343 -19.71 11.05 -13.64
C GLY B 343 -19.15 10.64 -12.30
N PHE B 344 -20.02 10.33 -11.34
CA PHE B 344 -19.61 10.06 -9.98
C PHE B 344 -19.29 8.59 -9.76
N ARG B 345 -18.33 8.34 -8.88
CA ARG B 345 -17.97 7.01 -8.40
C ARG B 345 -17.30 7.17 -7.04
N PRO B 346 -17.50 6.24 -6.11
CA PRO B 346 -16.90 6.39 -4.77
C PRO B 346 -15.40 6.54 -4.83
N SER B 347 -14.85 7.41 -3.99
CA SER B 347 -13.44 7.74 -4.09
C SER B 347 -12.84 7.97 -2.71
N LYS B 348 -11.54 7.71 -2.62
CA LYS B 348 -10.74 7.99 -1.43
C LYS B 348 -9.45 8.65 -1.88
N LEU B 349 -9.19 9.86 -1.39
CA LEU B 349 -8.04 10.65 -1.83
C LEU B 349 -7.28 11.16 -0.62
N PHE B 350 -6.01 11.51 -0.82
CA PHE B 350 -5.21 12.08 0.26
C PHE B 350 -4.17 13.01 -0.33
N SER B 351 -3.64 13.88 0.52
CA SER B 351 -2.63 14.84 0.08
C SER B 351 -1.77 15.24 1.26
N ILE B 352 -0.47 15.37 1.00
CA ILE B 352 0.53 15.80 1.99
C ILE B 352 1.44 16.80 1.30
N ASP B 353 1.29 18.09 1.62
CA ASP B 353 2.10 19.11 0.97
C ASP B 353 2.14 20.36 1.83
N ARG B 354 2.95 21.32 1.38
CA ARG B 354 3.13 22.57 2.11
C ARG B 354 1.92 23.49 1.96
N VAL B 355 1.65 24.24 3.02
CA VAL B 355 0.70 25.34 2.98
C VAL B 355 1.34 26.54 3.65
N PHE B 356 0.89 27.73 3.26
CA PHE B 356 1.50 29.00 3.64
C PHE B 356 0.50 29.84 4.43
N ARG B 357 0.97 30.44 5.53
CA ARG B 357 0.19 31.38 6.31
C ARG B 357 1.06 32.56 6.70
N ASN B 358 0.48 33.75 6.70
CA ASN B 358 1.23 34.99 6.95
C ASN B 358 1.39 35.19 8.45
N GLU B 359 2.61 35.04 8.94
CA GLU B 359 2.90 35.18 10.36
C GLU B 359 4.14 36.03 10.56
N THR B 360 4.19 36.72 11.70
CA THR B 360 5.35 37.51 12.07
C THR B 360 6.45 36.61 12.64
N LEU B 361 7.65 37.16 12.75
CA LEU B 361 8.79 36.42 13.27
C LEU B 361 8.57 36.10 14.74
N ASP B 362 8.34 34.82 15.04
CA ASP B 362 8.18 34.36 16.41
C ASP B 362 8.70 32.92 16.48
N ALA B 363 8.39 32.24 17.59
CA ALA B 363 8.79 30.85 17.77
C ALA B 363 7.63 29.88 17.82
N THR B 364 6.40 30.37 18.02
CA THR B 364 5.27 29.46 18.13
C THR B 364 4.99 28.74 16.81
N HIS B 365 5.03 29.46 15.70
CA HIS B 365 4.67 28.89 14.42
C HIS B 365 5.52 29.51 13.32
N LEU B 366 5.61 28.80 12.20
CA LEU B 366 6.31 29.25 11.01
C LEU B 366 5.31 29.62 9.92
N ALA B 367 5.82 30.26 8.87
CA ALA B 367 4.95 30.70 7.79
C ALA B 367 4.51 29.56 6.89
N GLU B 368 5.25 28.45 6.87
CA GLU B 368 4.93 27.31 6.02
C GLU B 368 4.90 26.04 6.86
N PHE B 369 3.97 25.14 6.55
CA PHE B 369 3.99 23.85 7.22
C PHE B 369 3.28 22.81 6.37
N HIS B 370 3.67 21.55 6.56
CA HIS B 370 3.10 20.45 5.79
C HIS B 370 1.81 19.99 6.44
N GLN B 371 0.76 19.88 5.63
CA GLN B 371 -0.56 19.50 6.12
C GLN B 371 -0.98 18.18 5.49
N VAL B 372 -1.37 17.21 6.33
CA VAL B 372 -1.84 15.91 5.87
C VAL B 372 -3.36 15.90 5.90
N GLU B 373 -3.97 15.54 4.78
CA GLU B 373 -5.42 15.53 4.70
C GLU B 373 -5.89 14.30 3.91
N GLY B 374 -7.01 13.74 4.36
CA GLY B 374 -7.65 12.64 3.65
C GLY B 374 -9.13 12.90 3.47
N VAL B 375 -9.62 12.58 2.29
CA VAL B 375 -11.00 12.85 1.88
C VAL B 375 -11.65 11.55 1.43
N ILE B 376 -12.88 11.31 1.86
CA ILE B 376 -13.65 10.13 1.48
C ILE B 376 -14.98 10.60 0.93
N ALA B 377 -15.32 10.19 -0.28
CA ALA B 377 -16.57 10.58 -0.92
C ALA B 377 -17.32 9.32 -1.35
N GLU B 378 -18.56 9.18 -0.86
CA GLU B 378 -19.41 8.08 -1.25
C GLU B 378 -20.83 8.35 -0.83
N LYS B 379 -21.72 7.43 -1.19
CA LYS B 379 -23.15 7.61 -0.96
C LYS B 379 -23.52 7.24 0.47
N ASN B 380 -24.36 8.07 1.08
CA ASN B 380 -24.90 7.82 2.42
C ASN B 380 -23.80 7.62 3.46
N LEU B 381 -22.72 8.39 3.32
CA LEU B 381 -21.67 8.35 4.32
C LEU B 381 -22.15 9.01 5.61
N SER B 382 -21.72 8.46 6.73
CA SER B 382 -22.12 8.94 8.05
C SER B 382 -20.88 9.32 8.86
N LEU B 383 -21.13 10.02 9.97
CA LEU B 383 -20.04 10.44 10.84
C LEU B 383 -19.38 9.26 11.53
N ALA B 384 -20.15 8.21 11.82
CA ALA B 384 -19.59 7.02 12.46
C ALA B 384 -18.56 6.35 11.56
N HIS B 385 -18.84 6.29 10.25
CA HIS B 385 -17.86 5.73 9.31
C HIS B 385 -16.56 6.52 9.36
N LEU B 386 -16.64 7.85 9.38
CA LEU B 386 -15.45 8.67 9.47
C LEU B 386 -14.70 8.42 10.78
N ILE B 387 -15.45 8.28 11.88
CA ILE B 387 -14.82 8.01 13.17
C ILE B 387 -14.05 6.69 13.10
N GLY B 388 -14.65 5.66 12.53
CA GLY B 388 -13.95 4.39 12.39
C GLY B 388 -12.73 4.50 11.50
N ILE B 389 -12.82 5.26 10.41
CA ILE B 389 -11.70 5.36 9.47
C ILE B 389 -10.49 5.99 10.17
N PHE B 390 -10.69 7.14 10.83
CA PHE B 390 -9.52 7.74 11.45
C PHE B 390 -9.12 7.03 12.74
N THR B 391 -10.04 6.28 13.37
CA THR B 391 -9.64 5.44 14.49
C THR B 391 -8.67 4.37 14.03
N GLU B 392 -8.95 3.72 12.90
CA GLU B 392 -8.01 2.76 12.33
C GLU B 392 -6.70 3.44 11.95
N PHE B 393 -6.79 4.63 11.33
CA PHE B 393 -5.59 5.33 10.91
C PHE B 393 -4.69 5.66 12.10
N PHE B 394 -5.28 6.12 13.21
CA PHE B 394 -4.47 6.43 14.39
C PHE B 394 -4.03 5.19 15.14
N LYS B 395 -4.80 4.09 15.05
CA LYS B 395 -4.34 2.84 15.65
C LYS B 395 -3.07 2.35 14.99
N LYS B 396 -2.92 2.59 13.69
CA LYS B 396 -1.64 2.28 13.04
C LYS B 396 -0.53 3.23 13.46
N LEU B 397 -0.83 4.32 14.14
CA LEU B 397 0.17 5.25 14.63
C LEU B 397 0.57 4.99 16.09
N GLY B 398 -0.03 4.00 16.73
CA GLY B 398 0.26 3.73 18.12
C GLY B 398 -0.59 4.47 19.12
N ILE B 399 -1.74 4.99 18.71
CA ILE B 399 -2.66 5.71 19.59
C ILE B 399 -3.97 4.95 19.64
N THR B 400 -4.45 4.69 20.86
CA THR B 400 -5.58 3.78 21.05
C THR B 400 -6.86 4.47 21.51
N ASP B 401 -6.80 5.24 22.60
CA ASP B 401 -8.00 5.83 23.17
C ASP B 401 -8.10 7.30 22.74
N LEU B 402 -9.30 7.70 22.32
CA LEU B 402 -9.52 9.03 21.76
C LEU B 402 -10.77 9.66 22.36
N ARG B 403 -10.79 10.99 22.39
CA ARG B 403 -11.94 11.76 22.83
C ARG B 403 -12.22 12.87 21.83
N PHE B 404 -13.45 13.36 21.81
CA PHE B 404 -13.90 14.30 20.80
C PHE B 404 -14.47 15.55 21.45
N LYS B 405 -14.18 16.71 20.84
CA LYS B 405 -14.70 17.98 21.33
C LYS B 405 -15.29 18.78 20.17
N PRO B 406 -16.44 19.42 20.36
CA PRO B 406 -16.99 20.26 19.29
C PRO B 406 -16.07 21.44 18.98
N THR B 407 -16.10 21.87 17.72
CA THR B 407 -15.28 22.98 17.27
C THR B 407 -16.00 23.69 16.12
N TYR B 408 -15.34 24.69 15.55
CA TYR B 408 -15.89 25.47 14.46
C TYR B 408 -14.90 25.50 13.30
N ASN B 409 -15.41 25.26 12.09
CA ASN B 409 -14.63 25.34 10.87
C ASN B 409 -15.53 25.91 9.78
N PRO B 410 -15.03 26.88 9.00
CA PRO B 410 -15.93 27.58 8.06
C PRO B 410 -16.58 26.69 7.02
N TYR B 411 -15.90 25.67 6.52
CA TYR B 411 -16.41 24.90 5.39
C TYR B 411 -16.81 23.48 5.74
N THR B 412 -16.82 23.11 7.02
CA THR B 412 -17.26 21.78 7.42
C THR B 412 -18.29 21.90 8.53
N GLU B 413 -19.32 21.08 8.44
CA GLU B 413 -20.39 21.02 9.44
C GLU B 413 -21.11 19.69 9.34
N PRO B 414 -21.15 18.88 10.41
CA PRO B 414 -20.55 19.06 11.74
C PRO B 414 -19.03 18.93 11.73
N SER B 415 -18.36 19.48 12.74
CA SER B 415 -16.92 19.40 12.86
C SER B 415 -16.56 19.01 14.28
N MET B 416 -15.37 18.44 14.45
CA MET B 416 -14.93 17.99 15.76
C MET B 416 -13.41 18.03 15.83
N GLU B 417 -12.91 17.92 17.05
CA GLU B 417 -11.48 17.96 17.31
C GLU B 417 -11.10 16.76 18.17
N ILE B 418 -9.99 16.12 17.85
CA ILE B 418 -9.62 14.83 18.42
C ILE B 418 -8.54 15.03 19.47
N PHE B 419 -8.73 14.41 20.63
CA PHE B 419 -7.80 14.49 21.76
C PHE B 419 -7.34 13.10 22.14
N ALA B 420 -6.08 12.98 22.55
CA ALA B 420 -5.49 11.73 23.01
C ALA B 420 -4.76 11.98 24.32
N TYR B 421 -4.76 10.96 25.20
CA TYR B 421 -4.10 11.10 26.48
C TYR B 421 -2.59 11.01 26.33
N HIS B 422 -1.88 11.90 27.01
CA HIS B 422 -0.42 11.93 27.00
C HIS B 422 0.07 11.72 28.43
N LYS B 423 0.95 10.73 28.60
CA LYS B 423 1.49 10.39 29.91
C LYS B 423 2.70 11.22 30.30
N GLY B 424 3.42 11.78 29.33
CA GLY B 424 4.55 12.64 29.65
C GLY B 424 4.12 13.87 30.43
N LEU B 425 2.95 14.42 30.11
CA LEU B 425 2.38 15.54 30.84
C LEU B 425 1.12 15.14 31.60
N ALA B 426 0.65 13.90 31.44
CA ALA B 426 -0.53 13.40 32.14
C ALA B 426 -1.75 14.28 31.87
N LYS B 427 -2.04 14.51 30.59
CA LYS B 427 -3.16 15.36 30.22
C LYS B 427 -3.59 15.03 28.80
N TRP B 428 -4.78 15.50 28.44
CA TRP B 428 -5.29 15.28 27.08
C TRP B 428 -4.76 16.35 26.15
N VAL B 429 -4.30 15.93 24.97
CA VAL B 429 -3.67 16.82 24.00
C VAL B 429 -4.38 16.66 22.66
N GLU B 430 -4.63 17.77 21.99
CA GLU B 430 -5.23 17.75 20.66
C GLU B 430 -4.25 17.17 19.64
N ILE B 431 -4.77 16.34 18.74
CA ILE B 431 -3.93 15.61 17.80
C ILE B 431 -4.35 15.80 16.34
N GLY B 432 -5.60 16.16 16.08
CA GLY B 432 -6.04 16.35 14.72
C GLY B 432 -7.47 16.85 14.68
N ASN B 433 -8.02 16.92 13.47
CA ASN B 433 -9.40 17.36 13.32
C ASN B 433 -10.05 16.67 12.14
N SER B 434 -11.37 16.80 12.04
CA SER B 434 -12.13 16.16 10.97
C SER B 434 -13.42 16.93 10.76
N GLY B 435 -14.23 16.46 9.82
CA GLY B 435 -15.52 17.05 9.57
C GLY B 435 -16.02 16.73 8.18
N MET B 436 -17.29 17.05 7.96
CA MET B 436 -17.96 16.80 6.69
C MET B 436 -18.30 18.12 6.01
N PHE B 437 -18.00 18.21 4.71
CA PHE B 437 -18.14 19.46 3.99
C PHE B 437 -19.61 19.88 3.89
N ARG B 438 -19.81 21.19 3.76
CA ARG B 438 -21.16 21.73 3.70
C ARG B 438 -21.80 21.44 2.34
N PRO B 439 -23.12 21.24 2.31
CA PRO B 439 -23.81 21.06 1.02
C PRO B 439 -23.72 22.27 0.11
N GLU B 440 -23.44 23.44 0.65
CA GLU B 440 -23.39 24.66 -0.14
C GLU B 440 -22.14 24.77 -1.00
N MET B 441 -21.14 23.91 -0.78
CA MET B 441 -19.96 23.85 -1.64
C MET B 441 -19.88 22.56 -2.42
N LEU B 442 -20.92 21.75 -2.41
CA LEU B 442 -20.96 20.50 -3.16
C LEU B 442 -22.03 20.49 -4.23
N LEU B 443 -23.25 20.90 -3.90
CA LEU B 443 -24.33 20.91 -4.88
C LEU B 443 -24.03 21.78 -6.09
N PRO B 444 -23.49 23.00 -5.97
CA PRO B 444 -23.12 23.74 -7.18
C PRO B 444 -22.11 23.03 -8.06
N MET B 445 -21.23 22.20 -7.48
CA MET B 445 -20.30 21.43 -8.31
C MET B 445 -21.03 20.47 -9.23
N GLY B 446 -22.07 19.82 -8.73
CA GLY B 446 -22.85 18.91 -9.53
C GLY B 446 -22.99 17.53 -8.93
N LEU B 447 -22.47 17.35 -7.72
CA LEU B 447 -22.54 16.05 -7.07
C LEU B 447 -24.00 15.68 -6.78
N PRO B 448 -24.32 14.39 -6.79
CA PRO B 448 -25.69 13.97 -6.47
C PRO B 448 -26.04 14.30 -5.03
N ALA B 449 -27.34 14.46 -4.80
CA ALA B 449 -27.84 14.83 -3.48
C ALA B 449 -27.67 13.73 -2.44
N ASP B 450 -27.33 12.50 -2.86
CA ASP B 450 -27.20 11.38 -1.94
C ASP B 450 -25.76 11.12 -1.52
N VAL B 451 -24.82 11.94 -1.97
CA VAL B 451 -23.40 11.71 -1.75
C VAL B 451 -22.94 12.62 -0.61
N ASN B 452 -22.27 12.03 0.39
CA ASN B 452 -21.68 12.79 1.47
C ASN B 452 -20.17 12.70 1.38
N VAL B 453 -19.50 13.84 1.51
CA VAL B 453 -18.06 13.92 1.43
C VAL B 453 -17.54 14.30 2.81
N ALA B 454 -16.67 13.48 3.36
CA ALA B 454 -16.07 13.71 4.67
C ALA B 454 -14.57 13.84 4.52
N GLY B 455 -13.92 14.38 5.54
CA GLY B 455 -12.49 14.53 5.51
C GLY B 455 -11.92 14.64 6.90
N TYR B 456 -10.63 14.35 7.03
CA TYR B 456 -9.93 14.53 8.28
C TYR B 456 -8.50 14.96 7.97
N GLY B 457 -7.82 15.49 8.97
CA GLY B 457 -6.50 16.04 8.72
C GLY B 457 -5.73 16.31 10.00
N LEU B 458 -4.45 16.55 9.80
CA LEU B 458 -3.53 16.86 10.89
C LEU B 458 -2.29 17.51 10.29
N SER B 459 -1.32 17.81 11.15
CA SER B 459 -0.05 18.36 10.71
C SER B 459 0.97 17.25 10.53
N LEU B 460 2.21 17.64 10.29
CA LEU B 460 3.31 16.69 10.16
C LEU B 460 4.44 16.94 11.15
N GLU B 461 4.64 18.17 11.60
CA GLU B 461 5.75 18.48 12.49
C GLU B 461 5.50 18.00 13.91
N ARG B 462 4.26 18.08 14.39
CA ARG B 462 3.98 17.72 15.77
C ARG B 462 4.24 16.24 16.07
N PRO B 463 3.74 15.27 15.30
CA PRO B 463 4.11 13.88 15.56
C PRO B 463 5.59 13.62 15.46
N THR B 464 6.29 14.27 14.52
CA THR B 464 7.72 14.08 14.40
C THR B 464 8.45 14.59 15.64
N MET B 465 8.08 15.78 16.13
CA MET B 465 8.70 16.33 17.32
C MET B 465 8.44 15.46 18.54
N ILE B 466 7.21 14.94 18.67
CA ILE B 466 6.91 14.06 19.79
C ILE B 466 7.71 12.77 19.70
N LYS B 467 7.77 12.16 18.51
CA LYS B 467 8.42 10.87 18.36
C LYS B 467 9.93 10.98 18.58
N TYR B 468 10.58 11.92 17.90
CA TYR B 468 12.03 12.02 17.97
C TYR B 468 12.52 12.87 19.14
N GLY B 469 11.62 13.47 19.91
CA GLY B 469 12.03 14.30 21.02
C GLY B 469 12.75 15.56 20.58
N ILE B 470 12.06 16.43 19.85
CA ILE B 470 12.62 17.67 19.33
C ILE B 470 11.86 18.82 19.95
N ASN B 471 12.61 19.79 20.51
CA ASN B 471 11.99 20.94 21.17
C ASN B 471 11.76 22.10 20.20
N ASN B 472 12.83 22.56 19.57
CA ASN B 472 12.75 23.70 18.66
C ASN B 472 12.58 23.20 17.23
N ILE B 473 11.51 23.64 16.56
CA ILE B 473 11.25 23.19 15.21
C ILE B 473 12.28 23.76 14.23
N ARG B 474 12.82 24.94 14.50
CA ARG B 474 13.79 25.55 13.61
C ARG B 474 15.09 24.76 13.51
N ASP B 475 15.33 23.84 14.44
CA ASP B 475 16.48 22.94 14.31
C ASP B 475 16.25 21.85 13.28
N LEU B 476 15.04 21.73 12.74
CA LEU B 476 14.69 20.69 11.80
C LEU B 476 14.27 21.21 10.44
N PHE B 477 13.72 22.42 10.36
CA PHE B 477 13.16 22.97 9.13
C PHE B 477 13.73 24.36 8.91
N GLY B 478 14.25 24.61 7.71
CA GLY B 478 14.78 25.90 7.36
C GLY B 478 16.29 25.85 7.15
N SER B 479 16.88 27.04 7.04
CA SER B 479 18.31 27.15 6.82
C SER B 479 19.11 27.04 8.11
N LYS B 480 18.47 27.04 9.27
CA LYS B 480 19.14 26.90 10.55
C LYS B 480 19.13 25.47 11.07
N ILE B 481 18.95 24.50 10.17
CA ILE B 481 18.82 23.10 10.58
C ILE B 481 20.12 22.61 11.18
N ASP B 482 20.02 21.80 12.23
CA ASP B 482 21.18 21.19 12.86
C ASP B 482 21.42 19.83 12.23
N LEU B 483 22.59 19.65 11.62
CA LEU B 483 22.85 18.40 10.90
C LEU B 483 23.16 17.24 11.85
N GLU B 484 23.57 17.52 13.08
CA GLU B 484 23.81 16.43 14.03
C GLU B 484 22.53 15.66 14.34
N VAL B 485 21.38 16.35 14.34
CA VAL B 485 20.10 15.67 14.51
C VAL B 485 19.83 14.75 13.32
N VAL B 486 20.17 15.21 12.11
CA VAL B 486 19.93 14.40 10.92
C VAL B 486 20.83 13.17 10.91
N TYR B 487 22.10 13.33 11.30
CA TYR B 487 23.03 12.22 11.25
C TYR B 487 22.62 11.10 12.20
N ASN B 488 22.35 11.44 13.47
CA ASN B 488 21.99 10.46 14.49
C ASN B 488 20.48 10.26 14.56
N ASN B 489 19.88 9.88 13.44
CA ASN B 489 18.43 9.73 13.36
C ASN B 489 18.08 8.27 13.14
N PRO B 490 17.31 7.63 14.02
CA PRO B 490 16.93 6.23 13.83
C PRO B 490 15.83 6.09 12.78
N ILE B 491 15.50 4.85 12.46
CA ILE B 491 14.45 4.59 11.49
C ILE B 491 13.09 4.91 12.11
N CYS B 492 12.08 5.01 11.26
CA CYS B 492 10.75 5.44 11.70
C CYS B 492 9.93 4.20 12.06
N ARG B 493 10.03 3.79 13.32
CA ARG B 493 9.19 2.73 13.86
C ARG B 493 8.00 3.35 14.60
N LEU B 494 7.12 3.98 13.81
CA LEU B 494 6.03 4.75 14.37
C LEU B 494 5.02 3.88 15.11
N ASP B 495 4.97 2.58 14.82
CA ASP B 495 4.08 1.69 15.55
C ASP B 495 4.58 1.40 16.95
N LYS B 496 5.88 1.55 17.18
CA LYS B 496 6.47 1.31 18.50
C LYS B 496 5.95 2.32 19.52
N PRO C 2 -12.68 34.81 19.37
CA PRO C 2 -12.63 35.90 20.35
C PRO C 2 -12.33 35.41 21.76
N THR C 3 -11.57 36.18 22.51
CA THR C 3 -11.20 35.85 23.89
C THR C 3 -11.89 36.83 24.83
N VAL C 4 -12.59 36.29 25.83
CA VAL C 4 -13.36 37.09 26.76
C VAL C 4 -12.83 36.85 28.16
N GLY C 5 -12.50 37.93 28.87
CA GLY C 5 -12.06 37.85 30.24
C GLY C 5 -13.18 38.22 31.19
N ILE C 6 -13.50 37.29 32.09
CA ILE C 6 -14.63 37.45 33.01
C ILE C 6 -14.16 37.21 34.43
N LYS C 7 -14.59 38.07 35.35
CA LYS C 7 -14.25 37.90 36.76
C LYS C 7 -14.84 36.60 37.31
N LYS C 8 -14.10 35.95 38.19
CA LYS C 8 -14.57 34.70 38.77
C LYS C 8 -15.79 34.92 39.64
N VAL C 9 -15.80 35.98 40.45
CA VAL C 9 -16.95 36.26 41.29
C VAL C 9 -18.18 36.59 40.45
N LEU C 10 -17.98 37.27 39.32
CA LEU C 10 -19.09 37.55 38.42
C LEU C 10 -19.66 36.26 37.85
N LEU C 11 -18.78 35.32 37.49
CA LEU C 11 -19.23 34.00 37.02
C LEU C 11 -20.03 33.29 38.11
N ASP C 12 -19.56 33.35 39.35
CA ASP C 12 -20.29 32.72 40.44
C ASP C 12 -21.65 33.36 40.63
N LYS C 13 -21.72 34.68 40.53
CA LYS C 13 -22.99 35.37 40.69
C LYS C 13 -23.98 34.99 39.59
N HIS C 14 -23.51 34.95 38.34
CA HIS C 14 -24.42 34.71 37.22
C HIS C 14 -24.84 33.23 37.15
N PHE C 15 -23.90 32.31 37.33
CA PHE C 15 -24.23 30.89 37.25
C PHE C 15 -25.13 30.48 38.40
N GLY C 16 -24.90 31.01 39.60
CA GLY C 16 -25.67 30.64 40.77
C GLY C 16 -24.98 29.66 41.69
N ARG C 17 -23.82 29.12 41.31
CA ARG C 17 -23.07 28.20 42.15
C ARG C 17 -21.59 28.38 41.86
N VAL C 18 -20.77 28.09 42.86
CA VAL C 18 -19.33 28.26 42.73
C VAL C 18 -18.74 27.00 42.09
N TYR C 19 -18.09 27.17 40.95
CA TYR C 19 -17.44 26.08 40.24
C TYR C 19 -15.95 26.08 40.54
N THR C 20 -15.40 24.89 40.78
CA THR C 20 -13.96 24.75 40.85
C THR C 20 -13.37 24.81 39.46
N GLU C 21 -12.04 24.84 39.38
CA GLU C 21 -11.37 24.90 38.09
C GLU C 21 -11.67 23.66 37.25
N LYS C 22 -11.63 22.48 37.87
CA LYS C 22 -11.86 21.25 37.13
C LYS C 22 -13.29 21.16 36.60
N GLU C 23 -14.26 21.54 37.43
CA GLU C 23 -15.66 21.49 36.99
C GLU C 23 -15.90 22.42 35.81
N PHE C 24 -15.35 23.63 35.88
CA PHE C 24 -15.52 24.59 34.79
C PHE C 24 -14.81 24.12 33.54
N ASP C 25 -13.62 23.52 33.69
CA ASP C 25 -12.90 23.01 32.51
C ASP C 25 -13.68 21.88 31.85
N GLU C 26 -14.26 20.98 32.65
CA GLU C 26 -15.08 19.92 32.09
C GLU C 26 -16.33 20.48 31.40
N LEU C 27 -16.94 21.50 32.00
CA LEU C 27 -18.11 22.11 31.38
C LEU C 27 -17.75 22.75 30.05
N CYS C 28 -16.59 23.41 29.97
CA CYS C 28 -16.13 23.96 28.71
C CYS C 28 -15.86 22.87 27.69
N PHE C 29 -15.25 21.76 28.10
CA PHE C 29 -14.99 20.66 27.18
C PHE C 29 -16.28 20.05 26.65
N GLU C 30 -17.33 20.05 27.46
CA GLU C 30 -18.61 19.48 27.01
C GLU C 30 -19.28 20.33 25.94
N TYR C 31 -19.19 21.66 26.05
CA TYR C 31 -19.94 22.54 25.15
C TYR C 31 -19.14 23.01 23.95
N GLY C 32 -17.82 23.14 24.08
CA GLY C 32 -17.00 23.53 22.95
C GLY C 32 -16.10 24.72 23.22
N LEU C 33 -16.20 25.29 24.41
CA LEU C 33 -15.37 26.41 24.80
C LEU C 33 -13.99 25.92 25.21
N GLU C 34 -13.16 26.84 25.73
CA GLU C 34 -11.84 26.48 26.20
C GLU C 34 -11.37 27.52 27.21
N LEU C 35 -11.00 27.06 28.40
CA LEU C 35 -10.47 27.95 29.44
C LEU C 35 -9.00 28.19 29.13
N ASP C 36 -8.68 29.36 28.58
CA ASP C 36 -7.31 29.63 28.17
C ASP C 36 -6.40 29.82 29.37
N GLU C 37 -6.68 30.84 30.19
CA GLU C 37 -5.82 31.15 31.32
C GLU C 37 -6.66 31.65 32.48
N ILE C 38 -6.07 31.55 33.68
CA ILE C 38 -6.64 32.08 34.91
C ILE C 38 -5.65 33.08 35.46
N THR C 39 -6.11 34.31 35.71
CA THR C 39 -5.21 35.33 36.26
C THR C 39 -6.05 36.35 37.01
N SER C 40 -5.67 36.67 38.24
CA SER C 40 -6.38 37.71 38.95
C SER C 40 -6.18 39.05 38.25
N GLU C 41 -7.21 39.90 38.30
CA GLU C 41 -7.12 41.19 37.63
C GLU C 41 -5.96 42.01 38.17
N LYS C 42 -5.68 41.88 39.47
CA LYS C 42 -4.44 42.43 40.01
C LYS C 42 -3.23 41.86 39.28
N ALA C 43 -3.14 40.53 39.20
CA ALA C 43 -2.04 39.91 38.47
C ALA C 43 -2.16 40.15 36.98
N ALA C 44 -3.38 40.30 36.46
CA ALA C 44 -3.55 40.60 35.04
C ALA C 44 -2.90 41.93 34.69
N VAL C 45 -3.12 42.96 35.52
CA VAL C 45 -2.44 44.23 35.31
C VAL C 45 -0.95 44.09 35.62
N GLU C 46 -0.59 43.26 36.59
CA GLU C 46 0.80 43.11 37.00
C GLU C 46 1.66 42.55 35.86
N LYS C 47 1.13 41.58 35.13
CA LYS C 47 1.90 40.91 34.07
C LYS C 47 1.30 41.14 32.69
N GLU C 48 0.44 42.14 32.52
CA GLU C 48 -0.13 42.42 31.20
C GLU C 48 0.90 43.04 30.27
N ARG C 49 1.67 44.00 30.78
CA ARG C 49 2.76 44.61 30.03
C ARG C 49 4.11 44.05 30.45
N GLY C 50 4.13 42.98 31.23
CA GLY C 50 5.36 42.43 31.75
C GLY C 50 5.36 42.46 33.27
N GLU C 51 5.95 41.45 33.91
CA GLU C 51 5.94 41.38 35.36
C GLU C 51 6.69 42.55 36.00
N ALA C 52 7.60 43.18 35.26
CA ALA C 52 8.28 44.36 35.78
C ALA C 52 7.30 45.50 36.02
N ALA C 53 6.37 45.71 35.09
CA ALA C 53 5.34 46.75 35.22
C ALA C 53 4.19 46.16 36.03
N ALA C 54 4.39 46.11 37.35
CA ALA C 54 3.44 45.48 38.26
C ALA C 54 2.37 46.50 38.67
N GLY C 55 1.11 46.17 38.39
CA GLY C 55 0.00 46.99 38.81
C GLY C 55 -0.99 46.24 39.67
N GLU C 56 -1.07 46.61 40.95
CA GLU C 56 -1.96 45.94 41.91
C GLU C 56 -3.11 46.83 42.34
N ASP C 57 -3.41 47.88 41.59
CA ASP C 57 -4.47 48.81 41.96
C ASP C 57 -5.86 48.31 41.58
N LEU C 58 -5.96 47.21 40.84
CA LEU C 58 -7.23 46.67 40.42
C LEU C 58 -7.64 45.51 41.32
N ASN C 59 -8.73 44.85 40.96
CA ASN C 59 -9.30 43.80 41.80
C ASN C 59 -8.38 42.60 41.85
N ASP C 60 -8.27 42.00 43.03
CA ASP C 60 -7.48 40.78 43.22
C ASP C 60 -8.25 39.52 42.89
N GLN C 61 -9.53 39.64 42.52
CA GLN C 61 -10.32 38.48 42.16
C GLN C 61 -9.85 37.89 40.84
N GLU C 62 -10.01 36.58 40.71
CA GLU C 62 -9.54 35.88 39.52
C GLU C 62 -10.37 36.27 38.30
N VAL C 63 -9.75 36.19 37.13
CA VAL C 63 -10.39 36.42 35.84
C VAL C 63 -10.05 35.24 34.94
N TYR C 64 -11.07 34.67 34.32
CA TYR C 64 -10.90 33.57 33.39
C TYR C 64 -10.92 34.12 31.97
N LYS C 65 -9.98 33.64 31.14
CA LYS C 65 -9.95 33.95 29.72
C LYS C 65 -10.56 32.77 28.96
N ILE C 66 -11.67 33.02 28.29
CA ILE C 66 -12.44 31.97 27.62
C ILE C 66 -12.46 32.25 26.14
N ASP C 67 -12.16 31.22 25.34
CA ASP C 67 -12.21 31.33 23.89
C ASP C 67 -13.62 31.02 23.40
N ILE C 68 -14.11 31.85 22.47
CA ILE C 68 -15.46 31.74 21.96
C ILE C 68 -15.41 31.36 20.48
N PRO C 69 -16.29 30.49 20.01
CA PRO C 69 -16.33 30.20 18.56
C PRO C 69 -16.57 31.46 17.75
N ALA C 70 -15.91 31.53 16.60
CA ALA C 70 -15.94 32.76 15.80
C ALA C 70 -17.32 33.05 15.22
N ASN C 71 -18.17 32.05 15.06
CA ASN C 71 -19.50 32.26 14.50
C ASN C 71 -20.57 32.41 15.57
N ARG C 72 -20.19 32.43 16.85
CA ARG C 72 -21.14 32.63 17.94
C ARG C 72 -21.01 34.07 18.43
N TYR C 73 -22.09 34.82 18.32
CA TYR C 73 -22.09 36.23 18.70
C TYR C 73 -22.71 36.50 20.06
N ASP C 74 -23.63 35.64 20.50
CA ASP C 74 -24.28 35.82 21.79
C ASP C 74 -23.43 35.35 22.96
N LEU C 75 -22.27 34.75 22.70
CA LEU C 75 -21.38 34.28 23.76
C LEU C 75 -20.23 35.25 24.02
N LEU C 76 -20.38 36.51 23.62
CA LEU C 76 -19.33 37.50 23.80
C LEU C 76 -19.42 38.24 25.13
N SER C 77 -20.39 37.92 25.96
CA SER C 77 -20.52 38.54 27.27
C SER C 77 -21.07 37.51 28.25
N VAL C 78 -20.88 37.79 29.54
CA VAL C 78 -21.30 36.85 30.57
C VAL C 78 -22.81 36.65 30.54
N GLU C 79 -23.56 37.69 30.14
CA GLU C 79 -25.02 37.59 30.13
C GLU C 79 -25.49 36.50 29.17
N GLY C 80 -24.87 36.41 28.00
CA GLY C 80 -25.26 35.40 27.03
C GLY C 80 -24.64 34.06 27.30
N LEU C 81 -23.37 34.06 27.73
CA LEU C 81 -22.68 32.81 28.01
C LEU C 81 -23.35 32.04 29.14
N SER C 82 -23.65 32.72 30.25
CA SER C 82 -24.31 32.06 31.37
C SER C 82 -25.68 31.56 30.98
N ARG C 83 -26.44 32.36 30.22
CA ARG C 83 -27.77 31.93 29.78
C ARG C 83 -27.68 30.68 28.93
N ALA C 84 -26.75 30.67 27.96
CA ALA C 84 -26.62 29.51 27.09
C ALA C 84 -26.23 28.26 27.86
N ILE C 85 -25.27 28.39 28.78
CA ILE C 85 -24.82 27.21 29.53
C ILE C 85 -25.93 26.71 30.44
N ARG C 86 -26.64 27.62 31.12
CA ARG C 86 -27.70 27.18 32.01
C ARG C 86 -28.87 26.57 31.26
N ILE C 87 -29.16 27.03 30.04
CA ILE C 87 -30.16 26.35 29.23
C ILE C 87 -29.65 24.97 28.81
N PHE C 88 -28.35 24.86 28.52
CA PHE C 88 -27.78 23.59 28.11
C PHE C 88 -27.91 22.54 29.20
N LYS C 89 -27.69 22.93 30.46
CA LYS C 89 -27.79 22.00 31.58
C LYS C 89 -29.21 21.87 32.11
N GLN C 90 -30.18 22.54 31.49
CA GLN C 90 -31.59 22.48 31.88
C GLN C 90 -31.81 23.03 33.29
N GLU C 91 -31.29 24.24 33.53
CA GLU C 91 -31.52 24.95 34.77
C GLU C 91 -32.69 25.93 34.66
N ILE C 92 -32.70 26.73 33.59
CA ILE C 92 -33.69 27.78 33.39
C ILE C 92 -34.35 27.59 32.04
N GLU C 93 -35.51 28.21 31.88
CA GLU C 93 -36.24 28.16 30.63
C GLU C 93 -35.70 29.20 29.66
N SER C 94 -35.74 28.87 28.37
CA SER C 94 -35.24 29.78 27.35
C SER C 94 -36.11 31.03 27.29
N PRO C 95 -35.51 32.22 27.29
CA PRO C 95 -36.32 33.44 27.28
C PRO C 95 -36.98 33.68 25.93
N GLU C 96 -38.02 34.51 25.95
CA GLU C 96 -38.74 34.90 24.75
C GLU C 96 -38.67 36.41 24.60
N TYR C 97 -38.37 36.88 23.39
CA TYR C 97 -38.18 38.29 23.10
C TYR C 97 -39.40 38.83 22.35
N ARG C 98 -39.93 39.94 22.84
CA ARG C 98 -41.13 40.54 22.27
C ARG C 98 -40.93 42.05 22.12
N PHE C 99 -41.92 42.72 21.55
CA PHE C 99 -41.91 44.15 21.33
C PHE C 99 -42.80 44.84 22.35
N SER C 100 -42.33 45.97 22.88
CA SER C 100 -43.07 46.74 23.86
C SER C 100 -43.87 47.84 23.16
N ASP C 101 -45.16 47.90 23.45
CA ASP C 101 -46.02 48.89 22.81
C ASP C 101 -45.70 50.27 23.33
N THR C 102 -45.56 51.23 22.42
CA THR C 102 -45.29 52.62 22.77
C THR C 102 -46.01 53.52 21.78
N LYS C 103 -46.77 54.48 22.30
CA LYS C 103 -47.56 55.36 21.45
C LYS C 103 -46.70 56.41 20.74
N THR C 104 -45.49 56.65 21.23
CA THR C 104 -44.60 57.66 20.65
C THR C 104 -43.27 57.01 20.31
N ARG C 105 -43.01 56.81 19.02
CA ARG C 105 -41.78 56.21 18.55
C ARG C 105 -40.79 57.28 18.10
N GLN C 106 -39.51 57.01 18.31
CA GLN C 106 -38.47 57.87 17.79
C GLN C 106 -38.38 57.73 16.27
N LYS C 107 -37.84 58.76 15.62
CA LYS C 107 -37.81 58.79 14.17
C LYS C 107 -36.45 59.29 13.70
N ILE C 108 -35.97 58.71 12.59
CA ILE C 108 -34.73 59.13 11.96
C ILE C 108 -35.03 59.41 10.49
N ILE C 109 -34.59 60.56 9.99
CA ILE C 109 -34.80 60.96 8.61
C ILE C 109 -33.44 61.02 7.91
N VAL C 110 -33.30 60.28 6.82
CA VAL C 110 -32.02 60.11 6.13
C VAL C 110 -31.99 61.06 4.94
N LYS C 111 -30.88 61.79 4.80
CA LYS C 111 -30.72 62.73 3.70
C LYS C 111 -30.13 62.02 2.47
N ARG C 112 -30.30 62.67 1.31
CA ARG C 112 -29.86 62.06 0.06
C ARG C 112 -28.35 61.93 -0.01
N GLU C 113 -27.63 62.98 0.37
CA GLU C 113 -26.18 62.99 0.25
C GLU C 113 -25.52 61.86 1.03
N THR C 114 -26.18 61.35 2.07
CA THR C 114 -25.64 60.24 2.84
C THR C 114 -25.48 58.97 2.01
N ALA C 115 -26.12 58.90 0.85
CA ALA C 115 -25.90 57.77 -0.05
C ALA C 115 -24.50 57.74 -0.62
N GLN C 116 -23.72 58.81 -0.46
CA GLN C 116 -22.37 58.83 -1.00
C GLN C 116 -21.37 58.11 -0.11
N VAL C 117 -21.58 58.09 1.20
CA VAL C 117 -20.58 57.55 2.11
C VAL C 117 -21.15 56.40 2.95
N ARG C 118 -22.16 56.69 3.78
CA ARG C 118 -22.72 55.71 4.71
C ARG C 118 -24.23 55.68 4.51
N PRO C 119 -24.72 54.83 3.60
CA PRO C 119 -26.14 54.91 3.21
C PRO C 119 -27.12 54.18 4.11
N TYR C 120 -26.68 53.37 5.07
CA TYR C 120 -27.62 52.57 5.85
C TYR C 120 -27.53 52.92 7.34
N VAL C 121 -28.69 52.90 8.00
CA VAL C 121 -28.77 53.23 9.42
C VAL C 121 -29.95 52.47 10.03
N VAL C 122 -29.75 51.96 11.24
CA VAL C 122 -30.79 51.27 12.02
C VAL C 122 -30.71 51.74 13.46
N GLY C 123 -31.76 51.48 14.22
CA GLY C 123 -31.79 51.94 15.60
C GLY C 123 -32.79 51.19 16.46
N ALA C 124 -32.60 51.33 17.77
CA ALA C 124 -33.48 50.73 18.78
C ALA C 124 -33.35 51.52 20.08
N VAL C 125 -34.30 51.30 20.98
CA VAL C 125 -34.34 52.00 22.26
C VAL C 125 -34.50 50.98 23.38
N LEU C 126 -33.66 51.08 24.40
CA LEU C 126 -33.81 50.32 25.64
C LEU C 126 -34.37 51.25 26.72
N ARG C 127 -35.47 50.82 27.34
CA ARG C 127 -36.20 51.67 28.26
C ARG C 127 -36.12 51.12 29.68
N ASP C 128 -36.00 52.04 30.64
CA ASP C 128 -35.97 51.71 32.06
C ASP C 128 -34.81 50.76 32.40
N VAL C 129 -33.60 51.21 32.08
CA VAL C 129 -32.42 50.41 32.35
C VAL C 129 -32.05 50.50 33.83
N SER C 130 -31.31 49.50 34.30
CA SER C 130 -30.87 49.42 35.69
C SER C 130 -29.39 49.05 35.76
N PHE C 131 -28.56 49.79 35.02
CA PHE C 131 -27.14 49.52 34.97
C PHE C 131 -26.50 49.70 36.35
N ASP C 132 -25.50 48.88 36.63
CA ASP C 132 -24.67 49.03 37.83
C ASP C 132 -23.20 49.01 37.43
N SER C 133 -22.30 48.86 38.39
CA SER C 133 -20.87 48.97 38.11
C SER C 133 -20.41 47.92 37.11
N ASP C 134 -20.88 46.68 37.25
CA ASP C 134 -20.38 45.60 36.40
C ASP C 134 -21.09 45.56 35.05
N SER C 135 -22.40 45.81 35.03
CA SER C 135 -23.15 45.74 33.79
C SER C 135 -22.70 46.80 32.80
N TYR C 136 -22.31 47.98 33.30
CA TYR C 136 -21.82 49.03 32.42
C TYR C 136 -20.52 48.64 31.75
N ALA C 137 -19.60 48.05 32.51
CA ALA C 137 -18.34 47.59 31.92
C ALA C 137 -18.58 46.48 30.91
N SER C 138 -19.50 45.56 31.23
CA SER C 138 -19.86 44.51 30.27
C SER C 138 -20.47 45.10 29.00
N PHE C 139 -21.29 46.13 29.16
CA PHE C 139 -21.92 46.78 28.01
C PHE C 139 -20.88 47.42 27.10
N ILE C 140 -19.86 48.05 27.69
CA ILE C 140 -18.79 48.63 26.89
C ILE C 140 -17.97 47.54 26.21
N ASP C 141 -17.68 46.46 26.94
CA ASP C 141 -16.84 45.40 26.40
C ASP C 141 -17.52 44.69 25.22
N LEU C 142 -18.83 44.51 25.29
CA LEU C 142 -19.55 43.89 24.17
C LEU C 142 -19.42 44.73 22.90
N GLN C 143 -19.58 46.05 23.03
CA GLN C 143 -19.41 46.92 21.87
C GLN C 143 -17.99 46.85 21.34
N ASP C 144 -17.00 46.81 22.23
CA ASP C 144 -15.62 46.71 21.78
C ASP C 144 -15.40 45.43 20.99
N LYS C 145 -15.90 44.29 21.49
CA LYS C 145 -15.72 43.03 20.78
C LYS C 145 -16.42 43.05 19.42
N LEU C 146 -17.65 43.57 19.38
CA LEU C 146 -18.37 43.62 18.10
C LEU C 146 -17.66 44.51 17.09
N HIS C 147 -17.15 45.66 17.53
CA HIS C 147 -16.40 46.52 16.63
C HIS C 147 -15.09 45.89 16.19
N GLN C 148 -14.50 45.00 17.01
CA GLN C 148 -13.23 44.40 16.64
C GLN C 148 -13.37 43.16 15.75
N ASN C 149 -14.51 42.46 15.78
CA ASN C 149 -14.62 41.19 15.07
C ASN C 149 -15.55 41.24 13.86
N ILE C 150 -16.83 41.51 14.06
CA ILE C 150 -17.79 41.39 12.96
C ILE C 150 -17.87 42.68 12.15
N CYS C 151 -17.74 43.83 12.80
CA CYS C 151 -17.80 45.10 12.10
C CYS C 151 -16.56 45.38 11.25
N ARG C 152 -15.54 44.53 11.35
CA ARG C 152 -14.31 44.66 10.57
C ARG C 152 -13.62 45.99 10.86
N LYS C 153 -13.25 46.16 12.13
CA LYS C 153 -12.54 47.35 12.60
C LYS C 153 -13.31 48.62 12.26
N ARG C 154 -14.63 48.57 12.45
CA ARG C 154 -15.55 49.70 12.28
C ARG C 154 -15.64 50.17 10.83
N THR C 155 -15.01 49.46 9.90
CA THR C 155 -15.09 49.85 8.50
C THR C 155 -16.49 49.67 7.93
N LEU C 156 -17.17 48.60 8.32
CA LEU C 156 -18.49 48.29 7.77
C LEU C 156 -19.61 48.84 8.64
N VAL C 157 -19.61 48.53 9.93
CA VAL C 157 -20.69 48.92 10.83
C VAL C 157 -20.10 49.69 12.00
N ALA C 158 -20.82 50.71 12.46
CA ALA C 158 -20.44 51.48 13.64
C ALA C 158 -21.64 51.63 14.55
N ILE C 159 -21.39 51.58 15.86
CA ILE C 159 -22.42 51.57 16.88
C ILE C 159 -22.29 52.83 17.73
N GLY C 160 -23.43 53.43 18.07
CA GLY C 160 -23.45 54.58 18.96
C GLY C 160 -24.56 54.48 19.98
N THR C 161 -24.28 54.88 21.22
CA THR C 161 -25.26 54.87 22.29
C THR C 161 -25.37 56.25 22.91
N HIS C 162 -26.60 56.67 23.18
CA HIS C 162 -26.86 58.01 23.71
C HIS C 162 -27.92 57.92 24.79
N ASP C 163 -27.98 58.97 25.62
CA ASP C 163 -29.04 59.08 26.61
C ASP C 163 -30.27 59.70 25.97
N LEU C 164 -31.41 59.03 26.09
CA LEU C 164 -32.62 59.48 25.40
C LEU C 164 -33.21 60.73 26.04
N ASP C 165 -32.89 61.02 27.29
CA ASP C 165 -33.49 62.17 27.96
C ASP C 165 -32.72 63.47 27.73
N THR C 166 -31.41 63.40 27.55
CA THR C 166 -30.63 64.62 27.35
C THR C 166 -30.82 65.21 25.97
N ILE C 167 -31.41 64.46 25.03
CA ILE C 167 -31.68 64.95 23.69
C ILE C 167 -33.15 64.71 23.38
N GLN C 168 -33.66 65.44 22.39
CA GLN C 168 -35.08 65.38 22.09
C GLN C 168 -35.29 65.76 20.63
N GLY C 169 -36.36 65.21 20.04
CA GLY C 169 -36.78 65.58 18.71
C GLY C 169 -36.46 64.52 17.67
N PRO C 170 -37.16 64.58 16.53
CA PRO C 170 -36.88 63.63 15.45
C PRO C 170 -35.48 63.85 14.88
N PHE C 171 -34.70 62.77 14.86
CA PHE C 171 -33.30 62.88 14.47
C PHE C 171 -33.15 62.91 12.96
N GLU C 172 -32.07 63.57 12.51
CA GLU C 172 -31.76 63.67 11.10
C GLU C 172 -30.33 63.20 10.86
N TYR C 173 -30.14 62.54 9.72
CA TYR C 173 -28.87 61.97 9.32
C TYR C 173 -28.40 62.72 8.08
N ARG C 174 -27.51 63.70 8.28
CA ARG C 174 -27.05 64.57 7.21
C ARG C 174 -25.64 64.19 6.80
N ALA C 175 -25.21 64.79 5.68
CA ALA C 175 -23.87 64.60 5.12
C ALA C 175 -23.28 65.95 4.74
N GLU C 176 -23.34 66.90 5.68
CA GLU C 176 -22.89 68.25 5.42
C GLU C 176 -21.39 68.30 5.12
N ALA C 177 -20.94 69.44 4.61
CA ALA C 177 -19.54 69.66 4.31
C ALA C 177 -18.73 69.72 5.61
N PRO C 178 -17.42 69.43 5.53
CA PRO C 178 -16.61 69.45 6.76
C PRO C 178 -16.61 70.78 7.48
N ASN C 179 -16.65 71.90 6.75
CA ASN C 179 -16.62 73.21 7.39
C ASN C 179 -17.98 73.64 7.94
N LYS C 180 -19.03 72.87 7.69
CA LYS C 180 -20.38 73.23 8.12
C LYS C 180 -20.78 72.59 9.44
N ILE C 181 -19.88 71.82 10.06
CA ILE C 181 -20.18 71.12 11.31
C ILE C 181 -19.17 71.53 12.37
N LYS C 182 -19.67 71.80 13.57
CA LYS C 182 -18.84 72.22 14.69
C LYS C 182 -19.55 71.90 15.98
N PHE C 183 -18.85 71.22 16.90
CA PHE C 183 -19.45 70.85 18.17
C PHE C 183 -18.34 70.48 19.15
N ARG C 184 -18.74 70.17 20.38
CA ARG C 184 -17.78 69.81 21.42
C ARG C 184 -17.61 68.29 21.47
N PRO C 185 -16.40 67.78 21.28
CA PRO C 185 -16.22 66.31 21.29
C PRO C 185 -16.32 65.76 22.70
N LEU C 186 -16.39 64.44 22.77
CA LEU C 186 -16.38 63.74 24.05
C LEU C 186 -15.03 63.91 24.73
N ASN C 187 -15.07 64.13 26.06
CA ASN C 187 -13.87 64.33 26.87
C ASN C 187 -13.02 65.48 26.34
N GLN C 188 -13.69 66.56 25.94
CA GLN C 188 -13.01 67.76 25.47
C GLN C 188 -13.70 68.99 26.03
N THR C 189 -12.96 70.08 26.11
CA THR C 189 -13.45 71.33 26.70
C THR C 189 -14.04 72.26 25.65
N LYS C 190 -13.24 72.67 24.67
CA LYS C 190 -13.66 73.62 23.66
C LYS C 190 -14.22 72.89 22.44
N GLU C 191 -14.99 73.63 21.64
CA GLU C 191 -15.58 73.08 20.44
C GLU C 191 -14.56 73.01 19.31
N TYR C 192 -14.85 72.14 18.34
CA TYR C 192 -14.01 71.97 17.17
C TYR C 192 -14.89 71.73 15.95
N THR C 193 -14.33 72.00 14.77
CA THR C 193 -14.94 71.65 13.50
C THR C 193 -14.36 70.35 13.00
N ALA C 194 -14.85 69.91 11.84
CA ALA C 194 -14.41 68.62 11.28
C ALA C 194 -12.91 68.65 10.95
N GLU C 195 -12.45 69.70 10.28
CA GLU C 195 -11.03 69.79 9.94
C GLU C 195 -10.18 69.89 11.21
N GLU C 196 -10.61 70.71 12.16
CA GLU C 196 -9.89 70.80 13.44
C GLU C 196 -9.89 69.46 14.17
N LEU C 197 -11.02 68.74 14.10
CA LEU C 197 -11.08 67.42 14.74
C LEU C 197 -10.10 66.44 14.09
N MET C 198 -10.03 66.45 12.76
CA MET C 198 -9.10 65.56 12.07
C MET C 198 -7.66 65.92 12.42
N THR C 199 -7.34 67.21 12.48
CA THR C 199 -5.99 67.62 12.86
C THR C 199 -5.68 67.20 14.29
N LEU C 200 -6.65 67.32 15.19
CA LEU C 200 -6.43 66.95 16.59
C LEU C 200 -6.20 65.45 16.73
N TYR C 201 -6.99 64.64 16.03
CA TYR C 201 -6.90 63.19 16.16
C TYR C 201 -5.89 62.56 15.20
N SER C 202 -5.20 63.37 14.41
CA SER C 202 -4.16 62.82 13.52
C SER C 202 -3.04 62.18 14.33
N THR C 203 -2.64 62.82 15.42
CA THR C 203 -1.53 62.33 16.24
C THR C 203 -1.97 61.38 17.35
N ASP C 204 -3.26 61.07 17.44
CA ASP C 204 -3.75 60.16 18.46
C ASP C 204 -3.32 58.73 18.13
N SER C 205 -3.69 57.80 19.01
CA SER C 205 -3.39 56.39 18.83
C SER C 205 -4.63 55.53 18.68
N HIS C 206 -5.62 55.70 19.55
CA HIS C 206 -6.82 54.87 19.48
C HIS C 206 -7.68 55.23 18.28
N LEU C 207 -7.90 56.52 18.04
CA LEU C 207 -8.77 56.97 16.97
C LEU C 207 -8.02 57.26 15.67
N LYS C 208 -6.70 57.01 15.63
CA LYS C 208 -5.93 57.31 14.43
C LYS C 208 -6.35 56.42 13.26
N ALA C 209 -6.60 55.14 13.52
CA ALA C 209 -6.85 54.20 12.43
C ALA C 209 -8.22 54.40 11.79
N TYR C 210 -9.18 54.96 12.52
CA TYR C 210 -10.53 55.12 11.98
C TYR C 210 -10.67 56.35 11.08
N LEU C 211 -9.69 57.26 11.08
CA LEU C 211 -9.81 58.47 10.27
C LEU C 211 -9.83 58.19 8.77
N PRO C 212 -8.93 57.36 8.19
CA PRO C 212 -8.93 57.18 6.73
C PRO C 212 -10.20 56.57 6.16
N ILE C 213 -11.17 56.19 7.01
CA ILE C 213 -12.40 55.60 6.49
C ILE C 213 -13.17 56.60 5.65
N ILE C 214 -13.30 57.83 6.14
CA ILE C 214 -14.08 58.86 5.44
C ILE C 214 -13.25 60.11 5.28
N GLN C 215 -11.92 59.97 5.42
CA GLN C 215 -11.06 61.15 5.39
C GLN C 215 -11.09 61.85 4.04
N ASN C 216 -11.07 61.08 2.95
CA ASN C 216 -10.95 61.67 1.61
C ASN C 216 -12.30 61.96 0.95
N HIS C 217 -13.40 61.57 1.57
CA HIS C 217 -14.70 61.84 0.97
C HIS C 217 -15.00 63.34 1.01
N PRO C 218 -15.69 63.87 0.00
CA PRO C 218 -16.00 65.31 0.00
C PRO C 218 -16.93 65.74 1.12
N VAL C 219 -17.72 64.82 1.69
CA VAL C 219 -18.66 65.14 2.74
C VAL C 219 -18.48 64.16 3.89
N TYR C 220 -18.95 64.57 5.07
CA TYR C 220 -18.86 63.76 6.27
C TYR C 220 -20.25 63.45 6.82
N PRO C 221 -20.49 62.23 7.29
CA PRO C 221 -21.76 61.92 7.94
C PRO C 221 -21.88 62.64 9.28
N VAL C 222 -23.13 62.91 9.67
CA VAL C 222 -23.40 63.61 10.91
C VAL C 222 -24.85 63.33 11.30
N ILE C 223 -25.13 63.37 12.60
CA ILE C 223 -26.47 63.17 13.13
C ILE C 223 -26.84 64.38 13.96
N TYR C 224 -28.00 64.96 13.68
CA TYR C 224 -28.50 66.12 14.40
C TYR C 224 -29.83 65.79 15.07
N ASP C 225 -30.08 66.45 16.19
CA ASP C 225 -31.38 66.39 16.84
C ASP C 225 -32.24 67.52 16.31
N LYS C 226 -33.40 67.77 16.95
CA LYS C 226 -34.25 68.86 16.52
C LYS C 226 -33.60 70.21 16.77
N ASN C 227 -32.99 70.39 17.94
CA ASN C 227 -32.43 71.69 18.33
C ASN C 227 -30.96 71.81 17.95
N GLY C 228 -30.65 71.51 16.68
CA GLY C 228 -29.33 71.72 16.11
C GLY C 228 -28.13 71.33 16.96
N VAL C 229 -28.22 70.23 17.70
CA VAL C 229 -27.14 69.74 18.53
C VAL C 229 -26.54 68.51 17.85
N VAL C 230 -25.23 68.51 17.65
CA VAL C 230 -24.55 67.40 17.01
C VAL C 230 -24.54 66.22 17.98
N CYS C 231 -25.40 65.23 17.72
CA CYS C 231 -25.44 64.06 18.58
C CYS C 231 -24.17 63.22 18.44
N SER C 232 -23.76 62.94 17.22
CA SER C 232 -22.54 62.17 16.98
C SER C 232 -22.08 62.42 15.55
N MET C 233 -20.82 62.08 15.29
CA MET C 233 -20.20 62.20 13.97
C MET C 233 -19.60 60.84 13.64
N PRO C 234 -20.43 59.89 13.20
CA PRO C 234 -19.94 58.53 13.02
C PRO C 234 -19.06 58.44 11.79
N PRO C 235 -18.09 57.52 11.77
CA PRO C 235 -17.74 56.58 12.83
C PRO C 235 -16.55 57.06 13.66
N ILE C 236 -16.53 58.30 14.13
CA ILE C 236 -15.35 58.82 14.81
C ILE C 236 -15.57 58.91 16.31
N ILE C 237 -16.50 59.77 16.74
CA ILE C 237 -16.77 59.99 18.16
C ILE C 237 -18.21 60.44 18.33
N ASN C 238 -18.69 60.37 19.58
CA ASN C 238 -20.02 60.81 19.93
C ASN C 238 -19.98 62.24 20.44
N GLY C 239 -21.11 62.73 20.94
CA GLY C 239 -21.20 64.07 21.48
C GLY C 239 -21.16 64.06 23.00
N GLU C 240 -20.48 65.07 23.55
CA GLU C 240 -20.35 65.17 25.01
C GLU C 240 -21.71 65.42 25.66
N HIS C 241 -22.58 66.17 24.99
CA HIS C 241 -23.89 66.49 25.56
C HIS C 241 -24.76 65.25 25.74
N SER C 242 -24.49 64.19 24.98
CA SER C 242 -25.30 62.98 25.01
C SER C 242 -24.57 61.80 25.65
N LYS C 243 -23.57 62.09 26.49
CA LYS C 243 -22.82 61.03 27.15
C LYS C 243 -23.72 60.23 28.08
N ILE C 244 -23.47 58.93 28.16
CA ILE C 244 -24.27 58.02 28.97
C ILE C 244 -23.45 57.62 30.19
N THR C 245 -24.08 57.73 31.37
CA THR C 245 -23.41 57.38 32.61
C THR C 245 -24.27 56.41 33.42
N LEU C 246 -23.85 56.12 34.66
CA LEU C 246 -24.58 55.17 35.49
C LEU C 246 -25.96 55.67 35.87
N LYS C 247 -26.18 56.98 35.85
CA LYS C 247 -27.49 57.54 36.22
C LYS C 247 -28.51 57.44 35.10
N THR C 248 -28.10 57.05 33.89
CA THR C 248 -29.03 56.99 32.78
C THR C 248 -30.07 55.91 32.98
N LYS C 249 -31.30 56.20 32.55
CA LYS C 249 -32.40 55.25 32.64
C LYS C 249 -32.96 54.85 31.29
N ASN C 250 -32.62 55.54 30.21
CA ASN C 250 -33.07 55.20 28.87
C ASN C 250 -31.88 55.32 27.92
N VAL C 251 -31.72 54.33 27.05
CA VAL C 251 -30.60 54.28 26.13
C VAL C 251 -31.14 54.23 24.71
N PHE C 252 -30.54 55.02 23.82
CA PHE C 252 -30.84 55.00 22.40
C PHE C 252 -29.62 54.44 21.67
N ILE C 253 -29.80 53.32 20.98
CA ILE C 253 -28.73 52.64 20.27
C ILE C 253 -28.96 52.81 18.78
N GLU C 254 -27.90 53.16 18.05
CA GLU C 254 -27.98 53.34 16.61
C GLU C 254 -26.78 52.68 15.95
N ALA C 255 -26.95 52.30 14.70
CA ALA C 255 -25.89 51.66 13.94
C ALA C 255 -25.89 52.23 12.53
N THR C 256 -24.73 52.71 12.10
CA THR C 256 -24.54 53.23 10.75
C THR C 256 -23.61 52.30 9.98
N ALA C 257 -24.03 51.92 8.77
CA ALA C 257 -23.31 50.89 8.04
C ALA C 257 -23.50 51.06 6.54
N THR C 258 -22.56 50.46 5.80
CA THR C 258 -22.66 50.28 4.37
C THR C 258 -23.12 48.88 3.99
N ASP C 259 -23.06 47.92 4.91
CA ASP C 259 -23.56 46.56 4.70
C ASP C 259 -24.80 46.37 5.55
N LYS C 260 -25.92 46.02 4.91
CA LYS C 260 -27.20 46.02 5.60
C LYS C 260 -27.40 44.81 6.50
N GLN C 261 -26.86 43.64 6.13
CA GLN C 261 -27.12 42.43 6.90
C GLN C 261 -26.36 42.43 8.24
N LYS C 262 -25.10 42.85 8.21
CA LYS C 262 -24.31 42.86 9.44
C LYS C 262 -24.86 43.85 10.46
N ALA C 263 -25.47 44.94 9.98
CA ALA C 263 -26.14 45.86 10.89
C ALA C 263 -27.28 45.16 11.63
N TYR C 264 -28.08 44.37 10.90
CA TYR C 264 -29.14 43.61 11.53
C TYR C 264 -28.58 42.67 12.59
N VAL C 265 -27.52 41.95 12.26
CA VAL C 265 -26.95 40.98 13.18
C VAL C 265 -26.45 41.67 14.45
N VAL C 266 -25.70 42.76 14.29
CA VAL C 266 -25.12 43.44 15.44
C VAL C 266 -26.22 44.04 16.32
N LEU C 267 -27.22 44.67 15.69
CA LEU C 267 -28.30 45.26 16.46
C LEU C 267 -29.07 44.20 17.24
N ASP C 268 -29.37 43.07 16.60
CA ASP C 268 -30.08 42.00 17.30
C ASP C 268 -29.27 41.47 18.46
N THR C 269 -27.96 41.25 18.26
CA THR C 269 -27.13 40.74 19.35
C THR C 269 -27.14 41.68 20.53
N ILE C 270 -26.89 42.97 20.29
CA ILE C 270 -26.84 43.93 21.40
C ILE C 270 -28.20 44.03 22.09
N VAL C 271 -29.29 44.09 21.31
CA VAL C 271 -30.59 44.33 21.91
C VAL C 271 -31.11 43.10 22.63
N THR C 272 -30.63 41.90 22.29
CA THR C 272 -31.08 40.71 23.00
C THR C 272 -30.23 40.40 24.22
N LEU C 273 -28.92 40.68 24.15
CA LEU C 273 -28.06 40.37 25.29
C LEU C 273 -28.41 41.19 26.52
N PHE C 274 -28.73 42.48 26.35
CA PHE C 274 -28.92 43.38 27.46
C PHE C 274 -30.38 43.80 27.65
N SER C 275 -31.33 43.00 27.19
CA SER C 275 -32.73 43.32 27.42
C SER C 275 -33.24 42.79 28.75
N GLN C 276 -32.44 42.03 29.49
CA GLN C 276 -32.86 41.54 30.80
C GLN C 276 -32.79 42.63 31.86
N TYR C 277 -31.86 43.58 31.73
CA TYR C 277 -31.69 44.64 32.71
C TYR C 277 -32.84 45.63 32.69
N CYS C 278 -33.71 45.59 31.70
CA CYS C 278 -34.86 46.49 31.66
C CYS C 278 -35.83 46.18 32.80
N GLN C 279 -36.57 47.20 33.22
CA GLN C 279 -37.56 47.02 34.27
C GLN C 279 -38.61 45.98 33.85
N LYS C 280 -38.89 45.88 32.56
CA LYS C 280 -39.75 44.83 32.03
C LYS C 280 -38.87 43.90 31.20
N PRO C 281 -38.48 42.74 31.73
CA PRO C 281 -37.42 41.95 31.09
C PRO C 281 -37.80 41.49 29.69
N PHE C 282 -36.82 41.53 28.79
CA PHE C 282 -36.96 41.03 27.43
C PHE C 282 -38.10 41.72 26.69
N HIS C 283 -37.97 43.05 26.59
CA HIS C 283 -38.96 43.87 25.89
C HIS C 283 -38.26 45.10 25.33
N VAL C 284 -38.44 45.33 24.03
CA VAL C 284 -37.83 46.46 23.33
C VAL C 284 -38.92 47.19 22.56
N GLU C 285 -38.70 48.47 22.32
CA GLU C 285 -39.59 49.28 21.50
C GLU C 285 -38.92 49.63 20.19
N GLN C 286 -39.73 49.81 19.15
CA GLN C 286 -39.24 49.93 17.79
C GLN C 286 -38.97 51.39 17.42
N VAL C 287 -38.15 51.56 16.39
CA VAL C 287 -37.78 52.86 15.84
C VAL C 287 -38.03 52.82 14.34
N GLU C 288 -38.58 53.92 13.81
CA GLU C 288 -38.90 54.02 12.39
C GLU C 288 -37.83 54.84 11.67
N VAL C 289 -37.36 54.32 10.54
CA VAL C 289 -36.37 55.00 9.71
C VAL C 289 -36.93 55.13 8.30
N GLU C 290 -36.93 56.35 7.78
CA GLU C 290 -37.42 56.62 6.43
C GLU C 290 -36.34 57.31 5.61
N TYR C 291 -36.22 56.90 4.35
CA TYR C 291 -35.26 57.49 3.42
C TYR C 291 -35.95 58.55 2.58
N GLU C 292 -35.40 59.77 2.58
CA GLU C 292 -36.02 60.86 1.86
C GLU C 292 -35.93 60.65 0.35
N GLU C 293 -34.84 60.06 -0.14
CA GLU C 293 -34.67 59.88 -1.58
C GLU C 293 -35.72 58.95 -2.16
N THR C 294 -36.06 57.88 -1.43
CA THR C 294 -36.99 56.88 -1.93
C THR C 294 -38.38 57.01 -1.33
N GLY C 295 -38.50 57.47 -0.09
CA GLY C 295 -39.79 57.58 0.56
C GLY C 295 -40.28 56.32 1.24
N GLU C 296 -39.44 55.30 1.34
CA GLU C 296 -39.82 54.05 2.01
C GLU C 296 -39.54 54.15 3.50
N LYS C 297 -40.28 53.36 4.27
CA LYS C 297 -40.17 53.36 5.73
C LYS C 297 -39.90 51.95 6.23
N GLU C 298 -39.05 51.84 7.25
CA GLU C 298 -38.73 50.57 7.87
C GLU C 298 -38.80 50.71 9.39
N LEU C 299 -39.00 49.58 10.05
CA LEU C 299 -39.04 49.50 11.51
C LEU C 299 -37.92 48.59 11.99
N TYR C 300 -37.25 48.99 13.07
CA TYR C 300 -36.16 48.21 13.62
C TYR C 300 -36.28 48.18 15.13
N PRO C 301 -35.71 47.18 15.81
CA PRO C 301 -35.00 45.99 15.28
C PRO C 301 -35.96 44.93 14.77
N LEU C 302 -35.45 43.90 14.11
CA LEU C 302 -36.30 42.90 13.48
C LEU C 302 -36.75 41.80 14.45
N LEU C 303 -35.82 41.29 15.26
CA LEU C 303 -36.08 40.14 16.13
C LEU C 303 -36.67 38.99 15.34
N SER C 304 -35.88 38.48 14.40
CA SER C 304 -36.35 37.52 13.43
C SER C 304 -36.30 36.11 13.99
N TYR C 305 -37.46 35.45 14.05
CA TYR C 305 -37.55 34.03 14.32
C TYR C 305 -37.69 33.30 12.99
N ARG C 306 -36.75 32.41 12.68
CA ARG C 306 -36.69 31.78 11.38
C ARG C 306 -37.18 30.34 11.45
N GLU C 307 -38.12 29.99 10.59
CA GLU C 307 -38.72 28.66 10.59
C GLU C 307 -38.10 27.80 9.49
N MET C 308 -37.60 26.63 9.87
CA MET C 308 -37.01 25.67 8.97
C MET C 308 -37.76 24.34 9.07
N THR C 309 -37.60 23.51 8.03
CA THR C 309 -38.24 22.21 7.96
C THR C 309 -37.19 21.18 7.59
N VAL C 310 -36.88 20.28 8.51
CA VAL C 310 -35.87 19.26 8.30
C VAL C 310 -36.54 17.89 8.29
N THR C 311 -35.78 16.88 7.88
CA THR C 311 -36.26 15.50 7.83
C THR C 311 -35.39 14.65 8.74
N THR C 312 -36.05 13.86 9.59
CA THR C 312 -35.31 13.01 10.53
C THR C 312 -34.41 11.98 9.85
N PRO C 313 -34.84 11.24 8.81
CA PRO C 313 -33.92 10.26 8.22
C PRO C 313 -32.62 10.86 7.71
N GLU C 314 -32.67 12.06 7.13
CA GLU C 314 -31.45 12.70 6.66
C GLU C 314 -30.51 13.01 7.82
N ILE C 315 -31.05 13.51 8.93
CA ILE C 315 -30.22 13.81 10.09
C ILE C 315 -29.59 12.53 10.64
N ASN C 316 -30.39 11.47 10.75
CA ASN C 316 -29.85 10.20 11.25
C ASN C 316 -28.77 9.65 10.34
N THR C 317 -28.98 9.71 9.03
CA THR C 317 -28.00 9.21 8.08
C THR C 317 -26.71 10.02 8.15
N LYS C 318 -26.83 11.34 8.27
CA LYS C 318 -25.63 12.18 8.29
C LYS C 318 -24.86 12.01 9.59
N ILE C 319 -25.56 11.85 10.70
CA ILE C 319 -24.88 11.72 12.00
C ILE C 319 -24.50 10.27 12.28
N GLY C 320 -25.39 9.32 12.02
CA GLY C 320 -25.13 7.94 12.32
C GLY C 320 -25.81 7.49 13.60
N LEU C 321 -27.08 7.82 13.75
CA LEU C 321 -27.86 7.51 14.95
C LEU C 321 -29.12 6.76 14.55
N SER C 322 -29.98 6.53 15.55
CA SER C 322 -31.28 5.91 15.33
C SER C 322 -32.35 6.58 16.17
N LEU C 323 -32.20 7.88 16.42
CA LEU C 323 -33.12 8.59 17.30
C LEU C 323 -34.50 8.71 16.66
N LYS C 324 -35.53 8.69 17.52
CA LYS C 324 -36.89 8.88 17.07
C LYS C 324 -37.19 10.38 16.94
N ASP C 325 -38.42 10.71 16.55
CA ASP C 325 -38.78 12.10 16.36
C ASP C 325 -38.83 12.85 17.69
N GLU C 326 -39.51 12.28 18.69
CA GLU C 326 -39.65 12.96 19.97
C GLU C 326 -38.31 13.11 20.67
N GLU C 327 -37.47 12.08 20.60
CA GLU C 327 -36.14 12.17 21.19
C GLU C 327 -35.31 13.28 20.55
N MET C 328 -35.36 13.41 19.23
CA MET C 328 -34.64 14.47 18.55
C MET C 328 -35.19 15.85 18.89
N ALA C 329 -36.51 15.98 19.01
CA ALA C 329 -37.09 17.26 19.40
C ALA C 329 -36.65 17.65 20.82
N ILE C 330 -36.69 16.70 21.75
CA ILE C 330 -36.26 16.99 23.12
C ILE C 330 -34.76 17.34 23.15
N LEU C 331 -33.97 16.63 22.34
CA LEU C 331 -32.54 16.93 22.27
C LEU C 331 -32.30 18.33 21.73
N LEU C 332 -33.02 18.73 20.68
CA LEU C 332 -32.87 20.06 20.14
C LEU C 332 -33.35 21.13 21.09
N ASN C 333 -34.33 20.82 21.95
CA ASN C 333 -34.83 21.81 22.90
C ASN C 333 -33.75 22.29 23.88
N LYS C 334 -32.65 21.54 24.01
CA LYS C 334 -31.57 21.93 24.90
C LYS C 334 -30.61 22.92 24.26
N MET C 335 -30.79 23.25 22.98
CA MET C 335 -29.86 24.11 22.26
C MET C 335 -30.49 25.44 21.89
N SER C 336 -31.43 25.92 22.72
CA SER C 336 -32.15 27.18 22.54
C SER C 336 -33.05 27.16 21.31
N LEU C 337 -33.29 26.01 20.70
CA LEU C 337 -34.13 25.89 19.52
C LEU C 337 -35.44 25.22 19.91
N LYS C 338 -36.55 25.83 19.50
CA LYS C 338 -37.88 25.28 19.78
C LYS C 338 -38.29 24.38 18.61
N ALA C 339 -38.17 23.07 18.80
CA ALA C 339 -38.49 22.10 17.76
C ALA C 339 -39.84 21.46 18.02
N GLU C 340 -40.62 21.27 16.95
CA GLU C 340 -41.95 20.70 17.05
C GLU C 340 -42.13 19.68 15.93
N VAL C 341 -42.75 18.55 16.26
CA VAL C 341 -42.98 17.48 15.30
C VAL C 341 -44.30 17.75 14.57
N ALA C 342 -44.24 17.76 13.24
CA ALA C 342 -45.44 17.95 12.43
C ALA C 342 -46.06 16.62 12.03
N SER C 343 -45.27 15.75 11.39
CA SER C 343 -45.71 14.42 11.01
C SER C 343 -44.53 13.47 11.13
N LYS C 344 -44.67 12.27 10.60
CA LYS C 344 -43.63 11.26 10.72
C LYS C 344 -42.47 11.61 9.79
N GLY C 345 -41.28 11.74 10.37
CA GLY C 345 -40.08 12.01 9.61
C GLY C 345 -39.85 13.45 9.23
N VAL C 346 -40.74 14.36 9.60
CA VAL C 346 -40.63 15.78 9.26
C VAL C 346 -40.67 16.58 10.55
N LEU C 347 -39.73 17.50 10.72
CA LEU C 347 -39.56 18.27 11.94
C LEU C 347 -39.52 19.76 11.60
N LYS C 348 -40.27 20.55 12.34
CA LYS C 348 -40.31 22.00 12.16
C LYS C 348 -39.55 22.68 13.27
N VAL C 349 -38.59 23.53 12.91
CA VAL C 349 -37.68 24.15 13.87
C VAL C 349 -37.85 25.66 13.79
N VAL C 350 -37.75 26.33 14.93
CA VAL C 350 -37.84 27.78 15.02
C VAL C 350 -36.56 28.29 15.68
N VAL C 351 -35.74 28.98 14.89
CA VAL C 351 -34.47 29.55 15.35
C VAL C 351 -34.71 30.94 15.90
N PRO C 352 -34.26 31.22 17.12
CA PRO C 352 -34.49 32.53 17.73
C PRO C 352 -33.49 33.56 17.22
N PRO C 353 -33.72 34.84 17.49
CA PRO C 353 -32.78 35.87 17.01
C PRO C 353 -31.38 35.76 17.57
N THR C 354 -31.18 35.08 18.70
CA THR C 354 -29.84 34.95 19.26
C THR C 354 -28.96 34.01 18.44
N ARG C 355 -29.53 33.23 17.53
CA ARG C 355 -28.77 32.30 16.70
C ARG C 355 -28.84 32.78 15.26
N HIS C 356 -27.80 33.52 14.84
CA HIS C 356 -27.68 33.99 13.47
C HIS C 356 -26.63 33.23 12.69
N ASP C 357 -26.31 32.00 13.12
CA ASP C 357 -25.38 31.13 12.41
C ASP C 357 -26.04 29.88 11.88
N ILE C 358 -27.37 29.83 11.87
CA ILE C 358 -28.12 28.69 11.36
C ILE C 358 -28.60 29.06 9.96
N LEU C 359 -27.88 28.58 8.93
CA LEU C 359 -28.23 28.84 7.55
C LEU C 359 -28.86 27.63 6.86
N HIS C 360 -28.25 26.45 7.01
CA HIS C 360 -28.70 25.23 6.37
C HIS C 360 -29.14 24.23 7.44
N ALA C 361 -29.73 23.12 6.99
CA ALA C 361 -30.13 22.07 7.91
C ALA C 361 -28.95 21.39 8.58
N CYS C 362 -27.77 21.40 7.93
CA CYS C 362 -26.60 20.78 8.54
C CYS C 362 -26.23 21.43 9.87
N ASP C 363 -26.46 22.74 10.01
CA ASP C 363 -26.24 23.38 11.30
C ASP C 363 -27.13 22.78 12.37
N ILE C 364 -28.39 22.50 12.04
CA ILE C 364 -29.24 21.80 12.99
C ILE C 364 -28.68 20.41 13.29
N ALA C 365 -28.15 19.72 12.27
CA ALA C 365 -27.57 18.40 12.51
C ALA C 365 -26.43 18.48 13.52
N GLU C 366 -25.52 19.45 13.34
CA GLU C 366 -24.45 19.62 14.31
C GLU C 366 -24.99 19.93 15.70
N ASP C 367 -26.10 20.66 15.78
CA ASP C 367 -26.71 20.91 17.08
C ASP C 367 -27.19 19.60 17.71
N VAL C 368 -27.81 18.73 16.91
CA VAL C 368 -28.32 17.48 17.47
C VAL C 368 -27.20 16.50 17.77
N GLY C 369 -26.03 16.70 17.19
CA GLY C 369 -24.89 15.87 17.51
C GLY C 369 -24.16 16.35 18.74
N VAL C 370 -24.17 17.66 18.98
CA VAL C 370 -23.57 18.20 20.20
C VAL C 370 -24.44 17.90 21.41
N ALA C 371 -25.76 18.04 21.28
CA ALA C 371 -26.64 17.75 22.40
C ALA C 371 -26.56 16.29 22.83
N TYR C 372 -26.52 15.38 21.85
CA TYR C 372 -26.39 13.96 22.18
C TYR C 372 -25.04 13.64 22.79
N GLY C 373 -23.97 14.25 22.27
CA GLY C 373 -22.63 13.96 22.74
C GLY C 373 -21.84 13.18 21.71
N TYR C 374 -20.65 13.67 21.37
CA TYR C 374 -19.84 13.03 20.34
C TYR C 374 -19.11 11.78 20.83
N ASN C 375 -19.06 11.55 22.13
CA ASN C 375 -18.40 10.37 22.68
C ASN C 375 -19.35 9.21 22.92
N ASN C 376 -20.64 9.38 22.62
CA ASN C 376 -21.62 8.32 22.77
C ASN C 376 -22.01 7.69 21.44
N LEU C 377 -21.29 7.99 20.38
CA LEU C 377 -21.57 7.43 19.06
C LEU C 377 -20.88 6.08 18.93
N VAL C 378 -21.64 5.08 18.48
CA VAL C 378 -21.09 3.74 18.26
C VAL C 378 -20.38 3.72 16.92
N THR C 379 -19.07 3.49 16.94
CA THR C 379 -18.29 3.48 15.72
C THR C 379 -18.56 2.22 14.92
N LYS C 380 -18.22 2.28 13.62
CA LYS C 380 -18.36 1.15 12.71
C LYS C 380 -17.06 1.04 11.92
N LEU C 381 -16.23 0.07 12.28
CA LEU C 381 -14.91 -0.06 11.68
C LEU C 381 -15.02 -0.54 10.23
N PRO C 382 -14.02 -0.24 9.41
CA PRO C 382 -14.02 -0.77 8.04
C PRO C 382 -13.79 -2.27 8.02
N GLU C 383 -14.16 -2.88 6.90
CA GLU C 383 -14.03 -4.32 6.74
C GLU C 383 -12.55 -4.72 6.73
N SER C 384 -12.31 -5.96 7.14
CA SER C 384 -10.93 -6.44 7.28
C SER C 384 -10.22 -6.54 5.93
N ASN C 385 -10.97 -6.83 4.86
CA ASN C 385 -10.34 -7.04 3.56
C ASN C 385 -10.09 -5.72 2.83
N THR C 386 -10.23 -4.59 3.54
CA THR C 386 -9.87 -3.30 2.97
C THR C 386 -8.57 -2.76 3.54
N VAL C 387 -8.19 -3.17 4.74
CA VAL C 387 -6.96 -2.73 5.38
C VAL C 387 -5.93 -3.84 5.27
N ALA C 388 -4.74 -3.49 4.79
CA ALA C 388 -3.66 -4.46 4.59
C ALA C 388 -2.65 -4.33 5.73
N VAL C 389 -2.37 -5.45 6.39
CA VAL C 389 -1.42 -5.49 7.50
C VAL C 389 -0.20 -6.27 7.05
N ALA C 390 0.98 -5.70 7.25
CA ALA C 390 2.22 -6.34 6.86
C ALA C 390 2.71 -7.28 7.96
N PHE C 391 3.64 -8.14 7.60
CA PHE C 391 4.29 -9.00 8.58
C PHE C 391 5.42 -8.21 9.25
N PRO C 392 5.40 -8.06 10.57
CA PRO C 392 6.30 -7.07 11.21
C PRO C 392 7.78 -7.28 10.93
N ILE C 393 8.24 -8.53 10.91
CA ILE C 393 9.67 -8.76 10.73
C ILE C 393 10.08 -8.36 9.32
N ASN C 394 9.23 -8.59 8.32
CA ASN C 394 9.54 -8.18 6.96
C ASN C 394 9.65 -6.66 6.85
N LYS C 395 8.72 -5.94 7.48
CA LYS C 395 8.77 -4.47 7.45
C LYS C 395 10.04 -3.95 8.11
N LEU C 396 10.36 -4.49 9.29
CA LEU C 396 11.59 -4.07 9.96
C LEU C 396 12.82 -4.38 9.12
N CYS C 397 12.84 -5.56 8.48
CA CYS C 397 13.99 -5.94 7.67
C CYS C 397 14.13 -5.02 6.46
N ASP C 398 13.02 -4.65 5.82
CA ASP C 398 13.10 -3.75 4.68
C ASP C 398 13.63 -2.38 5.09
N ASN C 399 13.09 -1.82 6.17
CA ASN C 399 13.55 -0.52 6.63
C ASN C 399 15.03 -0.57 7.03
N LEU C 400 15.45 -1.65 7.67
CA LEU C 400 16.85 -1.78 8.06
C LEU C 400 17.75 -1.97 6.84
N ARG C 401 17.27 -2.69 5.83
CA ARG C 401 18.07 -2.94 4.64
C ARG C 401 18.31 -1.67 3.85
N ILE C 402 17.34 -0.75 3.85
CA ILE C 402 17.57 0.54 3.21
C ILE C 402 18.74 1.26 3.86
N GLU C 403 18.80 1.27 5.19
CA GLU C 403 19.90 1.92 5.89
C GLU C 403 21.21 1.18 5.69
N ILE C 404 21.18 -0.15 5.61
CA ILE C 404 22.39 -0.92 5.35
C ILE C 404 22.96 -0.54 4.00
N ALA C 405 22.10 -0.43 2.98
CA ALA C 405 22.55 0.04 1.68
C ALA C 405 23.11 1.45 1.77
N ALA C 406 22.45 2.32 2.53
CA ALA C 406 22.94 3.68 2.70
C ALA C 406 24.32 3.71 3.33
N ALA C 407 24.65 2.72 4.17
CA ALA C 407 25.96 2.68 4.81
C ALA C 407 27.07 2.30 3.85
N GLY C 408 26.75 1.66 2.73
CA GLY C 408 27.76 1.32 1.74
C GLY C 408 28.08 -0.16 1.64
N TRP C 409 27.09 -1.01 1.91
CA TRP C 409 27.26 -2.46 1.90
C TRP C 409 26.40 -3.06 0.80
N THR C 410 26.97 -3.98 0.03
CA THR C 410 26.29 -4.58 -1.11
C THR C 410 25.55 -5.85 -0.67
N GLU C 411 24.37 -6.06 -1.23
CA GLU C 411 23.55 -7.22 -0.89
C GLU C 411 23.88 -8.40 -1.80
N ALA C 412 23.80 -9.60 -1.24
CA ALA C 412 24.06 -10.84 -1.97
C ALA C 412 22.89 -11.80 -1.74
N LEU C 413 23.00 -12.99 -2.34
CA LEU C 413 21.95 -13.99 -2.22
C LEU C 413 22.56 -15.36 -2.50
N ASN C 414 22.21 -16.34 -1.67
CA ASN C 414 22.79 -17.67 -1.74
C ASN C 414 21.70 -18.72 -1.64
N PHE C 415 22.11 -19.99 -1.72
CA PHE C 415 21.20 -21.12 -1.63
C PHE C 415 20.98 -21.52 -0.19
N ALA C 416 19.79 -22.10 0.08
CA ALA C 416 19.48 -22.57 1.43
C ALA C 416 20.16 -23.89 1.75
N LEU C 417 20.41 -24.73 0.76
CA LEU C 417 20.98 -26.05 0.99
C LEU C 417 22.49 -26.03 0.76
N CYS C 418 23.20 -26.83 1.55
CA CYS C 418 24.65 -26.92 1.44
C CYS C 418 25.08 -28.32 1.89
N SER C 419 26.39 -28.54 1.94
CA SER C 419 26.95 -29.83 2.32
C SER C 419 27.38 -29.82 3.78
N ARG C 420 27.64 -31.03 4.31
CA ARG C 420 28.06 -31.15 5.70
C ARG C 420 29.41 -30.49 5.94
N ASP C 421 30.31 -30.60 4.96
CA ASP C 421 31.67 -30.10 5.14
C ASP C 421 31.69 -28.57 5.30
N ASP C 422 30.75 -27.87 4.66
CA ASP C 422 30.76 -26.41 4.71
C ASP C 422 30.44 -25.88 6.09
N ILE C 423 29.42 -26.45 6.75
CA ILE C 423 28.95 -25.91 8.02
C ILE C 423 29.58 -26.58 9.24
N SER C 424 30.33 -27.66 9.05
CA SER C 424 30.92 -28.38 10.18
C SER C 424 32.44 -28.36 10.17
N THR C 425 33.07 -28.81 9.09
CA THR C 425 34.52 -28.95 9.08
C THR C 425 35.22 -27.66 8.68
N LYS C 426 34.72 -26.96 7.65
CA LYS C 426 35.36 -25.72 7.22
C LYS C 426 35.23 -24.63 8.27
N LEU C 427 34.20 -24.67 9.11
CA LEU C 427 34.01 -23.70 10.18
C LEU C 427 34.65 -24.13 11.48
N ARG C 428 35.36 -25.26 11.49
CA ARG C 428 36.04 -25.76 12.70
C ARG C 428 35.06 -25.99 13.84
N LEU C 429 33.86 -26.48 13.50
CA LEU C 429 32.83 -26.80 14.49
C LEU C 429 32.46 -28.27 14.32
N PRO C 430 33.17 -29.18 15.00
CA PRO C 430 32.85 -30.60 14.85
C PRO C 430 31.46 -30.99 15.31
N ASP C 431 30.91 -30.29 16.31
CA ASP C 431 29.62 -30.64 16.88
C ASP C 431 28.45 -29.95 16.18
N ALA C 432 28.73 -29.10 15.20
CA ALA C 432 27.67 -28.34 14.53
C ALA C 432 26.64 -29.24 13.87
N LEU C 433 27.02 -30.48 13.52
CA LEU C 433 26.08 -31.39 12.88
C LEU C 433 24.98 -31.84 13.83
N SER C 434 25.17 -31.68 15.14
CA SER C 434 24.15 -32.11 16.08
C SER C 434 22.92 -31.22 16.09
N LYS C 435 22.99 -30.05 15.44
CA LYS C 435 21.89 -29.10 15.45
C LYS C 435 21.27 -28.89 14.07
N ALA C 436 21.86 -29.46 13.02
CA ALA C 436 21.40 -29.21 11.67
C ALA C 436 20.30 -30.20 11.27
N VAL C 437 19.69 -29.95 10.11
CA VAL C 437 18.67 -30.79 9.53
C VAL C 437 19.27 -31.54 8.35
N HIS C 438 19.08 -32.85 8.32
CA HIS C 438 19.67 -33.70 7.30
C HIS C 438 18.64 -34.08 6.24
N ILE C 439 19.10 -34.20 5.00
CA ILE C 439 18.26 -34.50 3.85
C ILE C 439 18.52 -35.94 3.44
N GLY C 440 17.44 -36.69 3.18
CA GLY C 440 17.56 -38.12 2.98
C GLY C 440 18.04 -38.53 1.61
N ASN C 441 17.48 -37.93 0.55
CA ASN C 441 17.72 -38.37 -0.82
C ASN C 441 18.19 -37.22 -1.69
N PRO C 442 19.45 -36.81 -1.56
CA PRO C 442 19.99 -35.80 -2.47
C PRO C 442 20.47 -36.44 -3.77
N LYS C 443 20.35 -35.67 -4.85
CA LYS C 443 20.82 -36.10 -6.15
C LYS C 443 22.26 -35.69 -6.42
N THR C 444 22.90 -34.97 -5.50
CA THR C 444 24.27 -34.53 -5.66
C THR C 444 24.90 -34.41 -4.28
N LEU C 445 26.22 -34.34 -4.26
CA LEU C 445 26.95 -34.18 -3.00
C LEU C 445 27.08 -32.70 -2.64
N GLU C 446 25.96 -31.99 -2.73
CA GLU C 446 25.91 -30.58 -2.36
C GLU C 446 24.65 -30.21 -1.58
N PHE C 447 23.66 -31.08 -1.50
CA PHE C 447 22.38 -30.78 -0.86
C PHE C 447 22.13 -31.75 0.29
N GLN C 448 23.15 -31.94 1.13
CA GLN C 448 23.04 -32.90 2.22
C GLN C 448 22.28 -32.33 3.42
N VAL C 449 22.56 -31.09 3.81
CA VAL C 449 21.96 -30.47 4.98
C VAL C 449 21.49 -29.06 4.65
N ALA C 450 20.60 -28.54 5.48
CA ALA C 450 20.18 -27.15 5.40
C ALA C 450 21.11 -26.28 6.24
N ARG C 451 21.36 -25.07 5.75
CA ARG C 451 22.37 -24.22 6.36
C ARG C 451 21.96 -23.78 7.76
N THR C 452 22.95 -23.69 8.65
CA THR C 452 22.75 -23.17 9.99
C THR C 452 23.41 -21.82 10.21
N SER C 453 24.31 -21.40 9.32
CA SER C 453 24.95 -20.10 9.40
C SER C 453 25.05 -19.51 8.00
N LEU C 454 25.08 -18.18 7.93
CA LEU C 454 25.15 -17.48 6.67
C LEU C 454 26.58 -17.17 6.24
N LEU C 455 27.57 -17.49 7.06
CA LEU C 455 28.96 -17.20 6.72
C LEU C 455 29.45 -17.94 5.49
N PRO C 456 29.21 -19.25 5.32
CA PRO C 456 29.75 -19.94 4.13
C PRO C 456 29.27 -19.35 2.82
N GLY C 457 28.02 -18.89 2.73
CA GLY C 457 27.56 -18.30 1.50
C GLY C 457 28.33 -17.04 1.14
N LEU C 458 28.53 -16.15 2.11
CA LEU C 458 29.29 -14.94 1.86
C LEU C 458 30.73 -15.26 1.50
N LEU C 459 31.33 -16.24 2.17
CA LEU C 459 32.72 -16.60 1.86
C LEU C 459 32.85 -17.15 0.44
N LYS C 460 31.92 -18.01 0.02
CA LYS C 460 31.97 -18.54 -1.33
C LYS C 460 31.70 -17.45 -2.37
N THR C 461 30.78 -16.53 -2.08
CA THR C 461 30.56 -15.42 -3.00
C THR C 461 31.80 -14.54 -3.12
N LEU C 462 32.51 -14.33 -2.01
CA LEU C 462 33.79 -13.63 -2.09
C LEU C 462 34.78 -14.41 -2.95
N ALA C 463 34.79 -15.74 -2.82
CA ALA C 463 35.72 -16.54 -3.60
C ALA C 463 35.44 -16.41 -5.10
N SER C 464 34.16 -16.40 -5.48
CA SER C 464 33.83 -16.30 -6.91
C SER C 464 34.28 -14.97 -7.50
N ASN C 465 34.05 -13.87 -6.78
CA ASN C 465 34.34 -12.52 -7.27
C ASN C 465 35.67 -12.01 -6.73
N ARG C 466 36.66 -12.90 -6.61
CA ARG C 466 37.93 -12.54 -5.99
C ARG C 466 38.69 -11.49 -6.78
N ASP C 467 38.44 -11.38 -8.09
CA ASP C 467 39.23 -10.49 -8.93
C ASP C 467 38.71 -9.06 -8.95
N MET C 468 37.59 -8.77 -8.32
CA MET C 468 37.07 -7.42 -8.30
C MET C 468 37.92 -6.52 -7.40
N PRO C 469 37.95 -5.22 -7.65
CA PRO C 469 38.77 -4.32 -6.83
C PRO C 469 38.31 -4.28 -5.38
N LEU C 470 39.27 -4.15 -4.48
CA LEU C 470 39.02 -4.09 -3.06
C LEU C 470 38.64 -2.68 -2.63
N PRO C 471 37.95 -2.53 -1.50
CA PRO C 471 37.41 -3.56 -0.60
C PRO C 471 36.05 -4.10 -1.02
N LEU C 472 35.74 -5.34 -0.67
CA LEU C 472 34.44 -5.93 -0.93
C LEU C 472 33.66 -5.98 0.38
N LYS C 473 32.46 -5.41 0.38
CA LYS C 473 31.63 -5.32 1.58
C LYS C 473 30.24 -5.85 1.23
N LEU C 474 30.02 -7.13 1.52
CA LEU C 474 28.77 -7.80 1.23
C LEU C 474 28.00 -8.05 2.53
N PHE C 475 26.68 -8.13 2.41
CA PHE C 475 25.84 -8.43 3.56
C PHE C 475 24.66 -9.28 3.10
N GLU C 476 23.98 -9.88 4.07
CA GLU C 476 22.80 -10.69 3.77
C GLU C 476 22.02 -10.91 5.06
N LEU C 477 20.71 -10.65 5.01
CA LEU C 477 19.83 -10.95 6.14
C LEU C 477 18.76 -11.90 5.65
N GLN C 478 18.81 -13.14 6.14
CA GLN C 478 17.95 -14.22 5.65
C GLN C 478 17.66 -15.18 6.79
N ASP C 479 16.91 -16.24 6.47
CA ASP C 479 16.54 -17.23 7.46
C ASP C 479 17.58 -18.35 7.51
N VAL C 480 17.73 -18.93 8.70
CA VAL C 480 18.49 -20.16 8.88
C VAL C 480 17.59 -21.17 9.59
N ILE C 481 17.86 -22.45 9.36
CA ILE C 481 17.05 -23.54 9.89
C ILE C 481 17.78 -24.18 11.05
N LEU C 482 17.10 -24.30 12.19
CA LEU C 482 17.69 -24.88 13.39
C LEU C 482 16.77 -25.97 13.91
N LYS C 483 17.36 -26.95 14.60
CA LYS C 483 16.60 -28.04 15.20
C LYS C 483 16.12 -27.63 16.58
N ASP C 484 14.83 -27.80 16.83
CA ASP C 484 14.22 -27.44 18.12
C ASP C 484 13.16 -28.46 18.45
N GLU C 485 13.32 -29.11 19.61
CA GLU C 485 12.42 -30.21 19.98
C GLU C 485 11.03 -29.70 20.37
N LYS C 486 10.94 -28.49 20.90
CA LYS C 486 9.66 -27.95 21.36
C LYS C 486 8.74 -27.55 20.21
N MET C 487 9.23 -27.53 18.98
CA MET C 487 8.43 -27.10 17.84
C MET C 487 7.49 -28.21 17.39
N ASP C 488 6.54 -27.83 16.54
CA ASP C 488 5.57 -28.78 16.01
C ASP C 488 6.25 -29.85 15.16
N VAL C 489 7.18 -29.44 14.29
CA VAL C 489 7.81 -30.36 13.36
C VAL C 489 9.25 -30.69 13.73
N GLY C 490 9.81 -30.03 14.74
CA GLY C 490 11.17 -30.30 15.16
C GLY C 490 12.22 -29.35 14.62
N ALA C 491 11.82 -28.32 13.88
CA ALA C 491 12.77 -27.35 13.37
C ALA C 491 12.08 -26.00 13.23
N ARG C 492 12.89 -24.94 13.20
CA ARG C 492 12.35 -23.59 13.12
C ARG C 492 13.30 -22.71 12.31
N ASN C 493 12.75 -21.61 11.79
CA ASN C 493 13.49 -20.64 11.02
C ASN C 493 13.79 -19.42 11.89
N GLU C 494 15.04 -18.98 11.87
CA GLU C 494 15.48 -17.82 12.62
C GLU C 494 16.07 -16.80 11.65
N ARG C 495 15.57 -15.57 11.70
CA ARG C 495 16.06 -14.52 10.83
C ARG C 495 17.34 -13.93 11.39
N ARG C 496 18.40 -13.94 10.59
CA ARG C 496 19.70 -13.46 11.04
C ARG C 496 20.27 -12.51 9.99
N LEU C 497 21.04 -11.54 10.48
CA LEU C 497 21.77 -10.60 9.64
C LEU C 497 23.25 -10.88 9.77
N ALA C 498 23.93 -11.05 8.63
CA ALA C 498 25.36 -11.32 8.59
C ALA C 498 26.00 -10.37 7.61
N ALA C 499 27.26 -10.02 7.89
CA ALA C 499 28.01 -9.12 7.04
C ALA C 499 29.48 -9.46 7.13
N VAL C 500 30.21 -9.16 6.06
CA VAL C 500 31.65 -9.40 5.97
C VAL C 500 32.33 -8.15 5.45
N TYR C 501 33.63 -8.07 5.71
CA TYR C 501 34.48 -6.98 5.23
C TYR C 501 35.80 -7.61 4.81
N TYR C 502 36.04 -7.64 3.50
CA TYR C 502 37.19 -8.31 2.92
C TYR C 502 38.13 -7.28 2.33
N ASN C 503 39.38 -7.27 2.81
CA ASN C 503 40.38 -6.32 2.36
C ASN C 503 41.73 -6.79 2.89
N LYS C 504 42.79 -6.13 2.42
CA LYS C 504 44.13 -6.45 2.91
C LYS C 504 44.30 -6.12 4.39
N ALA C 505 43.43 -5.28 4.95
CA ALA C 505 43.40 -5.00 6.39
C ALA C 505 41.95 -5.08 6.84
N ALA C 506 41.67 -5.92 7.82
CA ALA C 506 40.31 -6.19 8.28
C ALA C 506 40.20 -6.03 9.79
N GLY C 507 40.66 -4.88 10.28
CA GLY C 507 40.62 -4.57 11.70
C GLY C 507 39.27 -4.78 12.36
N PHE C 508 39.30 -5.05 13.67
CA PHE C 508 38.07 -5.24 14.42
C PHE C 508 37.22 -3.97 14.42
N GLU C 509 37.86 -2.81 14.33
CA GLU C 509 37.14 -1.54 14.42
C GLU C 509 36.19 -1.36 13.24
N ILE C 510 36.58 -1.81 12.05
CA ILE C 510 35.78 -1.57 10.86
C ILE C 510 34.42 -2.24 10.99
N ILE C 511 34.41 -3.48 11.49
CA ILE C 511 33.13 -4.19 11.64
C ILE C 511 32.43 -3.80 12.93
N GLN C 512 33.18 -3.40 13.95
CA GLN C 512 32.55 -2.91 15.17
C GLN C 512 31.77 -1.63 14.91
N GLY C 513 32.29 -0.77 14.04
CA GLY C 513 31.55 0.42 13.65
C GLY C 513 30.26 0.09 12.93
N PHE C 514 30.28 -0.92 12.05
CA PHE C 514 29.06 -1.38 11.41
C PHE C 514 28.06 -1.86 12.43
N LEU C 515 28.51 -2.62 13.43
CA LEU C 515 27.62 -3.08 14.49
C LEU C 515 27.02 -1.89 15.26
N ASP C 516 27.86 -0.91 15.59
CA ASP C 516 27.37 0.26 16.32
C ASP C 516 26.34 1.04 15.51
N ARG C 517 26.60 1.22 14.21
CA ARG C 517 25.64 1.92 13.37
C ARG C 517 24.32 1.16 13.26
N MET C 518 24.39 -0.17 13.12
CA MET C 518 23.17 -0.96 13.06
C MET C 518 22.39 -0.86 14.36
N MET C 519 23.09 -0.84 15.50
CA MET C 519 22.41 -0.66 16.78
C MET C 519 21.78 0.73 16.88
N ARG C 520 22.48 1.75 16.39
CA ARG C 520 21.93 3.11 16.44
C ARG C 520 20.67 3.22 15.61
N MET C 521 20.65 2.63 14.42
CA MET C 521 19.46 2.69 13.58
C MET C 521 18.29 1.95 14.20
N LEU C 522 18.54 1.04 15.14
CA LEU C 522 17.48 0.34 15.86
C LEU C 522 17.09 1.02 17.16
N ASN C 523 17.70 2.17 17.46
CA ASN C 523 17.36 2.98 18.64
C ASN C 523 17.68 2.23 19.94
N VAL C 524 18.92 1.74 20.03
CA VAL C 524 19.43 1.09 21.23
C VAL C 524 20.78 1.71 21.56
N ASN C 525 20.88 2.30 22.74
CA ASN C 525 22.09 3.01 23.13
C ASN C 525 23.12 2.07 23.72
N PRO C 526 24.41 2.39 23.60
CA PRO C 526 25.47 1.54 24.18
C PRO C 526 25.68 1.78 25.68
N THR C 527 24.79 1.20 26.48
CA THR C 527 24.83 1.34 27.93
C THR C 527 24.84 -0.05 28.57
N LYS C 528 25.43 -0.12 29.76
CA LYS C 528 25.55 -1.37 30.49
C LYS C 528 24.48 -1.52 31.57
N ASP C 529 23.43 -0.72 31.52
CA ASP C 529 22.41 -0.68 32.56
C ASP C 529 21.17 -1.50 32.18
N GLN C 530 21.37 -2.63 31.51
CA GLN C 530 20.32 -3.61 31.21
C GLN C 530 19.32 -3.08 30.19
N LYS C 531 19.47 -1.84 29.74
CA LYS C 531 18.62 -1.29 28.71
C LYS C 531 19.33 -1.13 27.36
N GLY C 532 20.65 -1.22 27.34
CA GLY C 532 21.42 -1.14 26.11
C GLY C 532 22.22 -2.39 25.84
N TYR C 533 22.96 -2.36 24.74
CA TYR C 533 23.77 -3.48 24.29
C TYR C 533 25.22 -3.29 24.74
N HIS C 534 25.96 -4.39 24.74
CA HIS C 534 27.40 -4.33 24.94
C HIS C 534 28.02 -5.61 24.43
N ILE C 535 29.35 -5.68 24.50
CA ILE C 535 30.11 -6.83 24.05
C ILE C 535 31.09 -7.22 25.14
N GLU C 536 31.52 -8.47 25.10
CA GLU C 536 32.51 -8.97 26.04
C GLU C 536 33.28 -10.11 25.39
N ALA C 537 34.46 -10.38 25.95
CA ALA C 537 35.38 -11.35 25.35
C ALA C 537 34.77 -12.74 25.36
N ASP C 538 35.15 -13.55 24.37
CA ASP C 538 34.61 -14.88 24.21
C ASP C 538 35.64 -15.72 23.45
N GLU C 539 35.46 -17.04 23.52
CA GLU C 539 36.29 -17.98 22.79
C GLU C 539 35.41 -18.84 21.90
N ASN C 540 35.78 -18.92 20.62
CA ASN C 540 35.02 -19.71 19.67
C ASN C 540 35.98 -20.22 18.60
N PRO C 541 35.85 -21.47 18.18
CA PRO C 541 36.80 -22.03 17.21
C PRO C 541 36.80 -21.31 15.87
N THR C 542 35.66 -20.80 15.41
CA THR C 542 35.58 -20.20 14.09
C THR C 542 36.11 -18.78 14.03
N PHE C 543 36.42 -18.17 15.17
CA PHE C 543 36.99 -16.84 15.22
C PHE C 543 38.40 -16.90 15.81
N PHE C 544 39.25 -16.00 15.35
CA PHE C 544 40.63 -15.98 15.80
C PHE C 544 40.70 -15.64 17.28
N PRO C 545 41.54 -16.34 18.06
CA PRO C 545 41.63 -16.05 19.49
C PRO C 545 42.08 -14.62 19.75
N GLY C 546 41.47 -14.00 20.76
CA GLY C 546 41.75 -12.63 21.09
C GLY C 546 41.03 -11.59 20.26
N ARG C 547 40.26 -12.01 19.25
CA ARG C 547 39.51 -11.10 18.39
C ARG C 547 38.05 -11.51 18.28
N CYS C 548 37.55 -12.32 19.21
CA CYS C 548 36.17 -12.76 19.21
C CYS C 548 35.43 -12.14 20.38
N ALA C 549 34.18 -11.75 20.14
CA ALA C 549 33.37 -11.14 21.18
C ALA C 549 31.93 -11.64 21.05
N ARG C 550 31.21 -11.60 22.16
CA ARG C 550 29.81 -12.02 22.21
C ARG C 550 28.93 -10.81 22.46
N ILE C 551 27.84 -10.70 21.71
CA ILE C 551 26.98 -9.52 21.75
C ILE C 551 25.83 -9.79 22.72
N ILE C 552 25.69 -8.93 23.73
CA ILE C 552 24.61 -9.01 24.70
C ILE C 552 23.70 -7.82 24.45
N GLY C 553 22.42 -8.09 24.22
CA GLY C 553 21.47 -7.05 23.96
C GLY C 553 20.72 -6.63 25.20
N PRO C 554 19.55 -6.00 25.02
CA PRO C 554 18.74 -5.63 26.17
C PRO C 554 18.28 -6.86 26.95
N ASN C 555 18.16 -6.68 28.27
CA ASN C 555 17.72 -7.73 29.20
C ASN C 555 18.67 -8.92 29.22
N GLY C 556 19.94 -8.70 28.87
CA GLY C 556 20.92 -9.78 28.93
C GLY C 556 20.64 -10.93 27.99
N VAL C 557 20.27 -10.64 26.76
CA VAL C 557 19.94 -11.65 25.76
C VAL C 557 21.09 -11.77 24.78
N PHE C 558 21.58 -12.99 24.60
CA PHE C 558 22.65 -13.25 23.64
C PHE C 558 22.13 -13.04 22.22
N LEU C 559 22.89 -12.31 21.40
CA LEU C 559 22.44 -11.95 20.06
C LEU C 559 23.24 -12.60 18.94
N GLY C 560 24.56 -12.69 19.08
CA GLY C 560 25.38 -13.24 18.02
C GLY C 560 26.85 -13.13 18.27
N ARG C 561 27.65 -12.99 17.21
CA ARG C 561 29.10 -12.91 17.35
C ARG C 561 29.66 -11.99 16.27
N ILE C 562 30.91 -11.58 16.50
CA ILE C 562 31.58 -10.59 15.66
C ILE C 562 33.08 -10.72 15.88
N GLY C 563 33.85 -10.61 14.81
CA GLY C 563 35.29 -10.61 14.94
C GLY C 563 35.96 -11.06 13.66
N ALA C 564 37.28 -11.26 13.76
CA ALA C 564 38.07 -11.74 12.64
C ALA C 564 38.04 -13.25 12.57
N LEU C 565 37.99 -13.77 11.35
CA LEU C 565 37.90 -15.20 11.13
C LEU C 565 39.27 -15.87 11.24
N HIS C 566 39.26 -17.15 11.57
CA HIS C 566 40.49 -17.91 11.72
C HIS C 566 41.15 -18.11 10.35
N PRO C 567 42.48 -18.14 10.29
CA PRO C 567 43.15 -18.38 9.01
C PRO C 567 42.75 -19.68 8.35
N GLU C 568 42.50 -20.74 9.12
CA GLU C 568 42.07 -22.00 8.52
C GLU C 568 40.71 -21.88 7.88
N VAL C 569 39.79 -21.14 8.50
CA VAL C 569 38.48 -20.91 7.88
C VAL C 569 38.64 -20.14 6.58
N ILE C 570 39.58 -19.19 6.55
CA ILE C 570 39.83 -18.43 5.32
C ILE C 570 40.35 -19.35 4.23
N THR C 571 41.35 -20.18 4.55
CA THR C 571 41.96 -21.04 3.53
C THR C 571 41.03 -22.16 3.09
N SER C 572 40.05 -22.55 3.91
CA SER C 572 39.14 -23.62 3.54
C SER C 572 38.14 -23.20 2.46
N PHE C 573 38.05 -21.91 2.14
CA PHE C 573 37.14 -21.43 1.11
C PHE C 573 37.86 -20.85 -0.10
N GLY C 574 39.19 -20.91 -0.12
CA GLY C 574 39.97 -20.41 -1.23
C GLY C 574 40.41 -18.97 -1.12
N LEU C 575 39.96 -18.25 -0.10
CA LEU C 575 40.36 -16.85 0.07
C LEU C 575 41.80 -16.76 0.55
N THR C 576 42.40 -15.59 0.34
CA THR C 576 43.80 -15.37 0.68
C THR C 576 44.05 -14.07 1.45
N LEU C 577 43.01 -13.33 1.78
CA LEU C 577 43.17 -12.06 2.47
C LEU C 577 42.35 -12.03 3.75
N PRO C 578 42.77 -11.25 4.74
CA PRO C 578 42.02 -11.20 6.00
C PRO C 578 40.60 -10.71 5.79
N CYS C 579 39.68 -11.27 6.56
CA CYS C 579 38.27 -10.92 6.47
C CYS C 579 37.70 -10.78 7.87
N GLY C 580 36.89 -9.74 8.08
CA GLY C 580 36.15 -9.56 9.31
C GLY C 580 34.70 -9.93 9.07
N ALA C 581 34.04 -10.45 10.11
CA ALA C 581 32.67 -10.93 9.94
C ALA C 581 31.85 -10.61 11.17
N VAL C 582 30.54 -10.53 10.98
CA VAL C 582 29.60 -10.35 12.07
C VAL C 582 28.30 -11.05 11.68
N GLU C 583 27.63 -11.63 12.68
CA GLU C 583 26.35 -12.27 12.44
C GLU C 583 25.56 -12.27 13.72
N PHE C 584 24.31 -11.80 13.66
CA PHE C 584 23.48 -11.81 14.86
C PHE C 584 22.00 -11.90 14.50
N ASN C 585 21.23 -12.34 15.48
CA ASN C 585 19.78 -12.43 15.36
C ASN C 585 19.16 -11.05 15.42
N VAL C 586 18.04 -10.88 14.72
CA VAL C 586 17.31 -9.62 14.70
C VAL C 586 15.86 -9.78 15.14
N GLU C 587 15.49 -10.93 15.69
CA GLU C 587 14.13 -11.15 16.20
C GLU C 587 13.90 -10.51 17.57
N PRO C 588 14.88 -10.48 18.48
CA PRO C 588 14.65 -9.76 19.74
C PRO C 588 14.30 -8.29 19.56
N PHE C 589 14.85 -7.63 18.55
CA PHE C 589 14.55 -6.22 18.33
C PHE C 589 13.13 -5.99 17.83
N LEU C 590 12.41 -7.03 17.45
CA LEU C 590 11.05 -6.89 16.96
C LEU C 590 10.14 -6.42 18.09
N PRO D 2 2.59 -36.76 -19.75
CA PRO D 2 3.11 -37.74 -20.71
C PRO D 2 3.29 -37.16 -22.10
N THR D 3 4.35 -37.58 -22.80
CA THR D 3 4.65 -37.12 -24.14
C THR D 3 4.46 -38.26 -25.12
N VAL D 4 3.68 -38.02 -26.17
CA VAL D 4 3.33 -39.04 -27.14
C VAL D 4 3.83 -38.59 -28.51
N GLY D 5 4.59 -39.47 -29.18
CA GLY D 5 5.06 -39.20 -30.51
C GLY D 5 4.23 -39.95 -31.53
N ILE D 6 3.65 -39.20 -32.47
CA ILE D 6 2.73 -39.76 -33.46
C ILE D 6 3.17 -39.33 -34.85
N LYS D 7 3.16 -40.28 -35.78
CA LYS D 7 3.51 -39.98 -37.17
C LYS D 7 2.52 -39.00 -37.77
N LYS D 8 3.02 -38.09 -38.61
CA LYS D 8 2.16 -37.10 -39.24
C LYS D 8 1.17 -37.75 -40.19
N VAL D 9 1.61 -38.74 -40.98
CA VAL D 9 0.71 -39.40 -41.90
C VAL D 9 -0.35 -40.19 -41.14
N LEU D 10 0.00 -40.76 -40.00
CA LEU D 10 -0.99 -41.43 -39.17
C LEU D 10 -2.03 -40.45 -38.65
N LEU D 11 -1.60 -39.26 -38.24
CA LEU D 11 -2.53 -38.22 -37.84
C LEU D 11 -3.46 -37.84 -38.98
N ASP D 12 -2.92 -37.70 -40.18
CA ASP D 12 -3.75 -37.37 -41.33
C ASP D 12 -4.77 -38.47 -41.61
N LYS D 13 -4.34 -39.73 -41.49
CA LYS D 13 -5.26 -40.85 -41.73
C LYS D 13 -6.38 -40.87 -40.71
N HIS D 14 -6.05 -40.67 -39.43
CA HIS D 14 -7.06 -40.80 -38.38
C HIS D 14 -8.00 -39.60 -38.35
N PHE D 15 -7.46 -38.38 -38.48
CA PHE D 15 -8.31 -37.20 -38.45
C PHE D 15 -9.21 -37.12 -39.66
N GLY D 16 -8.72 -37.51 -40.83
CA GLY D 16 -9.48 -37.44 -42.07
C GLY D 16 -9.15 -36.26 -42.95
N ARG D 17 -8.32 -35.34 -42.49
CA ARG D 17 -7.89 -34.20 -43.29
C ARG D 17 -6.48 -33.81 -42.89
N VAL D 18 -5.76 -33.22 -43.84
CA VAL D 18 -4.37 -32.84 -43.61
C VAL D 18 -4.34 -31.47 -42.94
N TYR D 19 -3.75 -31.40 -41.76
CA TYR D 19 -3.61 -30.16 -41.02
C TYR D 19 -2.21 -29.59 -41.22
N THR D 20 -2.13 -28.28 -41.43
CA THR D 20 -0.84 -27.62 -41.42
C THR D 20 -0.37 -27.47 -39.97
N GLU D 21 0.87 -27.00 -39.81
CA GLU D 21 1.42 -26.84 -38.46
C GLU D 21 0.62 -25.80 -37.67
N LYS D 22 0.27 -24.69 -38.30
CA LYS D 22 -0.45 -23.64 -37.59
C LYS D 22 -1.85 -24.09 -37.17
N GLU D 23 -2.56 -24.79 -38.05
CA GLU D 23 -3.89 -25.27 -37.71
C GLU D 23 -3.85 -26.25 -36.54
N PHE D 24 -2.88 -27.17 -36.57
CA PHE D 24 -2.77 -28.13 -35.48
C PHE D 24 -2.37 -27.45 -34.18
N ASP D 25 -1.49 -26.45 -34.25
CA ASP D 25 -1.09 -25.72 -33.05
C ASP D 25 -2.28 -24.97 -32.45
N GLU D 26 -3.09 -24.34 -33.29
CA GLU D 26 -4.29 -23.67 -32.81
C GLU D 26 -5.28 -24.66 -32.20
N LEU D 27 -5.43 -25.83 -32.84
CA LEU D 27 -6.32 -26.85 -32.28
C LEU D 27 -5.84 -27.32 -30.92
N CYS D 28 -4.53 -27.50 -30.77
CA CYS D 28 -3.99 -27.85 -29.46
C CYS D 28 -4.22 -26.76 -28.43
N PHE D 29 -4.04 -25.50 -28.82
CA PHE D 29 -4.27 -24.39 -27.90
C PHE D 29 -5.73 -24.31 -27.47
N GLU D 30 -6.65 -24.69 -28.35
CA GLU D 30 -8.07 -24.65 -28.00
C GLU D 30 -8.45 -25.70 -26.96
N TYR D 31 -7.87 -26.90 -27.05
CA TYR D 31 -8.29 -28.01 -26.19
C TYR D 31 -7.46 -28.15 -24.93
N GLY D 32 -6.18 -27.78 -24.97
CA GLY D 32 -5.36 -27.86 -23.78
C GLY D 32 -4.06 -28.62 -23.97
N LEU D 33 -3.87 -29.18 -25.17
CA LEU D 33 -2.65 -29.90 -25.47
C LEU D 33 -1.52 -28.93 -25.78
N GLU D 34 -0.39 -29.46 -26.23
CA GLU D 34 0.75 -28.63 -26.62
C GLU D 34 1.64 -29.41 -27.58
N LEU D 35 1.89 -28.84 -28.75
CA LEU D 35 2.78 -29.44 -29.73
C LEU D 35 4.21 -29.12 -29.33
N ASP D 36 4.91 -30.09 -28.74
CA ASP D 36 6.25 -29.84 -28.23
C ASP D 36 7.24 -29.67 -29.36
N GLU D 37 7.42 -30.70 -30.18
CA GLU D 37 8.41 -30.64 -31.24
C GLU D 37 7.91 -31.41 -32.46
N ILE D 38 8.49 -31.08 -33.61
CA ILE D 38 8.25 -31.77 -34.87
C ILE D 38 9.58 -32.32 -35.34
N THR D 39 9.63 -33.63 -35.60
CA THR D 39 10.88 -34.24 -36.07
C THR D 39 10.53 -35.48 -36.86
N SER D 40 11.10 -35.62 -38.06
CA SER D 40 10.87 -36.84 -38.81
C SER D 40 11.51 -38.02 -38.08
N GLU D 41 10.87 -39.19 -38.18
CA GLU D 41 11.39 -40.37 -37.49
C GLU D 41 12.81 -40.68 -37.94
N LYS D 42 13.11 -40.44 -39.22
CA LYS D 42 14.50 -40.48 -39.66
C LYS D 42 15.35 -39.52 -38.86
N ALA D 43 14.93 -38.24 -38.79
CA ALA D 43 15.67 -37.27 -37.99
C ALA D 43 15.55 -37.56 -36.51
N ALA D 44 14.44 -38.16 -36.08
CA ALA D 44 14.30 -38.53 -34.68
C ALA D 44 15.37 -39.52 -34.25
N VAL D 45 15.60 -40.54 -35.08
CA VAL D 45 16.70 -41.47 -34.81
C VAL D 45 18.04 -40.79 -35.01
N GLU D 46 18.13 -39.87 -35.98
CA GLU D 46 19.39 -39.20 -36.28
C GLU D 46 19.89 -38.38 -35.10
N LYS D 47 19.00 -37.68 -34.41
CA LYS D 47 19.39 -36.80 -33.32
C LYS D 47 18.82 -37.24 -31.97
N GLU D 48 18.39 -38.50 -31.85
CA GLU D 48 17.87 -38.98 -30.58
C GLU D 48 18.99 -39.19 -29.57
N ARG D 49 20.09 -39.79 -30.01
CA ARG D 49 21.27 -39.96 -29.18
C ARG D 49 22.35 -38.94 -29.50
N GLY D 50 22.02 -37.91 -30.30
CA GLY D 50 22.99 -36.94 -30.74
C GLY D 50 23.11 -36.95 -32.25
N GLU D 51 23.32 -35.79 -32.86
CA GLU D 51 23.39 -35.70 -34.31
C GLU D 51 24.56 -36.50 -34.88
N ALA D 52 25.59 -36.76 -34.07
CA ALA D 52 26.70 -37.59 -34.53
C ALA D 52 26.22 -39.01 -34.82
N ALA D 53 25.38 -39.57 -33.95
CA ALA D 53 24.82 -40.91 -34.15
C ALA D 53 23.60 -40.79 -35.05
N ALA D 54 23.86 -40.64 -36.34
CA ALA D 54 22.81 -40.40 -37.33
C ALA D 54 22.23 -41.74 -37.80
N GLY D 55 20.92 -41.91 -37.61
CA GLY D 55 20.23 -43.09 -38.09
C GLY D 55 19.09 -42.74 -39.03
N GLU D 56 19.24 -43.10 -40.31
CA GLU D 56 18.24 -42.79 -41.33
C GLU D 56 17.53 -44.04 -41.84
N ASP D 57 17.59 -45.14 -41.10
CA ASP D 57 16.99 -46.39 -41.52
C ASP D 57 15.49 -46.44 -41.25
N LEU D 58 14.94 -45.47 -40.53
CA LEU D 58 13.53 -45.46 -40.20
C LEU D 58 12.78 -44.51 -41.15
N ASN D 59 11.50 -44.32 -40.87
CA ASN D 59 10.64 -43.54 -41.77
C ASN D 59 11.04 -42.08 -41.77
N ASP D 60 11.01 -41.47 -42.96
CA ASP D 60 11.30 -40.05 -43.10
C ASP D 60 10.09 -39.17 -42.84
N GLN D 61 8.93 -39.76 -42.56
CA GLN D 61 7.74 -38.98 -42.28
C GLN D 61 7.86 -38.27 -40.93
N GLU D 62 7.22 -37.12 -40.83
CA GLU D 62 7.30 -36.31 -39.62
C GLU D 62 6.60 -37.00 -38.46
N VAL D 63 7.06 -36.71 -37.24
CA VAL D 63 6.46 -37.18 -36.01
C VAL D 63 6.28 -35.98 -35.10
N TYR D 64 5.08 -35.83 -34.56
CA TYR D 64 4.76 -34.76 -33.63
C TYR D 64 4.85 -35.29 -32.21
N LYS D 65 5.48 -34.52 -31.33
CA LYS D 65 5.53 -34.81 -29.90
C LYS D 65 4.47 -33.95 -29.21
N ILE D 66 3.48 -34.60 -28.60
CA ILE D 66 2.33 -33.93 -28.02
C ILE D 66 2.31 -34.22 -26.52
N ASP D 67 2.15 -33.16 -25.72
CA ASP D 67 2.04 -33.31 -24.27
C ASP D 67 0.59 -33.56 -23.88
N ILE D 68 0.39 -34.50 -22.98
CA ILE D 68 -0.95 -34.92 -22.57
C ILE D 68 -1.14 -34.56 -21.10
N PRO D 69 -2.31 -34.10 -20.70
CA PRO D 69 -2.57 -33.86 -19.27
C PRO D 69 -2.37 -35.13 -18.45
N ALA D 70 -1.81 -34.96 -17.26
CA ALA D 70 -1.44 -36.12 -16.44
C ALA D 70 -2.64 -36.92 -15.96
N ASN D 71 -3.81 -36.31 -15.88
CA ASN D 71 -5.01 -37.00 -15.41
C ASN D 71 -5.87 -37.53 -16.55
N ARG D 72 -5.43 -37.39 -17.79
CA ARG D 72 -6.14 -37.92 -18.95
C ARG D 72 -5.45 -39.19 -19.41
N TYR D 73 -6.18 -40.31 -19.37
CA TYR D 73 -5.63 -41.60 -19.72
C TYR D 73 -6.01 -42.05 -21.12
N ASP D 74 -7.15 -41.59 -21.64
CA ASP D 74 -7.59 -41.99 -22.96
C ASP D 74 -6.90 -41.22 -24.08
N LEU D 75 -6.07 -40.23 -23.74
CA LEU D 75 -5.35 -39.46 -24.74
C LEU D 75 -3.91 -39.93 -24.92
N LEU D 76 -3.60 -41.16 -24.51
CA LEU D 76 -2.24 -41.68 -24.60
C LEU D 76 -1.96 -42.37 -25.92
N SER D 77 -2.92 -42.44 -26.83
CA SER D 77 -2.72 -43.04 -28.13
C SER D 77 -3.54 -42.27 -29.16
N VAL D 78 -3.17 -42.45 -30.43
CA VAL D 78 -3.84 -41.72 -31.50
C VAL D 78 -5.31 -42.10 -31.58
N GLU D 79 -5.65 -43.34 -31.22
CA GLU D 79 -7.03 -43.79 -31.31
C GLU D 79 -7.95 -42.97 -30.40
N GLY D 80 -7.49 -42.67 -29.19
CA GLY D 80 -8.30 -41.90 -28.27
C GLY D 80 -8.20 -40.41 -28.51
N LEU D 81 -7.00 -39.94 -28.86
CA LEU D 81 -6.80 -38.52 -29.10
C LEU D 81 -7.62 -38.04 -30.29
N SER D 82 -7.57 -38.77 -31.40
CA SER D 82 -8.35 -38.38 -32.57
C SER D 82 -9.84 -38.44 -32.28
N ARG D 83 -10.30 -39.47 -31.57
CA ARG D 83 -11.72 -39.57 -31.24
C ARG D 83 -12.16 -38.39 -30.39
N ALA D 84 -11.38 -38.05 -29.37
CA ALA D 84 -11.74 -36.94 -28.50
C ALA D 84 -11.79 -35.62 -29.26
N ILE D 85 -10.79 -35.36 -30.10
CA ILE D 85 -10.76 -34.11 -30.84
C ILE D 85 -11.91 -34.03 -31.83
N ARG D 86 -12.18 -35.13 -32.54
CA ARG D 86 -13.26 -35.11 -33.53
C ARG D 86 -14.62 -34.99 -32.86
N ILE D 87 -14.81 -35.54 -31.66
CA ILE D 87 -16.04 -35.29 -30.93
C ILE D 87 -16.12 -33.84 -30.48
N PHE D 88 -14.97 -33.25 -30.11
CA PHE D 88 -14.96 -31.86 -29.68
C PHE D 88 -15.38 -30.92 -30.79
N LYS D 89 -14.95 -31.18 -32.02
CA LYS D 89 -15.31 -30.35 -33.16
C LYS D 89 -16.64 -30.74 -33.79
N GLN D 90 -17.33 -31.74 -33.23
CA GLN D 90 -18.63 -32.20 -33.72
C GLN D 90 -18.53 -32.77 -35.14
N GLU D 91 -17.58 -33.69 -35.32
CA GLU D 91 -17.44 -34.43 -36.57
C GLU D 91 -18.16 -35.78 -36.52
N ILE D 92 -17.95 -36.53 -35.45
CA ILE D 92 -18.49 -37.88 -35.32
C ILE D 92 -19.26 -37.97 -34.00
N GLU D 93 -20.12 -38.97 -33.92
CA GLU D 93 -20.90 -39.23 -32.72
C GLU D 93 -20.08 -40.00 -31.70
N SER D 94 -20.33 -39.72 -30.42
CA SER D 94 -19.60 -40.39 -29.36
C SER D 94 -19.94 -41.88 -29.33
N PRO D 95 -18.95 -42.76 -29.29
CA PRO D 95 -19.24 -44.20 -29.31
C PRO D 95 -19.86 -44.68 -28.01
N GLU D 96 -20.50 -45.84 -28.09
CA GLU D 96 -21.11 -46.49 -26.94
C GLU D 96 -20.50 -47.87 -26.76
N TYR D 97 -20.13 -48.20 -25.53
CA TYR D 97 -19.45 -49.45 -25.20
C TYR D 97 -20.42 -50.41 -24.55
N ARG D 98 -20.47 -51.64 -25.05
CA ARG D 98 -21.39 -52.65 -24.56
C ARG D 98 -20.65 -53.97 -24.37
N PHE D 99 -21.37 -54.96 -23.87
CA PHE D 99 -20.83 -56.30 -23.62
C PHE D 99 -21.33 -57.26 -24.70
N SER D 100 -20.44 -58.11 -25.18
CA SER D 100 -20.77 -59.10 -26.20
C SER D 100 -21.15 -60.42 -25.54
N ASP D 101 -22.29 -60.96 -25.92
CA ASP D 101 -22.77 -62.20 -25.32
C ASP D 101 -21.92 -63.37 -25.81
N THR D 102 -21.50 -64.21 -24.87
CA THR D 102 -20.71 -65.39 -25.19
C THR D 102 -21.11 -66.51 -24.24
N LYS D 103 -21.42 -67.68 -24.79
CA LYS D 103 -21.88 -68.80 -23.98
C LYS D 103 -20.75 -69.46 -23.21
N THR D 104 -19.49 -69.23 -23.60
CA THR D 104 -18.34 -69.85 -22.95
C THR D 104 -17.37 -68.74 -22.53
N ARG D 105 -17.30 -68.50 -21.23
CA ARG D 105 -16.41 -67.48 -20.69
C ARG D 105 -15.14 -68.11 -20.15
N GLN D 106 -14.03 -67.37 -20.27
CA GLN D 106 -12.79 -67.80 -19.66
C GLN D 106 -12.86 -67.64 -18.14
N LYS D 107 -12.03 -68.41 -17.44
CA LYS D 107 -12.08 -68.45 -15.99
C LYS D 107 -10.67 -68.42 -15.42
N ILE D 108 -10.52 -67.71 -14.30
CA ILE D 108 -9.27 -67.65 -13.57
C ILE D 108 -9.54 -68.04 -12.12
N ILE D 109 -8.74 -68.95 -11.58
CA ILE D 109 -8.88 -69.42 -10.21
C ILE D 109 -7.65 -68.98 -9.42
N VAL D 110 -7.87 -68.25 -8.34
CA VAL D 110 -6.80 -67.64 -7.56
C VAL D 110 -6.50 -68.51 -6.35
N LYS D 111 -5.21 -68.79 -6.13
CA LYS D 111 -4.79 -69.60 -5.00
C LYS D 111 -4.59 -68.75 -3.75
N ARG D 112 -4.59 -69.42 -2.60
CA ARG D 112 -4.50 -68.72 -1.32
C ARG D 112 -3.15 -68.04 -1.14
N GLU D 113 -2.07 -68.73 -1.48
CA GLU D 113 -0.73 -68.19 -1.24
C GLU D 113 -0.49 -66.89 -1.99
N THR D 114 -1.22 -66.65 -3.08
CA THR D 114 -1.08 -65.41 -3.83
C THR D 114 -1.46 -64.19 -3.02
N ALA D 115 -2.16 -64.37 -1.89
CA ALA D 115 -2.44 -63.26 -1.01
C ALA D 115 -1.20 -62.71 -0.33
N GLN D 116 -0.07 -63.41 -0.42
CA GLN D 116 1.15 -62.94 0.22
C GLN D 116 1.87 -61.88 -0.61
N VAL D 117 1.76 -61.93 -1.94
CA VAL D 117 2.55 -61.04 -2.79
C VAL D 117 1.66 -60.17 -3.68
N ARG D 118 0.88 -60.81 -4.57
CA ARG D 118 0.07 -60.11 -5.55
C ARG D 118 -1.36 -60.64 -5.46
N PRO D 119 -2.19 -60.04 -4.60
CA PRO D 119 -3.50 -60.65 -4.30
C PRO D 119 -4.62 -60.32 -5.27
N TYR D 120 -4.45 -59.40 -6.22
CA TYR D 120 -5.55 -58.99 -7.07
C TYR D 120 -5.24 -59.26 -8.54
N VAL D 121 -6.27 -59.68 -9.28
CA VAL D 121 -6.13 -59.98 -10.71
C VAL D 121 -7.46 -59.72 -11.40
N VAL D 122 -7.38 -59.14 -12.61
CA VAL D 122 -8.54 -58.89 -13.46
C VAL D 122 -8.19 -59.28 -14.89
N GLY D 123 -9.21 -59.41 -15.72
CA GLY D 123 -8.97 -59.83 -17.10
C GLY D 123 -10.11 -59.50 -18.03
N ALA D 124 -9.79 -59.53 -19.33
CA ALA D 124 -10.76 -59.30 -20.40
C ALA D 124 -10.26 -59.96 -21.68
N VAL D 125 -11.15 -60.10 -22.65
CA VAL D 125 -10.84 -60.75 -23.92
C VAL D 125 -11.29 -59.84 -25.06
N LEU D 126 -10.40 -59.61 -26.02
CA LEU D 126 -10.74 -58.94 -27.27
C LEU D 126 -10.84 -60.00 -28.38
N ARG D 127 -11.97 -60.00 -29.08
CA ARG D 127 -12.27 -61.06 -30.04
C ARG D 127 -12.30 -60.49 -31.45
N ASP D 128 -11.77 -61.29 -32.39
CA ASP D 128 -11.77 -60.95 -33.82
C ASP D 128 -11.03 -59.64 -34.09
N VAL D 129 -9.77 -59.61 -33.67
CA VAL D 129 -8.95 -58.42 -33.86
C VAL D 129 -8.47 -58.35 -35.31
N SER D 130 -8.12 -57.14 -35.74
CA SER D 130 -7.65 -56.88 -37.11
C SER D 130 -6.41 -55.99 -37.08
N PHE D 131 -5.43 -56.37 -36.27
CA PHE D 131 -4.22 -55.59 -36.14
C PHE D 131 -3.46 -55.50 -37.45
N ASP D 132 -2.82 -54.36 -37.68
CA ASP D 132 -1.91 -54.18 -38.81
C ASP D 132 -0.59 -53.61 -38.31
N SER D 133 0.26 -53.13 -39.22
CA SER D 133 1.60 -52.71 -38.83
C SER D 133 1.57 -51.57 -37.82
N ASP D 134 0.68 -50.59 -38.00
CA ASP D 134 0.68 -49.41 -37.13
C ASP D 134 -0.09 -49.66 -35.83
N SER D 135 -1.21 -50.38 -35.91
CA SER D 135 -2.01 -50.61 -34.72
C SER D 135 -1.27 -51.45 -33.69
N TYR D 136 -0.44 -52.39 -34.15
CA TYR D 136 0.35 -53.20 -33.21
C TYR D 136 1.36 -52.34 -32.46
N ALA D 137 2.05 -51.45 -33.16
CA ALA D 137 2.99 -50.56 -32.50
C ALA D 137 2.29 -49.63 -31.52
N SER D 138 1.11 -49.12 -31.91
CA SER D 138 0.33 -48.29 -30.99
C SER D 138 -0.10 -49.08 -29.77
N PHE D 139 -0.47 -50.35 -29.96
CA PHE D 139 -0.89 -51.20 -28.85
C PHE D 139 0.25 -51.42 -27.86
N ILE D 140 1.47 -51.61 -28.38
CA ILE D 140 2.62 -51.76 -27.49
C ILE D 140 2.92 -50.45 -26.77
N ASP D 141 2.84 -49.33 -27.49
CA ASP D 141 3.18 -48.04 -26.91
C ASP D 141 2.21 -47.66 -25.79
N LEU D 142 0.93 -47.98 -25.95
CA LEU D 142 -0.04 -47.68 -24.90
C LEU D 142 0.30 -48.43 -23.62
N GLN D 143 0.65 -49.71 -23.74
CA GLN D 143 1.06 -50.47 -22.56
C GLN D 143 2.31 -49.89 -21.93
N ASP D 144 3.26 -49.47 -22.75
CA ASP D 144 4.47 -48.87 -22.20
C ASP D 144 4.15 -47.61 -21.41
N LYS D 145 3.30 -46.74 -21.96
CA LYS D 145 2.94 -45.50 -21.26
C LYS D 145 2.21 -45.80 -19.96
N LEU D 146 1.26 -46.74 -19.99
CA LEU D 146 0.52 -47.07 -18.77
C LEU D 146 1.44 -47.65 -17.70
N HIS D 147 2.37 -48.52 -18.08
CA HIS D 147 3.32 -49.05 -17.13
C HIS D 147 4.27 -47.98 -16.60
N GLN D 148 4.55 -46.94 -17.38
CA GLN D 148 5.47 -45.90 -16.93
C GLN D 148 4.81 -44.82 -16.08
N ASN D 149 3.50 -44.59 -16.19
CA ASN D 149 2.88 -43.47 -15.51
C ASN D 149 1.95 -43.88 -14.38
N ILE D 150 0.87 -44.59 -14.66
CA ILE D 150 -0.13 -44.86 -13.63
C ILE D 150 0.22 -46.10 -12.81
N CYS D 151 0.82 -47.10 -13.43
CA CYS D 151 1.18 -48.32 -12.72
C CYS D 151 2.37 -48.13 -11.79
N ARG D 152 3.01 -46.96 -11.82
CA ARG D 152 4.14 -46.63 -10.95
C ARG D 152 5.29 -47.61 -11.18
N LYS D 153 5.79 -47.60 -12.42
CA LYS D 153 6.92 -48.44 -12.82
C LYS D 153 6.66 -49.91 -12.52
N ARG D 154 5.44 -50.35 -12.80
CA ARG D 154 4.99 -51.74 -12.68
C ARG D 154 4.98 -52.23 -11.24
N THR D 155 5.22 -51.35 -10.27
CA THR D 155 5.21 -51.76 -8.87
C THR D 155 3.81 -52.13 -8.41
N LEU D 156 2.80 -51.38 -8.86
CA LEU D 156 1.43 -51.59 -8.41
C LEU D 156 0.65 -52.51 -9.34
N VAL D 157 0.63 -52.20 -10.64
CA VAL D 157 -0.16 -52.95 -11.61
C VAL D 157 0.76 -53.43 -12.72
N ALA D 158 0.50 -54.64 -13.22
CA ALA D 158 1.22 -55.19 -14.36
C ALA D 158 0.23 -55.79 -15.34
N ILE D 159 0.54 -55.61 -16.63
CA ILE D 159 -0.35 -55.99 -17.73
C ILE D 159 0.30 -57.09 -18.54
N GLY D 160 -0.50 -58.06 -18.96
CA GLY D 160 -0.04 -59.12 -19.83
C GLY D 160 -1.03 -59.43 -20.93
N THR D 161 -0.53 -59.69 -22.14
CA THR D 161 -1.37 -60.02 -23.28
C THR D 161 -0.91 -61.34 -23.89
N HIS D 162 -1.88 -62.19 -24.23
CA HIS D 162 -1.58 -63.51 -24.76
C HIS D 162 -2.52 -63.81 -25.91
N ASP D 163 -2.13 -64.79 -26.73
CA ASP D 163 -2.99 -65.28 -27.79
C ASP D 163 -3.94 -66.33 -27.22
N LEU D 164 -5.25 -66.12 -27.44
CA LEU D 164 -6.24 -67.00 -26.83
C LEU D 164 -6.28 -68.38 -27.49
N ASP D 165 -5.79 -68.51 -28.72
CA ASP D 165 -5.86 -69.79 -29.42
C ASP D 165 -4.69 -70.71 -29.10
N THR D 166 -3.51 -70.15 -28.83
CA THR D 166 -2.35 -71.00 -28.57
C THR D 166 -2.40 -71.65 -27.19
N ILE D 167 -3.29 -71.19 -26.31
CA ILE D 167 -3.45 -71.76 -24.98
C ILE D 167 -4.93 -72.07 -24.78
N GLN D 168 -5.19 -72.96 -23.82
CA GLN D 168 -6.55 -73.43 -23.62
C GLN D 168 -6.71 -73.89 -22.17
N GLY D 169 -7.94 -73.78 -21.67
CA GLY D 169 -8.27 -74.30 -20.37
C GLY D 169 -8.46 -73.22 -19.32
N PRO D 170 -9.16 -73.54 -18.23
CA PRO D 170 -9.33 -72.59 -17.14
C PRO D 170 -7.99 -72.27 -16.48
N PHE D 171 -7.67 -70.98 -16.41
CA PHE D 171 -6.37 -70.55 -15.93
C PHE D 171 -6.32 -70.55 -14.41
N GLU D 172 -5.12 -70.76 -13.88
CA GLU D 172 -4.88 -70.76 -12.45
C GLU D 172 -3.76 -69.80 -12.11
N TYR D 173 -3.91 -69.13 -10.97
CA TYR D 173 -2.97 -68.13 -10.49
C TYR D 173 -2.34 -68.67 -9.21
N ARG D 174 -1.14 -69.24 -9.34
CA ARG D 174 -0.47 -69.89 -8.23
C ARG D 174 0.67 -69.03 -7.72
N ALA D 175 1.21 -69.43 -6.57
CA ALA D 175 2.34 -68.77 -5.92
C ALA D 175 3.36 -69.81 -5.48
N GLU D 176 3.73 -70.70 -6.41
CA GLU D 176 4.64 -71.80 -6.10
C GLU D 176 6.02 -71.27 -5.69
N ALA D 177 6.82 -72.17 -5.14
CA ALA D 177 8.18 -71.86 -4.74
C ALA D 177 9.05 -71.59 -5.98
N PRO D 178 10.14 -70.84 -5.81
CA PRO D 178 10.99 -70.54 -6.98
C PRO D 178 11.53 -71.77 -7.68
N ASN D 179 11.86 -72.83 -6.94
CA ASN D 179 12.42 -74.02 -7.56
C ASN D 179 11.36 -74.92 -8.19
N LYS D 180 10.08 -74.60 -8.03
CA LYS D 180 8.99 -75.43 -8.55
C LYS D 180 8.49 -74.97 -9.90
N ILE D 181 9.07 -73.91 -10.47
CA ILE D 181 8.62 -73.36 -11.74
C ILE D 181 9.78 -73.34 -12.73
N LYS D 182 9.50 -73.77 -13.96
CA LYS D 182 10.51 -73.83 -15.01
C LYS D 182 9.82 -73.79 -16.36
N PHE D 183 10.27 -72.88 -17.22
CA PHE D 183 9.67 -72.74 -18.55
C PHE D 183 10.64 -71.97 -19.44
N ARG D 184 10.24 -71.82 -20.71
CA ARG D 184 11.06 -71.11 -21.68
C ARG D 184 10.66 -69.65 -21.74
N PRO D 185 11.57 -68.71 -21.48
CA PRO D 185 11.20 -67.30 -21.50
C PRO D 185 10.99 -66.79 -22.91
N LEU D 186 10.44 -65.59 -23.00
CA LEU D 186 10.27 -64.92 -24.29
C LEU D 186 11.63 -64.57 -24.88
N ASN D 187 11.77 -64.77 -26.19
CA ASN D 187 13.02 -64.49 -26.91
C ASN D 187 14.20 -65.26 -26.32
N GLN D 188 13.95 -66.51 -25.95
CA GLN D 188 14.99 -67.38 -25.41
C GLN D 188 14.85 -68.77 -26.01
N THR D 189 15.95 -69.50 -26.02
CA THR D 189 16.00 -70.83 -26.63
C THR D 189 15.73 -71.94 -25.60
N LYS D 190 16.56 -72.03 -24.57
CA LYS D 190 16.44 -73.08 -23.58
C LYS D 190 15.57 -72.63 -22.41
N GLU D 191 15.08 -73.61 -21.66
CA GLU D 191 14.24 -73.33 -20.51
C GLU D 191 15.08 -72.90 -19.31
N TYR D 192 14.43 -72.22 -18.37
CA TYR D 192 15.06 -71.78 -17.14
C TYR D 192 14.06 -71.89 -16.00
N THR D 193 14.60 -71.95 -14.78
CA THR D 193 13.82 -71.88 -13.56
C THR D 193 13.84 -70.45 -13.03
N ALA D 194 13.14 -70.24 -11.91
CA ALA D 194 13.03 -68.90 -11.34
C ALA D 194 14.40 -68.37 -10.91
N GLU D 195 15.17 -69.17 -10.20
CA GLU D 195 16.50 -68.73 -9.76
C GLU D 195 17.41 -68.49 -10.96
N GLU D 196 17.38 -69.40 -11.93
CA GLU D 196 18.17 -69.20 -13.15
C GLU D 196 17.72 -67.95 -13.90
N LEU D 197 16.41 -67.69 -13.92
CA LEU D 197 15.90 -66.49 -14.58
C LEU D 197 16.40 -65.23 -13.88
N MET D 198 16.37 -65.22 -12.54
CA MET D 198 16.86 -64.06 -11.80
C MET D 198 18.35 -63.85 -12.05
N THR D 199 19.13 -64.93 -12.07
CA THR D 199 20.56 -64.80 -12.35
C THR D 199 20.78 -64.27 -13.76
N LEU D 200 19.99 -64.74 -14.73
CA LEU D 200 20.16 -64.30 -16.10
C LEU D 200 19.82 -62.81 -16.26
N TYR D 201 18.74 -62.36 -15.62
CA TYR D 201 18.29 -60.98 -15.77
C TYR D 201 18.93 -60.04 -14.75
N SER D 202 19.81 -60.55 -13.89
CA SER D 202 20.50 -59.66 -12.94
C SER D 202 21.36 -58.64 -13.68
N THR D 203 22.05 -59.06 -14.73
CA THR D 203 22.95 -58.18 -15.48
C THR D 203 22.26 -57.46 -16.63
N ASP D 204 20.96 -57.64 -16.81
CA ASP D 204 20.24 -56.97 -17.88
C ASP D 204 20.08 -55.49 -17.54
N SER D 205 19.46 -54.75 -18.45
CA SER D 205 19.20 -53.33 -18.28
C SER D 205 17.71 -52.99 -18.22
N HIS D 206 16.92 -53.52 -19.15
CA HIS D 206 15.50 -53.19 -19.18
C HIS D 206 14.76 -53.86 -18.04
N LEU D 207 15.02 -55.14 -17.80
CA LEU D 207 14.30 -55.90 -16.78
C LEU D 207 15.02 -55.91 -15.44
N LYS D 208 16.14 -55.19 -15.31
CA LYS D 208 16.88 -55.19 -14.05
C LYS D 208 16.08 -54.54 -12.93
N ALA D 209 15.39 -53.44 -13.22
CA ALA D 209 14.73 -52.68 -12.16
C ALA D 209 13.49 -53.38 -11.61
N TYR D 210 12.86 -54.26 -12.40
CA TYR D 210 11.64 -54.91 -11.95
C TYR D 210 11.90 -56.11 -11.05
N LEU D 211 13.14 -56.59 -10.97
CA LEU D 211 13.43 -57.76 -10.15
C LEU D 211 13.20 -57.53 -8.66
N PRO D 212 13.69 -56.45 -8.03
CA PRO D 212 13.52 -56.31 -6.59
C PRO D 212 12.07 -56.20 -6.11
N ILE D 213 11.09 -56.21 -7.03
CA ILE D 213 9.70 -56.12 -6.61
C ILE D 213 9.30 -57.35 -5.81
N ILE D 214 9.67 -58.53 -6.29
CA ILE D 214 9.29 -59.78 -5.63
C ILE D 214 10.51 -60.64 -5.39
N GLN D 215 11.70 -60.03 -5.44
CA GLN D 215 12.93 -60.79 -5.33
C GLN D 215 13.07 -61.47 -3.98
N ASN D 216 12.73 -60.77 -2.90
CA ASN D 216 12.96 -61.28 -1.56
C ASN D 216 11.78 -62.06 -0.99
N HIS D 217 10.65 -62.10 -1.69
CA HIS D 217 9.51 -62.84 -1.18
C HIS D 217 9.79 -64.34 -1.21
N PRO D 218 9.29 -65.11 -0.25
CA PRO D 218 9.53 -66.56 -0.25
C PRO D 218 8.91 -67.29 -1.43
N VAL D 219 7.88 -66.72 -2.06
CA VAL D 219 7.20 -67.36 -3.17
C VAL D 219 7.08 -66.37 -4.32
N TYR D 220 6.88 -66.90 -5.52
CA TYR D 220 6.75 -66.10 -6.73
C TYR D 220 5.39 -66.33 -7.38
N PRO D 221 4.74 -65.27 -7.88
CA PRO D 221 3.49 -65.45 -8.62
C PRO D 221 3.74 -66.15 -9.95
N VAL D 222 2.72 -66.86 -10.43
CA VAL D 222 2.81 -67.59 -11.68
C VAL D 222 1.41 -67.87 -12.16
N ILE D 223 1.24 -67.99 -13.48
CA ILE D 223 -0.03 -68.30 -14.11
C ILE D 223 0.13 -69.55 -14.95
N TYR D 224 -0.75 -70.53 -14.74
CA TYR D 224 -0.73 -71.78 -15.47
C TYR D 224 -2.03 -71.96 -16.24
N ASP D 225 -1.93 -72.65 -17.37
CA ASP D 225 -3.12 -73.06 -18.11
C ASP D 225 -3.53 -74.46 -17.63
N LYS D 226 -4.46 -75.09 -18.34
CA LYS D 226 -4.88 -76.43 -17.96
C LYS D 226 -3.75 -77.44 -18.14
N ASN D 227 -3.04 -77.36 -19.26
CA ASN D 227 -2.01 -78.35 -19.60
C ASN D 227 -0.63 -77.94 -19.11
N GLY D 228 -0.55 -77.55 -17.83
CA GLY D 228 0.71 -77.26 -17.17
C GLY D 228 1.73 -76.44 -17.94
N VAL D 229 1.29 -75.45 -18.69
CA VAL D 229 2.18 -74.57 -19.45
C VAL D 229 2.22 -73.22 -18.75
N VAL D 230 3.42 -72.73 -18.46
CA VAL D 230 3.59 -71.46 -17.78
C VAL D 230 3.23 -70.35 -18.77
N CYS D 231 2.05 -69.75 -18.58
CA CYS D 231 1.63 -68.66 -19.47
C CYS D 231 2.48 -67.42 -19.25
N SER D 232 2.68 -67.02 -18.00
CA SER D 232 3.50 -65.86 -17.69
C SER D 232 3.92 -65.93 -16.23
N MET D 233 4.94 -65.15 -15.89
CA MET D 233 5.46 -65.05 -14.53
C MET D 233 5.49 -63.57 -14.17
N PRO D 234 4.33 -63.00 -13.81
CA PRO D 234 4.27 -61.56 -13.61
C PRO D 234 4.97 -61.17 -12.32
N PRO D 235 5.52 -59.96 -12.24
CA PRO D 235 5.57 -58.94 -13.29
C PRO D 235 6.91 -58.92 -14.03
N ILE D 236 7.42 -60.06 -14.47
CA ILE D 236 8.75 -60.10 -15.06
C ILE D 236 8.68 -60.24 -16.58
N ILE D 237 8.17 -61.38 -17.06
CA ILE D 237 8.11 -61.66 -18.49
C ILE D 237 6.96 -62.62 -18.76
N ASN D 238 6.57 -62.72 -20.03
CA ASN D 238 5.53 -63.61 -20.48
C ASN D 238 6.14 -64.93 -20.96
N GLY D 239 5.31 -65.79 -21.54
CA GLY D 239 5.76 -67.06 -22.05
C GLY D 239 5.91 -67.01 -23.57
N GLU D 240 6.95 -67.69 -24.06
CA GLU D 240 7.20 -67.72 -25.50
C GLU D 240 6.08 -68.44 -26.24
N HIS D 241 5.51 -69.47 -25.63
CA HIS D 241 4.46 -70.25 -26.28
C HIS D 241 3.21 -69.42 -26.54
N SER D 242 3.00 -68.35 -25.77
CA SER D 242 1.81 -67.52 -25.88
C SER D 242 2.09 -66.16 -26.48
N LYS D 243 3.18 -66.04 -27.25
CA LYS D 243 3.52 -64.77 -27.86
C LYS D 243 2.46 -64.36 -28.87
N ILE D 244 2.21 -63.05 -28.95
CA ILE D 244 1.19 -62.48 -29.82
C ILE D 244 1.88 -61.80 -30.99
N THR D 245 1.43 -62.12 -32.21
CA THR D 245 2.00 -61.53 -33.41
C THR D 245 0.90 -60.94 -34.29
N LEU D 246 1.26 -60.49 -35.49
CA LEU D 246 0.30 -59.87 -36.38
C LEU D 246 -0.77 -60.84 -36.87
N LYS D 247 -0.49 -62.14 -36.84
CA LYS D 247 -1.46 -63.14 -37.29
C LYS D 247 -2.52 -63.44 -36.25
N THR D 248 -2.38 -62.95 -35.03
CA THR D 248 -3.32 -63.26 -33.97
C THR D 248 -4.69 -62.64 -34.26
N LYS D 249 -5.74 -63.37 -33.91
CA LYS D 249 -7.11 -62.90 -34.09
C LYS D 249 -7.88 -62.75 -32.79
N ASN D 250 -7.38 -63.28 -31.68
CA ASN D 250 -8.01 -63.15 -30.38
C ASN D 250 -6.94 -62.84 -29.34
N VAL D 251 -7.21 -61.88 -28.48
CA VAL D 251 -6.26 -61.41 -27.48
C VAL D 251 -6.88 -61.60 -26.10
N PHE D 252 -6.09 -62.11 -25.17
CA PHE D 252 -6.47 -62.22 -23.77
C PHE D 252 -5.61 -61.27 -22.96
N ILE D 253 -6.23 -60.31 -22.30
CA ILE D 253 -5.55 -59.28 -21.53
C ILE D 253 -5.80 -59.53 -20.06
N GLU D 254 -4.74 -59.47 -19.26
CA GLU D 254 -4.85 -59.69 -17.82
C GLU D 254 -4.03 -58.65 -17.10
N ALA D 255 -4.42 -58.37 -15.86
CA ALA D 255 -3.73 -57.39 -15.03
C ALA D 255 -3.61 -57.94 -13.62
N THR D 256 -2.40 -57.96 -13.10
CA THR D 256 -2.11 -58.40 -11.74
C THR D 256 -1.66 -57.20 -10.91
N ALA D 257 -2.27 -57.01 -9.74
CA ALA D 257 -2.05 -55.80 -8.98
C ALA D 257 -2.26 -56.04 -7.49
N THR D 258 -1.66 -55.16 -6.70
CA THR D 258 -1.93 -55.04 -5.28
C THR D 258 -2.90 -53.91 -4.95
N ASP D 259 -3.14 -52.99 -5.88
CA ASP D 259 -4.12 -51.92 -5.72
C ASP D 259 -5.28 -52.19 -6.67
N LYS D 260 -6.49 -52.29 -6.10
CA LYS D 260 -7.63 -52.76 -6.88
C LYS D 260 -8.20 -51.70 -7.81
N GLN D 261 -8.16 -50.42 -7.42
CA GLN D 261 -8.80 -49.39 -8.23
C GLN D 261 -8.00 -49.09 -9.50
N LYS D 262 -6.68 -49.00 -9.39
CA LYS D 262 -5.86 -48.70 -10.55
C LYS D 262 -5.93 -49.81 -11.59
N ALA D 263 -6.12 -51.06 -11.15
CA ALA D 263 -6.34 -52.15 -12.10
C ALA D 263 -7.60 -51.91 -12.91
N TYR D 264 -8.68 -51.49 -12.25
CA TYR D 264 -9.91 -51.17 -12.97
C TYR D 264 -9.67 -50.08 -14.00
N VAL D 265 -8.97 -49.01 -13.60
CA VAL D 265 -8.75 -47.89 -14.50
C VAL D 265 -7.94 -48.32 -15.71
N VAL D 266 -6.84 -49.05 -15.49
CA VAL D 266 -5.97 -49.46 -16.59
C VAL D 266 -6.71 -50.41 -17.53
N LEU D 267 -7.44 -51.38 -16.98
CA LEU D 267 -8.17 -52.32 -17.81
C LEU D 267 -9.22 -51.61 -18.66
N ASP D 268 -9.96 -50.68 -18.04
CA ASP D 268 -10.97 -49.95 -18.80
C ASP D 268 -10.34 -49.13 -19.92
N THR D 269 -9.23 -48.45 -19.63
CA THR D 269 -8.57 -47.65 -20.66
C THR D 269 -8.15 -48.51 -21.84
N ILE D 270 -7.46 -49.63 -21.55
CA ILE D 270 -6.97 -50.47 -22.64
C ILE D 270 -8.14 -51.07 -23.42
N VAL D 271 -9.18 -51.54 -22.72
CA VAL D 271 -10.25 -52.23 -23.41
C VAL D 271 -11.14 -51.28 -24.19
N THR D 272 -11.17 -50.00 -23.82
CA THR D 272 -11.98 -49.05 -24.58
C THR D 272 -11.22 -48.44 -25.74
N LEU D 273 -9.92 -48.20 -25.58
CA LEU D 273 -9.16 -47.57 -26.66
C LEU D 273 -9.09 -48.44 -27.90
N PHE D 274 -8.91 -49.76 -27.73
CA PHE D 274 -8.68 -50.66 -28.85
C PHE D 274 -9.85 -51.59 -29.13
N SER D 275 -11.06 -51.21 -28.74
CA SER D 275 -12.23 -52.02 -29.07
C SER D 275 -12.80 -51.70 -30.44
N GLN D 276 -12.29 -50.69 -31.13
CA GLN D 276 -12.77 -50.37 -32.47
C GLN D 276 -12.23 -51.34 -33.51
N TYR D 277 -11.02 -51.88 -33.30
CA TYR D 277 -10.41 -52.78 -34.25
C TYR D 277 -11.10 -54.14 -34.32
N CYS D 278 -11.99 -54.43 -33.37
CA CYS D 278 -12.72 -55.69 -33.40
C CYS D 278 -13.65 -55.75 -34.62
N GLN D 279 -13.93 -56.97 -35.07
CA GLN D 279 -14.84 -57.16 -36.19
C GLN D 279 -16.22 -56.60 -35.86
N LYS D 280 -16.61 -56.62 -34.59
CA LYS D 280 -17.83 -55.98 -34.13
C LYS D 280 -17.43 -54.80 -33.26
N PRO D 281 -17.46 -53.57 -33.78
CA PRO D 281 -16.82 -52.45 -33.08
C PRO D 281 -17.44 -52.19 -31.71
N PHE D 282 -16.58 -51.86 -30.75
CA PHE D 282 -16.99 -51.47 -29.40
C PHE D 282 -17.83 -52.56 -28.74
N HIS D 283 -17.23 -53.74 -28.61
CA HIS D 283 -17.89 -54.87 -27.97
C HIS D 283 -16.83 -55.76 -27.34
N VAL D 284 -17.00 -56.06 -26.06
CA VAL D 284 -16.06 -56.89 -25.31
C VAL D 284 -16.85 -57.98 -24.60
N GLU D 285 -16.19 -59.10 -24.33
CA GLU D 285 -16.77 -60.20 -23.57
C GLU D 285 -16.11 -60.28 -22.21
N GLN D 286 -16.87 -60.76 -21.23
CA GLN D 286 -16.46 -60.71 -19.84
C GLN D 286 -15.69 -61.97 -19.41
N VAL D 287 -14.94 -61.84 -18.34
CA VAL D 287 -14.15 -62.91 -17.74
C VAL D 287 -14.51 -62.99 -16.26
N GLU D 288 -14.64 -64.22 -15.76
CA GLU D 288 -14.99 -64.45 -14.36
C GLU D 288 -13.75 -64.82 -13.56
N VAL D 289 -13.59 -64.18 -12.41
CA VAL D 289 -12.48 -64.46 -11.50
C VAL D 289 -13.05 -64.80 -10.13
N GLU D 290 -12.63 -65.95 -9.59
CA GLU D 290 -13.08 -66.39 -8.28
C GLU D 290 -11.88 -66.65 -7.38
N TYR D 291 -12.00 -66.24 -6.12
CA TYR D 291 -10.96 -66.44 -5.13
C TYR D 291 -11.27 -67.69 -4.32
N GLU D 292 -10.31 -68.61 -4.26
CA GLU D 292 -10.52 -69.87 -3.56
C GLU D 292 -10.62 -69.67 -2.05
N GLU D 293 -9.87 -68.72 -1.50
CA GLU D 293 -9.88 -68.50 -0.05
C GLU D 293 -11.24 -68.04 0.43
N THR D 294 -11.90 -67.16 -0.32
CA THR D 294 -13.17 -66.59 0.09
C THR D 294 -14.37 -67.22 -0.60
N GLY D 295 -14.21 -67.67 -1.84
CA GLY D 295 -15.32 -68.25 -2.57
C GLY D 295 -16.20 -67.25 -3.30
N GLU D 296 -15.80 -65.99 -3.37
CA GLU D 296 -16.56 -64.97 -4.07
C GLU D 296 -16.16 -64.93 -5.54
N LYS D 297 -17.09 -64.47 -6.37
CA LYS D 297 -16.88 -64.40 -7.81
C LYS D 297 -17.13 -62.99 -8.32
N GLU D 298 -16.31 -62.56 -9.28
CA GLU D 298 -16.44 -61.25 -9.89
C GLU D 298 -16.35 -61.39 -11.40
N LEU D 299 -16.91 -60.40 -12.10
CA LEU D 299 -16.87 -60.33 -13.56
C LEU D 299 -16.14 -59.06 -13.97
N TYR D 300 -15.30 -59.16 -14.99
CA TYR D 300 -14.55 -58.02 -15.48
C TYR D 300 -14.55 -58.02 -17.01
N PRO D 301 -14.36 -56.86 -17.64
CA PRO D 301 -14.18 -55.52 -17.08
C PRO D 301 -15.50 -54.88 -16.66
N LEU D 302 -15.46 -53.75 -15.97
CA LEU D 302 -16.66 -53.15 -15.42
C LEU D 302 -17.42 -52.29 -16.44
N LEU D 303 -16.70 -51.45 -17.18
CA LEU D 303 -17.30 -50.47 -18.10
C LEU D 303 -18.33 -49.63 -17.35
N SER D 304 -17.85 -48.88 -16.38
CA SER D 304 -18.72 -48.17 -15.44
C SER D 304 -19.16 -46.84 -16.02
N TYR D 305 -20.47 -46.67 -16.16
CA TYR D 305 -21.07 -45.37 -16.46
C TYR D 305 -21.57 -44.77 -15.16
N ARG D 306 -21.04 -43.60 -14.81
CA ARG D 306 -21.32 -43.01 -13.50
C ARG D 306 -22.30 -41.85 -13.63
N GLU D 307 -23.36 -41.89 -12.84
CA GLU D 307 -24.41 -40.87 -12.90
C GLU D 307 -24.23 -39.87 -11.77
N MET D 308 -24.19 -38.60 -12.14
CA MET D 308 -24.07 -37.50 -11.20
C MET D 308 -25.23 -36.54 -11.37
N THR D 309 -25.47 -35.73 -10.34
CA THR D 309 -26.56 -34.76 -10.33
C THR D 309 -25.98 -33.42 -9.90
N VAL D 310 -25.98 -32.44 -10.81
CA VAL D 310 -25.44 -31.12 -10.54
C VAL D 310 -26.57 -30.11 -10.60
N THR D 311 -26.27 -28.90 -10.14
CA THR D 311 -27.23 -27.80 -10.15
C THR D 311 -26.68 -26.66 -11.01
N THR D 312 -27.52 -26.16 -11.91
CA THR D 312 -27.09 -25.09 -12.82
C THR D 312 -26.68 -23.82 -12.08
N PRO D 313 -27.43 -23.31 -11.10
CA PRO D 313 -26.99 -22.05 -10.44
C PRO D 313 -25.60 -22.13 -9.84
N GLU D 314 -25.24 -23.27 -9.25
CA GLU D 314 -23.91 -23.41 -8.69
C GLU D 314 -22.83 -23.33 -9.77
N ILE D 315 -23.07 -23.98 -10.91
CA ILE D 315 -22.12 -23.94 -12.01
C ILE D 315 -21.97 -22.51 -12.53
N ASN D 316 -23.09 -21.82 -12.71
CA ASN D 316 -23.04 -20.44 -13.20
C ASN D 316 -22.30 -19.54 -12.21
N THR D 317 -22.58 -19.70 -10.91
CA THR D 317 -21.91 -18.87 -9.91
C THR D 317 -20.41 -19.15 -9.88
N LYS D 318 -20.02 -20.42 -9.99
CA LYS D 318 -18.60 -20.75 -9.91
C LYS D 318 -17.86 -20.28 -11.16
N ILE D 319 -18.49 -20.38 -12.32
CA ILE D 319 -17.82 -19.98 -13.57
C ILE D 319 -17.99 -18.49 -13.84
N GLY D 320 -19.19 -17.96 -13.65
CA GLY D 320 -19.44 -16.56 -13.96
C GLY D 320 -20.14 -16.38 -15.29
N LEU D 321 -21.18 -17.17 -15.52
CA LEU D 321 -21.93 -17.16 -16.77
C LEU D 321 -23.41 -16.93 -16.48
N SER D 322 -24.22 -17.03 -17.53
CA SER D 322 -25.67 -16.94 -17.41
C SER D 322 -26.36 -17.96 -18.32
N LEU D 323 -25.71 -19.09 -18.55
CA LEU D 323 -26.24 -20.08 -19.47
C LEU D 323 -27.51 -20.72 -18.93
N LYS D 324 -28.41 -21.06 -19.85
CA LYS D 324 -29.63 -21.76 -19.51
C LYS D 324 -29.36 -23.26 -19.37
N ASP D 325 -30.40 -24.03 -19.06
CA ASP D 325 -30.24 -25.46 -18.89
C ASP D 325 -29.90 -26.16 -20.20
N GLU D 326 -30.68 -25.87 -21.25
CA GLU D 326 -30.47 -26.53 -22.53
C GLU D 326 -29.12 -26.16 -23.13
N GLU D 327 -28.73 -24.89 -23.02
CA GLU D 327 -27.42 -24.49 -23.52
C GLU D 327 -26.29 -25.21 -22.80
N MET D 328 -26.38 -25.36 -21.49
CA MET D 328 -25.36 -26.08 -20.74
C MET D 328 -25.34 -27.57 -21.10
N ALA D 329 -26.51 -28.17 -21.31
CA ALA D 329 -26.53 -29.57 -21.74
C ALA D 329 -25.88 -29.75 -23.10
N ILE D 330 -26.21 -28.88 -24.06
CA ILE D 330 -25.60 -28.97 -25.38
C ILE D 330 -24.10 -28.73 -25.30
N LEU D 331 -23.67 -27.79 -24.45
CA LEU D 331 -22.25 -27.53 -24.28
C LEU D 331 -21.53 -28.75 -23.70
N LEU D 332 -22.13 -29.40 -22.70
CA LEU D 332 -21.53 -30.60 -22.12
C LEU D 332 -21.51 -31.76 -23.11
N ASN D 333 -22.47 -31.81 -24.03
CA ASN D 333 -22.50 -32.90 -25.00
C ASN D 333 -21.26 -32.93 -25.89
N LYS D 334 -20.52 -31.83 -25.96
CA LYS D 334 -19.30 -31.77 -26.76
C LYS D 334 -18.08 -32.35 -26.05
N MET D 335 -18.22 -32.73 -24.78
CA MET D 335 -17.09 -33.20 -23.99
C MET D 335 -17.20 -34.68 -23.64
N SER D 336 -17.83 -35.46 -24.53
CA SER D 336 -18.05 -36.89 -24.38
C SER D 336 -18.97 -37.24 -23.21
N LEU D 337 -19.66 -36.26 -22.64
CA LEU D 337 -20.57 -36.48 -21.52
C LEU D 337 -22.00 -36.34 -22.02
N LYS D 338 -22.83 -37.32 -21.67
CA LYS D 338 -24.25 -37.30 -22.05
C LYS D 338 -25.04 -36.64 -20.93
N ALA D 339 -25.41 -35.38 -21.12
CA ALA D 339 -26.14 -34.61 -20.12
C ALA D 339 -27.61 -34.52 -20.49
N GLU D 340 -28.48 -34.65 -19.49
CA GLU D 340 -29.91 -34.61 -19.68
C GLU D 340 -30.54 -33.75 -18.59
N VAL D 341 -31.51 -32.93 -18.98
CA VAL D 341 -32.18 -32.03 -18.05
C VAL D 341 -33.36 -32.78 -17.41
N ALA D 342 -33.39 -32.79 -16.08
CA ALA D 342 -34.49 -33.43 -15.34
C ALA D 342 -35.58 -32.42 -15.01
N SER D 343 -35.23 -31.33 -14.33
CA SER D 343 -36.16 -30.27 -14.01
C SER D 343 -35.40 -28.95 -14.05
N LYS D 344 -36.03 -27.89 -13.56
CA LYS D 344 -35.42 -26.56 -13.61
C LYS D 344 -34.28 -26.47 -12.60
N GLY D 345 -33.10 -26.15 -13.08
CA GLY D 345 -31.94 -25.95 -12.24
C GLY D 345 -31.21 -27.21 -11.83
N VAL D 346 -31.67 -28.38 -12.25
CA VAL D 346 -31.06 -29.65 -11.88
C VAL D 346 -30.72 -30.41 -13.17
N LEU D 347 -29.49 -30.90 -13.25
CA LEU D 347 -28.97 -31.53 -14.44
C LEU D 347 -28.40 -32.90 -14.08
N LYS D 348 -28.74 -33.92 -14.86
CA LYS D 348 -28.26 -35.28 -14.66
C LYS D 348 -27.22 -35.60 -15.72
N VAL D 349 -26.04 -36.03 -15.28
CA VAL D 349 -24.90 -36.27 -16.16
C VAL D 349 -24.50 -37.73 -16.07
N VAL D 350 -24.07 -38.29 -17.19
CA VAL D 350 -23.61 -39.67 -17.27
C VAL D 350 -22.19 -39.67 -17.82
N VAL D 351 -21.23 -40.01 -16.98
CA VAL D 351 -19.81 -40.05 -17.33
C VAL D 351 -19.48 -41.43 -17.88
N PRO D 352 -18.87 -41.51 -19.07
CA PRO D 352 -18.55 -42.80 -19.68
C PRO D 352 -17.28 -43.39 -19.08
N PRO D 353 -16.99 -44.66 -19.36
CA PRO D 353 -15.78 -45.27 -18.79
C PRO D 353 -14.48 -44.63 -19.25
N THR D 354 -14.48 -43.92 -20.38
CA THR D 354 -13.24 -43.28 -20.84
C THR D 354 -12.83 -42.10 -19.98
N ARG D 355 -13.71 -41.61 -19.11
CA ARG D 355 -13.43 -40.46 -18.25
C ARG D 355 -13.40 -40.95 -16.81
N HIS D 356 -12.20 -41.26 -16.32
CA HIS D 356 -12.00 -41.68 -14.94
C HIS D 356 -11.37 -40.58 -14.09
N ASP D 357 -11.51 -39.32 -14.52
CA ASP D 357 -11.01 -38.19 -13.76
C ASP D 357 -12.13 -37.27 -13.28
N ILE D 358 -13.38 -37.72 -13.36
CA ILE D 358 -14.53 -36.94 -12.92
C ILE D 358 -14.93 -37.49 -11.55
N LEU D 359 -14.53 -36.79 -10.50
CA LEU D 359 -14.85 -37.17 -9.13
C LEU D 359 -15.93 -36.29 -8.50
N HIS D 360 -15.79 -34.98 -8.63
CA HIS D 360 -16.71 -34.02 -8.04
C HIS D 360 -17.41 -33.24 -9.15
N ALA D 361 -18.41 -32.44 -8.76
CA ALA D 361 -19.11 -31.60 -9.72
C ALA D 361 -18.21 -30.52 -10.31
N CYS D 362 -17.18 -30.10 -9.59
CA CYS D 362 -16.28 -29.08 -10.12
C CYS D 362 -15.59 -29.52 -11.40
N ASP D 363 -15.31 -30.82 -11.55
CA ASP D 363 -14.78 -31.32 -12.81
C ASP D 363 -15.75 -31.08 -13.95
N ILE D 364 -17.04 -31.29 -13.71
CA ILE D 364 -18.03 -30.95 -14.73
C ILE D 364 -18.00 -29.46 -15.01
N ALA D 365 -17.83 -28.63 -13.97
CA ALA D 365 -17.78 -27.18 -14.19
C ALA D 365 -16.63 -26.82 -15.10
N GLU D 366 -15.44 -27.38 -14.84
CA GLU D 366 -14.31 -27.13 -15.73
C GLU D 366 -14.61 -27.59 -17.15
N ASP D 367 -15.35 -28.69 -17.30
CA ASP D 367 -15.73 -29.12 -18.64
C ASP D 367 -16.62 -28.08 -19.32
N VAL D 368 -17.57 -27.51 -18.57
CA VAL D 368 -18.48 -26.55 -19.18
C VAL D 368 -17.78 -25.21 -19.42
N GLY D 369 -16.66 -24.97 -18.75
CA GLY D 369 -15.89 -23.77 -19.00
C GLY D 369 -14.95 -23.92 -20.18
N VAL D 370 -14.45 -25.14 -20.40
CA VAL D 370 -13.62 -25.40 -21.56
C VAL D 370 -14.45 -25.43 -22.85
N ALA D 371 -15.63 -26.05 -22.80
CA ALA D 371 -16.48 -26.10 -23.98
C ALA D 371 -16.91 -24.71 -24.42
N TYR D 372 -17.28 -23.86 -23.47
CA TYR D 372 -17.67 -22.49 -23.80
C TYR D 372 -16.49 -21.68 -24.33
N GLY D 373 -15.32 -21.85 -23.72
CA GLY D 373 -14.16 -21.08 -24.09
C GLY D 373 -13.78 -20.07 -23.02
N TYR D 374 -12.52 -20.09 -22.59
CA TYR D 374 -12.08 -19.21 -21.51
C TYR D 374 -11.84 -17.78 -21.97
N ASN D 375 -11.79 -17.52 -23.27
CA ASN D 375 -11.58 -16.18 -23.78
C ASN D 375 -12.87 -15.45 -24.11
N ASN D 376 -14.02 -16.09 -23.90
CA ASN D 376 -15.31 -15.47 -24.14
C ASN D 376 -16.00 -15.05 -22.84
N LEU D 377 -15.30 -15.09 -21.72
CA LEU D 377 -15.87 -14.68 -20.43
C LEU D 377 -15.74 -13.17 -20.27
N VAL D 378 -16.84 -12.52 -19.89
CA VAL D 378 -16.85 -11.08 -19.67
C VAL D 378 -16.30 -10.81 -18.27
N THR D 379 -15.16 -10.12 -18.20
CA THR D 379 -14.53 -9.84 -16.93
C THR D 379 -15.31 -8.78 -16.16
N LYS D 380 -15.06 -8.73 -14.86
CA LYS D 380 -15.67 -7.74 -13.97
C LYS D 380 -14.57 -7.17 -13.08
N LEU D 381 -14.13 -5.94 -13.40
CA LEU D 381 -13.01 -5.34 -12.71
C LEU D 381 -13.38 -4.96 -11.29
N PRO D 382 -12.41 -4.87 -10.39
CA PRO D 382 -12.69 -4.41 -9.03
C PRO D 382 -13.04 -2.93 -9.01
N GLU D 383 -13.69 -2.52 -7.92
CA GLU D 383 -14.12 -1.13 -7.78
C GLU D 383 -12.90 -0.20 -7.67
N SER D 384 -13.11 1.04 -8.08
CA SER D 384 -12.02 2.00 -8.13
C SER D 384 -11.48 2.34 -6.75
N ASN D 385 -12.35 2.32 -5.72
CA ASN D 385 -11.94 2.72 -4.39
C ASN D 385 -11.28 1.58 -3.63
N THR D 386 -10.93 0.49 -4.32
CA THR D 386 -10.15 -0.58 -3.71
C THR D 386 -8.71 -0.59 -4.18
N VAL D 387 -8.43 -0.04 -5.36
CA VAL D 387 -7.08 0.01 -5.91
C VAL D 387 -6.55 1.43 -5.74
N ALA D 388 -5.35 1.54 -5.18
CA ALA D 388 -4.74 2.83 -4.91
C ALA D 388 -3.67 3.11 -5.97
N VAL D 389 -3.79 4.26 -6.63
CA VAL D 389 -2.84 4.67 -7.67
C VAL D 389 -2.04 5.84 -7.15
N ALA D 390 -0.72 5.75 -7.26
CA ALA D 390 0.17 6.80 -6.79
C ALA D 390 0.35 7.87 -7.87
N PHE D 391 0.86 9.01 -7.45
CA PHE D 391 1.22 10.06 -8.40
C PHE D 391 2.60 9.76 -8.98
N PRO D 392 2.74 9.63 -10.30
CA PRO D 392 3.97 9.05 -10.86
C PRO D 392 5.25 9.80 -10.48
N ILE D 393 5.21 11.13 -10.45
CA ILE D 393 6.42 11.88 -10.16
C ILE D 393 6.87 11.64 -8.72
N ASN D 394 5.91 11.52 -7.79
CA ASN D 394 6.26 11.23 -6.41
C ASN D 394 6.92 9.86 -6.26
N LYS D 395 6.38 8.86 -6.96
CA LYS D 395 6.97 7.52 -6.89
C LYS D 395 8.37 7.51 -7.46
N LEU D 396 8.57 8.15 -8.62
CA LEU D 396 9.91 8.23 -9.19
C LEU D 396 10.86 8.97 -8.28
N CYS D 397 10.40 10.06 -7.66
CA CYS D 397 11.25 10.83 -6.77
C CYS D 397 11.65 10.01 -5.54
N ASP D 398 10.72 9.24 -4.98
CA ASP D 398 11.04 8.42 -3.82
C ASP D 398 12.09 7.35 -4.17
N ASN D 399 11.86 6.64 -5.28
CA ASN D 399 12.81 5.62 -5.69
C ASN D 399 14.19 6.22 -5.99
N LEU D 400 14.22 7.39 -6.61
CA LEU D 400 15.49 8.04 -6.90
C LEU D 400 16.17 8.52 -5.63
N ARG D 401 15.38 9.01 -4.67
CA ARG D 401 15.95 9.53 -3.43
C ARG D 401 16.59 8.43 -2.60
N ILE D 402 16.02 7.21 -2.65
CA ILE D 402 16.68 6.08 -1.98
C ILE D 402 18.08 5.87 -2.54
N GLU D 403 18.23 5.90 -3.86
CA GLU D 403 19.54 5.71 -4.47
C GLU D 403 20.46 6.88 -4.19
N ILE D 404 19.92 8.10 -4.13
CA ILE D 404 20.74 9.27 -3.80
C ILE D 404 21.32 9.12 -2.41
N ALA D 405 20.50 8.68 -1.45
CA ALA D 405 21.00 8.39 -0.12
C ALA D 405 22.05 7.29 -0.15
N ALA D 406 21.81 6.25 -0.94
CA ALA D 406 22.78 5.17 -1.06
C ALA D 406 24.12 5.67 -1.59
N ALA D 407 24.10 6.72 -2.42
CA ALA D 407 25.35 7.25 -2.97
C ALA D 407 26.17 8.01 -1.93
N GLY D 408 25.56 8.47 -0.85
CA GLY D 408 26.30 9.14 0.21
C GLY D 408 26.04 10.64 0.31
N TRP D 409 24.83 11.06 -0.05
CA TRP D 409 24.44 12.47 -0.04
C TRP D 409 23.34 12.69 0.99
N THR D 410 23.48 13.74 1.78
CA THR D 410 22.53 14.04 2.86
C THR D 410 21.42 14.94 2.36
N GLU D 411 20.20 14.68 2.83
CA GLU D 411 19.04 15.46 2.42
C GLU D 411 18.84 16.67 3.34
N ALA D 412 18.36 17.76 2.75
CA ALA D 412 18.09 19.00 3.48
C ALA D 412 16.66 19.46 3.16
N LEU D 413 16.27 20.59 3.75
CA LEU D 413 14.94 21.13 3.55
C LEU D 413 14.98 22.62 3.84
N ASN D 414 14.34 23.42 2.98
CA ASN D 414 14.39 24.87 3.08
C ASN D 414 12.99 25.44 2.88
N PHE D 415 12.89 26.77 2.98
CA PHE D 415 11.63 27.47 2.81
C PHE D 415 11.37 27.78 1.34
N ALA D 416 10.09 27.88 0.99
CA ALA D 416 9.72 28.22 -0.38
C ALA D 416 9.88 29.71 -0.68
N LEU D 417 9.72 30.56 0.32
CA LEU D 417 9.78 32.01 0.11
C LEU D 417 11.16 32.54 0.45
N CYS D 418 11.58 33.57 -0.31
CA CYS D 418 12.88 34.19 -0.10
C CYS D 418 12.79 35.65 -0.53
N SER D 419 13.91 36.35 -0.50
CA SER D 419 13.97 37.75 -0.85
C SER D 419 14.49 37.93 -2.28
N ARG D 420 14.31 39.15 -2.80
CA ARG D 420 14.74 39.44 -4.16
C ARG D 420 16.26 39.33 -4.30
N ASP D 421 16.98 39.75 -3.26
CA ASP D 421 18.45 39.80 -3.34
C ASP D 421 19.04 38.39 -3.48
N ASP D 422 18.39 37.38 -2.90
CA ASP D 422 18.96 36.03 -2.92
C ASP D 422 18.95 35.44 -4.31
N ILE D 423 17.84 35.60 -5.05
CA ILE D 423 17.69 34.94 -6.35
C ILE D 423 18.12 35.81 -7.52
N SER D 424 18.39 37.09 -7.31
CA SER D 424 18.74 37.99 -8.39
C SER D 424 20.15 38.53 -8.28
N THR D 425 20.50 39.18 -7.16
CA THR D 425 21.78 39.85 -7.05
C THR D 425 22.89 38.91 -6.59
N LYS D 426 22.61 38.05 -5.60
CA LYS D 426 23.63 37.14 -5.10
C LYS D 426 24.00 36.09 -6.15
N LEU D 427 23.08 35.76 -7.05
CA LEU D 427 23.35 34.80 -8.11
C LEU D 427 23.87 35.45 -9.37
N ARG D 428 24.11 36.77 -9.36
CA ARG D 428 24.63 37.50 -10.51
C ARG D 428 23.72 37.37 -11.72
N LEU D 429 22.41 37.37 -11.48
CA LEU D 429 21.40 37.29 -12.54
C LEU D 429 20.50 38.52 -12.42
N PRO D 430 20.86 39.64 -13.06
CA PRO D 430 20.03 40.84 -12.95
C PRO D 430 18.62 40.68 -13.51
N ASP D 431 18.46 39.85 -14.54
CA ASP D 431 17.17 39.69 -15.21
C ASP D 431 16.29 38.61 -14.58
N ALA D 432 16.80 37.91 -13.56
CA ALA D 432 16.05 36.80 -12.97
C ALA D 432 14.72 37.25 -12.39
N LEU D 433 14.59 38.53 -12.02
CA LEU D 433 13.34 39.02 -11.46
C LEU D 433 12.22 39.04 -12.50
N SER D 434 12.54 38.98 -13.79
CA SER D 434 11.50 39.02 -14.81
C SER D 434 10.70 37.73 -14.89
N LYS D 435 11.15 36.66 -14.22
CA LYS D 435 10.49 35.37 -14.29
C LYS D 435 9.90 34.92 -12.96
N ALA D 436 10.15 35.65 -11.88
CA ALA D 436 9.73 35.23 -10.55
C ALA D 436 8.31 35.74 -10.25
N VAL D 437 7.77 35.25 -9.13
CA VAL D 437 6.46 35.65 -8.65
C VAL D 437 6.65 36.56 -7.43
N HIS D 438 5.99 37.70 -7.43
CA HIS D 438 6.14 38.69 -6.38
C HIS D 438 4.97 38.65 -5.40
N ILE D 439 5.28 38.92 -4.13
CA ILE D 439 4.30 38.87 -3.04
C ILE D 439 3.97 40.30 -2.64
N GLY D 440 2.69 40.58 -2.47
CA GLY D 440 2.24 41.95 -2.28
C GLY D 440 2.45 42.49 -0.88
N ASN D 441 2.07 41.72 0.14
CA ASN D 441 2.03 42.19 1.52
C ASN D 441 2.83 41.28 2.43
N PRO D 442 4.16 41.38 2.39
CA PRO D 442 4.98 40.63 3.35
C PRO D 442 5.10 41.38 4.67
N LYS D 443 5.19 40.61 5.76
CA LYS D 443 5.38 41.17 7.08
C LYS D 443 6.84 41.32 7.46
N THR D 444 7.76 40.90 6.59
CA THR D 444 9.19 41.01 6.86
C THR D 444 9.91 41.14 5.53
N LEU D 445 11.17 41.58 5.60
CA LEU D 445 11.99 41.72 4.40
C LEU D 445 12.68 40.40 4.07
N GLU D 446 11.91 39.32 4.08
CA GLU D 446 12.41 37.99 3.73
C GLU D 446 11.45 37.20 2.87
N PHE D 447 10.20 37.63 2.71
CA PHE D 447 9.17 36.89 1.99
C PHE D 447 8.67 37.71 0.81
N GLN D 448 9.60 38.27 0.03
CA GLN D 448 9.22 39.14 -1.07
C GLN D 448 8.80 38.35 -2.30
N VAL D 449 9.56 37.30 -2.66
CA VAL D 449 9.30 36.52 -3.87
C VAL D 449 9.39 35.04 -3.55
N ALA D 450 8.81 34.23 -4.43
CA ALA D 450 8.93 32.79 -4.36
C ALA D 450 10.17 32.33 -5.12
N ARG D 451 10.82 31.30 -4.60
CA ARG D 451 12.12 30.89 -5.12
C ARG D 451 12.00 30.35 -6.54
N THR D 452 13.00 30.65 -7.36
CA THR D 452 13.12 30.11 -8.71
C THR D 452 14.24 29.11 -8.86
N SER D 453 15.17 29.04 -7.90
CA SER D 453 16.25 28.07 -7.93
C SER D 453 16.46 27.54 -6.51
N LEU D 454 16.98 26.32 -6.42
CA LEU D 454 17.23 25.68 -5.14
C LEU D 454 18.63 25.92 -4.61
N LEU D 455 19.49 26.60 -5.38
CA LEU D 455 20.86 26.84 -4.93
C LEU D 455 20.94 27.70 -3.67
N PRO D 456 20.22 28.82 -3.54
CA PRO D 456 20.38 29.64 -2.33
C PRO D 456 20.07 28.90 -1.04
N GLY D 457 19.07 28.01 -1.04
CA GLY D 457 18.78 27.27 0.17
C GLY D 457 19.93 26.38 0.60
N LEU D 458 20.53 25.65 -0.35
CA LEU D 458 21.67 24.80 -0.02
C LEU D 458 22.85 25.63 0.43
N LEU D 459 23.08 26.78 -0.21
CA LEU D 459 24.21 27.62 0.19
C LEU D 459 24.03 28.16 1.61
N LYS D 460 22.82 28.61 1.95
CA LYS D 460 22.58 29.10 3.30
C LYS D 460 22.67 27.97 4.33
N THR D 461 22.18 26.78 3.99
CA THR D 461 22.31 25.65 4.89
C THR D 461 23.78 25.30 5.12
N LEU D 462 24.60 25.38 4.07
CA LEU D 462 26.04 25.21 4.24
C LEU D 462 26.61 26.29 5.16
N ALA D 463 26.13 27.53 5.01
CA ALA D 463 26.63 28.61 5.85
C ALA D 463 26.31 28.37 7.33
N SER D 464 25.11 27.88 7.62
CA SER D 464 24.74 27.64 9.01
C SER D 464 25.61 26.56 9.65
N ASN D 465 25.86 25.47 8.94
CA ASN D 465 26.60 24.32 9.46
C ASN D 465 28.05 24.34 9.02
N ARG D 466 28.65 25.54 8.96
CA ARG D 466 30.00 25.69 8.44
C ARG D 466 31.05 24.98 9.29
N ASP D 467 30.76 24.78 10.58
CA ASP D 467 31.75 24.23 11.49
C ASP D 467 31.81 22.71 11.50
N MET D 468 30.92 22.03 10.79
CA MET D 468 30.96 20.59 10.76
C MET D 468 32.13 20.08 9.92
N PRO D 469 32.63 18.88 10.20
CA PRO D 469 33.79 18.37 9.45
C PRO D 469 33.47 18.17 7.97
N LEU D 470 34.48 18.43 7.15
CA LEU D 470 34.37 18.30 5.71
C LEU D 470 34.57 16.85 5.27
N PRO D 471 34.06 16.46 4.09
CA PRO D 471 33.25 17.24 3.15
C PRO D 471 31.76 17.22 3.47
N LEU D 472 31.03 18.26 3.07
CA LEU D 472 29.59 18.33 3.23
C LEU D 472 28.95 18.10 1.87
N LYS D 473 28.04 17.12 1.80
CA LYS D 473 27.39 16.74 0.54
C LYS D 473 25.88 16.71 0.79
N LEU D 474 25.22 17.82 0.47
CA LEU D 474 23.79 17.97 0.65
C LEU D 474 23.08 17.94 -0.69
N PHE D 475 21.82 17.52 -0.66
CA PHE D 475 21.01 17.49 -1.87
C PHE D 475 19.58 17.84 -1.51
N GLU D 476 18.79 18.16 -2.54
CA GLU D 476 17.38 18.47 -2.33
C GLU D 476 16.66 18.39 -3.67
N LEU D 477 15.55 17.67 -3.71
CA LEU D 477 14.70 17.63 -4.91
C LEU D 477 13.31 18.11 -4.50
N GLN D 478 12.94 19.29 -5.00
CA GLN D 478 11.71 19.96 -4.59
C GLN D 478 11.16 20.76 -5.76
N ASP D 479 10.05 21.45 -5.51
CA ASP D 479 9.41 22.25 -6.54
C ASP D 479 9.95 23.68 -6.53
N VAL D 480 9.95 24.29 -7.72
CA VAL D 480 10.22 25.72 -7.87
C VAL D 480 9.05 26.32 -8.64
N ILE D 481 8.81 27.61 -8.41
CA ILE D 481 7.68 28.32 -9.01
C ILE D 481 8.22 29.21 -10.13
N LEU D 482 7.62 29.08 -11.31
CA LEU D 482 8.02 29.86 -12.47
C LEU D 482 6.80 30.53 -13.09
N LYS D 483 7.04 31.67 -13.74
CA LYS D 483 5.97 32.41 -14.39
C LYS D 483 5.78 31.87 -15.80
N ASP D 484 4.53 31.54 -16.15
CA ASP D 484 4.20 31.00 -17.46
C ASP D 484 2.85 31.56 -17.89
N GLU D 485 2.84 32.24 -19.04
CA GLU D 485 1.63 32.92 -19.48
C GLU D 485 0.56 31.94 -19.96
N LYS D 486 0.97 30.79 -20.49
CA LYS D 486 0.01 29.82 -21.02
C LYS D 486 -0.77 29.09 -19.94
N MET D 487 -0.39 29.25 -18.67
CA MET D 487 -1.05 28.52 -17.60
C MET D 487 -2.37 29.20 -17.22
N ASP D 488 -3.18 28.48 -16.44
CA ASP D 488 -4.45 29.00 -15.99
C ASP D 488 -4.28 30.23 -15.11
N VAL D 489 -3.33 30.19 -14.17
CA VAL D 489 -3.15 31.26 -13.20
C VAL D 489 -1.92 32.11 -13.48
N GLY D 490 -1.08 31.72 -14.44
CA GLY D 490 0.11 32.48 -14.76
C GLY D 490 1.38 31.99 -14.14
N ALA D 491 1.36 30.87 -13.42
CA ALA D 491 2.57 30.31 -12.84
C ALA D 491 2.42 28.80 -12.72
N ARG D 492 3.55 28.12 -12.63
CA ARG D 492 3.56 26.67 -12.56
C ARG D 492 4.71 26.20 -11.67
N ASN D 493 4.56 24.96 -11.18
CA ASN D 493 5.56 24.32 -10.35
C ASN D 493 6.36 23.32 -11.17
N GLU D 494 7.68 23.38 -11.06
CA GLU D 494 8.57 22.47 -11.77
C GLU D 494 9.42 21.73 -10.74
N ARG D 495 9.42 20.41 -10.81
CA ARG D 495 10.20 19.60 -9.89
C ARG D 495 11.65 19.54 -10.36
N ARG D 496 12.58 19.94 -9.49
CA ARG D 496 13.99 19.98 -9.83
C ARG D 496 14.79 19.30 -8.74
N LEU D 497 15.90 18.69 -9.16
CA LEU D 497 16.86 18.08 -8.25
C LEU D 497 18.15 18.89 -8.28
N ALA D 498 18.62 19.29 -7.10
CA ALA D 498 19.84 20.07 -6.96
C ALA D 498 20.73 19.41 -5.93
N ALA D 499 22.04 19.56 -6.12
CA ALA D 499 23.01 18.99 -5.20
C ALA D 499 24.26 19.86 -5.19
N VAL D 500 24.97 19.84 -4.08
CA VAL D 500 26.19 20.59 -3.89
C VAL D 500 27.25 19.68 -3.31
N TYR D 501 28.50 20.10 -3.47
CA TYR D 501 29.66 19.39 -2.92
C TYR D 501 30.61 20.47 -2.42
N TYR D 502 30.75 20.56 -1.09
CA TYR D 502 31.51 21.61 -0.44
C TYR D 502 32.74 20.99 0.21
N ASN D 503 33.92 21.46 -0.16
CA ASN D 503 35.17 20.94 0.37
C ASN D 503 36.29 21.89 -0.08
N LYS D 504 37.48 21.67 0.48
CA LYS D 504 38.64 22.47 0.07
C LYS D 504 39.01 22.24 -1.38
N ALA D 505 38.56 21.15 -1.99
CA ALA D 505 38.73 20.90 -3.42
C ALA D 505 37.39 20.43 -3.97
N ALA D 506 36.90 21.12 -4.98
CA ALA D 506 35.57 20.88 -5.54
C ALA D 506 35.64 20.71 -7.05
N GLY D 507 36.52 19.82 -7.49
CA GLY D 507 36.71 19.54 -8.91
C GLY D 507 35.42 19.24 -9.66
N PHE D 508 35.44 19.52 -10.97
CA PHE D 508 34.28 19.25 -11.81
C PHE D 508 33.97 17.75 -11.85
N GLU D 509 34.99 16.91 -11.70
CA GLU D 509 34.80 15.47 -11.83
C GLU D 509 33.90 14.93 -10.72
N ILE D 510 34.02 15.47 -9.51
CA ILE D 510 33.28 14.94 -8.37
C ILE D 510 31.78 15.06 -8.61
N ILE D 511 31.33 16.21 -9.12
CA ILE D 511 29.91 16.39 -9.36
C ILE D 511 29.50 15.79 -10.70
N GLN D 512 30.41 15.71 -11.66
CA GLN D 512 30.10 15.04 -12.91
C GLN D 512 29.83 13.56 -12.69
N GLY D 513 30.57 12.94 -11.77
CA GLY D 513 30.30 11.55 -11.42
C GLY D 513 28.94 11.37 -10.79
N PHE D 514 28.52 12.31 -9.93
CA PHE D 514 27.17 12.26 -9.39
C PHE D 514 26.13 12.35 -10.48
N LEU D 515 26.35 13.24 -11.46
CA LEU D 515 25.42 13.34 -12.58
C LEU D 515 25.37 12.03 -13.37
N ASP D 516 26.53 11.43 -13.63
CA ASP D 516 26.57 10.18 -14.38
C ASP D 516 25.85 9.07 -13.63
N ARG D 517 26.05 8.97 -12.31
CA ARG D 517 25.38 7.95 -11.53
C ARG D 517 23.87 8.17 -11.53
N MET D 518 23.43 9.42 -11.40
CA MET D 518 22.00 9.70 -11.44
C MET D 518 21.40 9.34 -12.79
N MET D 519 22.14 9.59 -13.88
CA MET D 519 21.65 9.19 -15.19
C MET D 519 21.60 7.67 -15.32
N ARG D 520 22.59 6.97 -14.77
CA ARG D 520 22.60 5.52 -14.84
C ARG D 520 21.42 4.92 -14.11
N MET D 521 21.10 5.45 -12.92
CA MET D 521 19.96 4.94 -12.17
C MET D 521 18.64 5.20 -12.88
N LEU D 522 18.59 6.15 -13.81
CA LEU D 522 17.41 6.42 -14.61
C LEU D 522 17.40 5.65 -15.92
N ASN D 523 18.41 4.82 -16.17
CA ASN D 523 18.47 3.96 -17.36
C ASN D 523 18.58 4.79 -18.64
N VAL D 524 19.56 5.71 -18.65
CA VAL D 524 19.87 6.52 -19.82
C VAL D 524 21.37 6.45 -20.04
N ASN D 525 21.76 5.95 -21.21
CA ASN D 525 23.18 5.74 -21.50
C ASN D 525 23.83 7.02 -22.04
N PRO D 526 25.13 7.20 -21.82
CA PRO D 526 25.84 8.39 -22.34
C PRO D 526 26.22 8.27 -23.81
N THR D 527 25.24 8.49 -24.68
CA THR D 527 25.42 8.39 -26.12
C THR D 527 24.96 9.68 -26.78
N LYS D 528 25.57 9.99 -27.93
CA LYS D 528 25.27 11.21 -28.67
C LYS D 528 24.30 10.96 -29.81
N ASP D 529 23.62 9.82 -29.84
CA ASP D 529 22.75 9.42 -30.94
C ASP D 529 21.29 9.71 -30.66
N GLN D 530 20.99 10.83 -29.99
CA GLN D 530 19.64 11.35 -29.78
C GLN D 530 18.84 10.47 -28.82
N LYS D 531 19.41 9.37 -28.35
CA LYS D 531 18.76 8.51 -27.36
C LYS D 531 19.38 8.61 -25.97
N GLY D 532 20.57 9.20 -25.86
CA GLY D 532 21.22 9.39 -24.58
C GLY D 532 21.48 10.85 -24.28
N TYR D 533 22.08 11.08 -23.12
CA TYR D 533 22.39 12.42 -22.64
C TYR D 533 23.83 12.79 -22.98
N HIS D 534 24.10 14.08 -22.94
CA HIS D 534 25.48 14.56 -23.05
C HIS D 534 25.54 15.98 -22.50
N ILE D 535 26.75 16.54 -22.48
CA ILE D 535 26.99 17.88 -21.99
C ILE D 535 27.83 18.63 -23.02
N GLU D 536 27.76 19.95 -22.97
CA GLU D 536 28.57 20.79 -23.84
C GLU D 536 28.80 22.13 -23.16
N ALA D 537 29.84 22.83 -23.63
CA ALA D 537 30.28 24.06 -22.99
C ALA D 537 29.20 25.12 -23.06
N ASP D 538 29.18 26.00 -22.05
CA ASP D 538 28.17 27.04 -21.94
C ASP D 538 28.75 28.18 -21.13
N GLU D 539 28.11 29.34 -21.24
CA GLU D 539 28.48 30.52 -20.46
C GLU D 539 27.28 30.97 -19.64
N ASN D 540 27.50 31.17 -18.34
CA ASN D 540 26.44 31.60 -17.45
C ASN D 540 27.06 32.42 -16.33
N PRO D 541 26.44 33.53 -15.94
CA PRO D 541 27.05 34.39 -14.91
C PRO D 541 27.22 33.70 -13.57
N THR D 542 26.31 32.79 -13.18
CA THR D 542 26.37 32.19 -11.86
C THR D 542 27.40 31.08 -11.75
N PHE D 543 27.98 30.64 -12.85
CA PHE D 543 29.02 29.62 -12.84
C PHE D 543 30.34 30.21 -13.33
N PHE D 544 31.43 29.68 -12.80
CA PHE D 544 32.75 30.18 -13.15
C PHE D 544 33.04 29.91 -14.62
N PRO D 545 33.61 30.89 -15.35
CA PRO D 545 33.90 30.67 -16.77
C PRO D 545 34.87 29.52 -16.97
N GLY D 546 34.60 28.72 -18.01
CA GLY D 546 35.40 27.56 -18.31
C GLY D 546 35.06 26.32 -17.51
N ARG D 547 34.12 26.41 -16.57
CA ARG D 547 33.71 25.27 -15.75
C ARG D 547 32.20 25.10 -15.75
N CYS D 548 31.50 25.69 -16.72
CA CYS D 548 30.05 25.58 -16.82
C CYS D 548 29.68 24.74 -18.03
N ALA D 549 28.65 23.91 -17.88
CA ALA D 549 28.19 23.06 -18.96
C ALA D 549 26.68 22.98 -18.94
N ARG D 550 26.10 22.70 -20.10
CA ARG D 550 24.66 22.57 -20.25
C ARG D 550 24.32 21.12 -20.54
N ILE D 551 23.29 20.59 -19.88
CA ILE D 551 22.94 19.19 -19.96
C ILE D 551 21.84 19.02 -21.01
N ILE D 552 22.10 18.18 -22.01
CA ILE D 552 21.14 17.86 -23.05
C ILE D 552 20.72 16.41 -22.86
N GLY D 553 19.43 16.19 -22.72
CA GLY D 553 18.90 14.86 -22.51
C GLY D 553 18.46 14.21 -23.80
N PRO D 554 17.60 13.19 -23.69
CA PRO D 554 17.06 12.56 -24.89
C PRO D 554 16.25 13.54 -25.71
N ASN D 555 16.28 13.34 -27.03
CA ASN D 555 15.56 14.16 -28.00
C ASN D 555 16.00 15.63 -27.97
N GLY D 556 17.22 15.89 -27.54
CA GLY D 556 17.73 17.26 -27.55
C GLY D 556 16.99 18.21 -26.64
N VAL D 557 16.65 17.78 -25.44
CA VAL D 557 15.90 18.59 -24.48
C VAL D 557 16.86 19.12 -23.42
N PHE D 558 16.85 20.43 -23.22
CA PHE D 558 17.67 21.05 -22.19
C PHE D 558 17.16 20.64 -20.81
N LEU D 559 18.08 20.25 -19.93
CA LEU D 559 17.72 19.72 -18.61
C LEU D 559 18.14 20.61 -17.45
N GLY D 560 19.33 21.18 -17.50
CA GLY D 560 19.80 21.99 -16.40
C GLY D 560 21.24 22.44 -16.54
N ARG D 561 21.95 22.59 -15.42
CA ARG D 561 23.33 23.06 -15.46
C ARG D 561 24.12 22.40 -14.34
N ILE D 562 25.44 22.49 -14.47
CA ILE D 562 26.37 21.81 -13.58
C ILE D 562 27.73 22.49 -13.69
N GLY D 563 28.40 22.66 -12.57
CA GLY D 563 29.75 23.20 -12.59
C GLY D 563 30.11 23.85 -11.27
N ALA D 564 31.25 24.52 -11.29
CA ALA D 564 31.74 25.25 -10.12
C ALA D 564 31.14 26.64 -10.07
N LEU D 565 30.82 27.09 -8.86
CA LEU D 565 30.19 28.38 -8.68
C LEU D 565 31.21 29.51 -8.70
N HIS D 566 30.74 30.70 -9.04
CA HIS D 566 31.61 31.86 -9.12
C HIS D 566 32.05 32.27 -7.71
N PRO D 567 33.26 32.80 -7.56
CA PRO D 567 33.71 33.26 -6.23
C PRO D 567 32.81 34.31 -5.62
N GLU D 568 32.24 35.21 -6.43
CA GLU D 568 31.33 36.21 -5.89
C GLU D 568 30.07 35.58 -5.33
N VAL D 569 29.53 34.56 -6.00
CA VAL D 569 28.37 33.85 -5.47
C VAL D 569 28.71 33.18 -4.15
N ILE D 570 29.93 32.65 -4.04
CA ILE D 570 30.36 32.02 -2.79
C ILE D 570 30.42 33.05 -1.67
N THR D 571 31.06 34.20 -1.94
CA THR D 571 31.22 35.20 -0.89
C THR D 571 29.91 35.89 -0.54
N SER D 572 28.93 35.90 -1.43
CA SER D 572 27.67 36.55 -1.13
C SER D 572 26.82 35.78 -0.12
N PHE D 573 27.19 34.54 0.21
CA PHE D 573 26.46 33.74 1.19
C PHE D 573 27.26 33.45 2.44
N GLY D 574 28.46 34.02 2.56
CA GLY D 574 29.28 33.82 3.73
C GLY D 574 30.25 32.65 3.67
N LEU D 575 30.17 31.82 2.63
CA LEU D 575 31.06 30.68 2.50
C LEU D 575 32.47 31.14 2.13
N THR D 576 33.44 30.27 2.40
CA THR D 576 34.85 30.59 2.16
C THR D 576 35.61 29.49 1.42
N LEU D 577 34.94 28.42 1.03
CA LEU D 577 35.62 27.31 0.37
C LEU D 577 34.95 26.99 -0.96
N PRO D 578 35.70 26.45 -1.91
CA PRO D 578 35.13 26.13 -3.22
C PRO D 578 33.98 25.14 -3.10
N CYS D 579 32.97 25.33 -3.94
CA CYS D 579 31.80 24.49 -3.95
C CYS D 579 31.41 24.16 -5.38
N GLY D 580 31.08 22.89 -5.63
CA GLY D 580 30.53 22.47 -6.90
C GLY D 580 29.04 22.27 -6.78
N ALA D 581 28.30 22.52 -7.86
CA ALA D 581 26.86 22.46 -7.80
C ALA D 581 26.30 21.86 -9.09
N VAL D 582 25.10 21.30 -8.97
CA VAL D 582 24.37 20.79 -10.13
C VAL D 582 22.89 20.96 -9.84
N GLU D 583 22.12 21.26 -10.89
CA GLU D 583 20.68 21.37 -10.74
C GLU D 583 20.03 21.09 -12.08
N PHE D 584 19.05 20.20 -12.10
CA PHE D 584 18.37 19.91 -13.35
C PHE D 584 16.94 19.44 -13.10
N ASN D 585 16.13 19.57 -14.14
CA ASN D 585 14.75 19.11 -14.12
C ASN D 585 14.68 17.60 -14.21
N VAL D 586 13.67 17.02 -13.58
CA VAL D 586 13.45 15.57 -13.60
C VAL D 586 12.09 15.19 -14.14
N GLU D 587 11.34 16.13 -14.73
CA GLU D 587 10.06 15.83 -15.34
C GLU D 587 10.17 15.17 -16.71
N PRO D 588 11.15 15.52 -17.55
CA PRO D 588 11.30 14.78 -18.82
C PRO D 588 11.50 13.29 -18.64
N PHE D 589 12.19 12.86 -17.58
CA PHE D 589 12.43 11.44 -17.37
C PHE D 589 11.16 10.69 -16.97
N LEU D 590 10.08 11.39 -16.65
CA LEU D 590 8.83 10.74 -16.27
C LEU D 590 8.25 9.98 -17.45
MG MG E . -10.67 -31.89 -15.43
MG MG F . -22.85 25.47 14.17
#